data_1B37
#
_entry.id   1B37
#
_cell.length_a   184.800
_cell.length_b   184.800
_cell.length_c   282.200
_cell.angle_alpha   90.00
_cell.angle_beta   90.00
_cell.angle_gamma   120.00
#
_symmetry.space_group_name_H-M   'P 65 2 2'
#
loop_
_entity.id
_entity.type
_entity.pdbx_description
1 polymer 'PROTEIN (POLYAMINE OXIDASE)'
2 branched 2-acetamido-2-deoxy-beta-D-glucopyranose-(1-4)-2-acetamido-2-deoxy-beta-D-glucopyranose
3 branched alpha-D-mannopyranose-(1-6)-alpha-D-mannopyranose-(1-4)-2-acetamido-2-deoxy-beta-D-glucopyranose-(1-4)-[alpha-D-fucopyranose-(1-3)]2-acetamido-2-deoxy-beta-D-glucopyranose
4 non-polymer 'FLAVIN-ADENINE DINUCLEOTIDE'
5 water water
#
_entity_poly.entity_id   1
_entity_poly.type   'polypeptide(L)'
_entity_poly.pdbx_seq_one_letter_code
;ATVGPRVIVVGAGMSGISAAKRLSEAGITDLLILEATDHIGGRMHKTNFAGINVELGANWVEGVNGGKMNPIWPIVNSTL
KLRNFRSDFDYLAQNVYKEDGGVYDEDYVQKRIELADSVEEMGEKLSATLHASGRDDMSILAMQRLNEHQPNGPATPVDM
VVDYYKFDYEFAEPPRVTSLQNTVPLATFSDFGDDVYFVADQRGYEAVVYYLAGQYLKTDDKSGKIVDPRLQLNKVVREI
KYSPGGVTVKTEDNSVYSADYVMVSASLGVLQSDLIQFKPKLPTWKVRAIYQFDMAVYTKIFLKFPRKFWPEGKGREFFL
YASSRRGYYGVWQEFEKQYPDANVLLVTVTDEESRRIEQQSDEQTKAEIMQVLRKMFPGKDVPDATDILVPRWWSDRFYK
GTFSNWPVGVNRYEYDQLRAPVGRVYFTGEHTSEHYNGYVHGAYLSGIDSAEILINCAQKKMCKYHVQGKYD
;
_entity_poly.pdbx_strand_id   A,B,C
#
loop_
_chem_comp.id
_chem_comp.type
_chem_comp.name
_chem_comp.formula
FAD non-polymer 'FLAVIN-ADENINE DINUCLEOTIDE' 'C27 H33 N9 O15 P2'
FCA D-saccharide, alpha linking alpha-D-fucopyranose 'C6 H12 O5'
MAN D-saccharide, alpha linking alpha-D-mannopyranose 'C6 H12 O6'
NAG D-saccharide, beta linking 2-acetamido-2-deoxy-beta-D-glucopyranose 'C8 H15 N O6'
#
# COMPACT_ATOMS: atom_id res chain seq x y z
N PRO A 5 2.32 57.24 -19.03
CA PRO A 5 2.34 56.49 -20.29
C PRO A 5 1.06 55.69 -20.51
N ARG A 6 0.76 55.36 -21.75
CA ARG A 6 -0.44 54.58 -21.97
C ARG A 6 0.01 53.13 -21.98
N VAL A 7 -0.73 52.28 -21.29
CA VAL A 7 -0.40 50.86 -21.27
C VAL A 7 -1.59 50.00 -21.61
N ILE A 8 -1.39 49.04 -22.51
CA ILE A 8 -2.47 48.10 -22.81
C ILE A 8 -2.15 46.83 -22.02
N VAL A 9 -3.18 46.30 -21.38
CA VAL A 9 -3.03 45.05 -20.64
C VAL A 9 -3.85 43.99 -21.36
N VAL A 10 -3.17 42.93 -21.76
CA VAL A 10 -3.90 41.87 -22.47
C VAL A 10 -4.36 40.82 -21.47
N GLY A 11 -5.68 40.75 -21.32
CA GLY A 11 -6.30 39.80 -20.40
C GLY A 11 -6.76 40.41 -19.06
N ALA A 12 -8.00 40.08 -18.63
CA ALA A 12 -8.57 40.54 -17.37
C ALA A 12 -8.76 39.41 -16.34
N GLY A 13 -7.76 38.53 -16.25
CA GLY A 13 -7.72 37.43 -15.27
C GLY A 13 -7.10 38.06 -14.01
N MET A 14 -6.79 37.23 -13.01
CA MET A 14 -6.20 37.82 -11.82
C MET A 14 -4.93 38.65 -12.04
N SER A 15 -3.99 38.18 -12.84
CA SER A 15 -2.74 38.95 -12.95
C SER A 15 -2.96 40.23 -13.74
N GLY A 16 -3.84 40.19 -14.74
CA GLY A 16 -4.07 41.43 -15.51
C GLY A 16 -4.72 42.55 -14.67
N ILE A 17 -5.71 42.14 -13.90
CA ILE A 17 -6.40 43.13 -13.10
C ILE A 17 -5.47 43.59 -12.00
N SER A 18 -4.67 42.65 -11.48
CA SER A 18 -3.74 42.99 -10.41
C SER A 18 -2.65 43.96 -10.90
N ALA A 19 -2.17 43.70 -12.11
CA ALA A 19 -1.13 44.57 -12.64
C ALA A 19 -1.73 45.96 -12.91
N ALA A 20 -2.90 46.03 -13.57
CA ALA A 20 -3.52 47.33 -13.86
C ALA A 20 -3.74 48.06 -12.55
N LYS A 21 -4.14 47.35 -11.52
CA LYS A 21 -4.34 48.07 -10.27
C LYS A 21 -3.03 48.66 -9.78
N ARG A 22 -1.96 47.92 -9.91
CA ARG A 22 -0.72 48.45 -9.35
C ARG A 22 -0.21 49.66 -10.11
N LEU A 23 -0.51 49.61 -11.40
CA LEU A 23 -0.08 50.69 -12.27
C LEU A 23 -0.87 51.95 -11.92
N SER A 24 -2.17 51.75 -11.76
CA SER A 24 -3.04 52.86 -11.43
C SER A 24 -2.49 53.45 -10.13
N GLU A 25 -2.12 52.61 -9.19
CA GLU A 25 -1.59 53.09 -7.95
C GLU A 25 -0.31 53.88 -8.13
N ALA A 26 0.43 53.65 -9.20
CA ALA A 26 1.66 54.43 -9.39
C ALA A 26 1.27 55.66 -10.19
N GLY A 27 -0.02 55.84 -10.43
CA GLY A 27 -0.43 57.01 -11.20
C GLY A 27 -0.53 56.72 -12.69
N ILE A 28 -0.28 55.50 -13.16
CA ILE A 28 -0.42 55.28 -14.59
C ILE A 28 -1.83 54.80 -14.77
N THR A 29 -2.70 55.74 -15.15
CA THR A 29 -4.12 55.43 -15.29
C THR A 29 -4.63 55.44 -16.68
N ASP A 30 -3.73 55.76 -17.60
CA ASP A 30 -4.15 55.70 -18.98
C ASP A 30 -3.97 54.25 -19.42
N LEU A 31 -4.89 53.43 -18.96
CA LEU A 31 -4.77 52.01 -19.24
C LEU A 31 -5.85 51.56 -20.19
N LEU A 32 -5.65 50.42 -20.86
CA LEU A 32 -6.67 49.83 -21.71
C LEU A 32 -6.48 48.32 -21.51
N ILE A 33 -7.51 47.71 -20.91
CA ILE A 33 -7.54 46.27 -20.63
C ILE A 33 -8.38 45.63 -21.68
N LEU A 34 -7.73 44.78 -22.46
CA LEU A 34 -8.43 44.06 -23.51
C LEU A 34 -8.58 42.59 -23.14
N GLU A 35 -9.82 42.13 -22.95
CA GLU A 35 -10.16 40.76 -22.57
C GLU A 35 -10.91 40.05 -23.66
N ALA A 36 -10.43 38.85 -23.92
CA ALA A 36 -11.04 38.06 -24.97
C ALA A 36 -12.48 37.59 -24.74
N THR A 37 -12.81 37.15 -23.53
CA THR A 37 -14.15 36.63 -23.24
C THR A 37 -15.10 37.75 -22.86
N ASP A 38 -16.31 37.37 -22.50
CA ASP A 38 -17.24 38.39 -22.10
C ASP A 38 -17.21 38.66 -20.61
N HIS A 39 -16.16 38.29 -19.90
CA HIS A 39 -16.18 38.57 -18.48
C HIS A 39 -14.76 38.58 -18.01
N ILE A 40 -14.53 39.10 -16.81
CA ILE A 40 -13.18 39.15 -16.22
C ILE A 40 -13.04 37.92 -15.32
N GLY A 41 -11.85 37.68 -14.77
CA GLY A 41 -11.61 36.55 -13.86
C GLY A 41 -10.76 35.38 -14.39
N GLY A 42 -10.82 35.17 -15.71
CA GLY A 42 -10.04 34.10 -16.36
C GLY A 42 -10.22 32.71 -15.73
N ARG A 43 -9.12 32.19 -15.21
CA ARG A 43 -9.14 30.84 -14.60
C ARG A 43 -9.86 30.66 -13.27
N MET A 44 -10.39 31.77 -12.74
CA MET A 44 -11.18 31.79 -11.50
C MET A 44 -12.55 31.97 -12.11
N HIS A 45 -13.35 30.91 -12.17
CA HIS A 45 -14.62 31.06 -12.86
C HIS A 45 -15.63 29.99 -12.51
N LYS A 46 -16.81 30.47 -12.10
CA LYS A 46 -17.87 29.57 -11.64
C LYS A 46 -18.88 29.29 -12.70
N THR A 47 -19.70 28.27 -12.46
CA THR A 47 -20.76 27.97 -13.41
C THR A 47 -21.93 27.27 -12.68
N ASN A 48 -23.12 27.36 -13.25
CA ASN A 48 -24.26 26.73 -12.60
C ASN A 48 -24.26 25.25 -12.94
N PHE A 49 -24.37 24.36 -11.97
CA PHE A 49 -24.44 22.96 -12.34
C PHE A 49 -25.41 22.37 -11.32
N ALA A 50 -26.48 21.70 -11.79
CA ALA A 50 -27.41 21.09 -10.84
C ALA A 50 -28.00 22.15 -9.96
N GLY A 51 -28.29 23.30 -10.57
CA GLY A 51 -28.83 24.40 -9.79
C GLY A 51 -27.91 24.94 -8.72
N ILE A 52 -26.61 24.75 -8.90
CA ILE A 52 -25.70 25.34 -7.92
C ILE A 52 -24.51 25.83 -8.71
N ASN A 53 -23.84 26.82 -8.12
CA ASN A 53 -22.69 27.34 -8.83
C ASN A 53 -21.46 26.56 -8.37
N VAL A 54 -20.73 26.01 -9.32
CA VAL A 54 -19.50 25.29 -8.90
C VAL A 54 -18.35 25.97 -9.64
N GLU A 55 -17.14 25.74 -9.15
CA GLU A 55 -15.93 26.31 -9.76
C GLU A 55 -15.40 25.47 -10.91
N LEU A 56 -15.33 26.01 -12.12
CA LEU A 56 -14.71 25.27 -13.24
C LEU A 56 -13.15 25.29 -13.17
N GLY A 57 -12.61 26.34 -12.56
CA GLY A 57 -11.17 26.58 -12.41
C GLY A 57 -10.72 26.48 -10.97
N ALA A 58 -9.97 27.48 -10.50
CA ALA A 58 -9.46 27.43 -9.12
C ALA A 58 -10.64 27.31 -8.14
N ASN A 59 -10.38 26.63 -7.02
CA ASN A 59 -11.39 26.40 -6.00
C ASN A 59 -10.83 26.51 -4.59
N TRP A 60 -9.51 26.49 -4.42
CA TRP A 60 -8.97 26.58 -3.05
C TRP A 60 -8.01 27.77 -2.83
N VAL A 61 -7.92 28.23 -1.59
CA VAL A 61 -6.93 29.22 -1.29
C VAL A 61 -5.93 28.23 -0.70
N GLU A 62 -4.76 28.18 -1.32
CA GLU A 62 -3.78 27.22 -0.83
C GLU A 62 -2.62 27.85 -0.15
N GLY A 63 -2.30 27.33 1.01
CA GLY A 63 -1.19 27.83 1.81
C GLY A 63 -1.81 28.78 2.84
N VAL A 64 -2.18 28.24 4.00
CA VAL A 64 -2.79 29.01 5.11
C VAL A 64 -2.39 28.41 6.46
N ASN A 65 -2.28 29.33 7.43
CA ASN A 65 -1.92 29.06 8.83
C ASN A 65 -0.45 28.94 9.19
N GLY A 66 0.32 29.39 8.19
CA GLY A 66 1.80 29.38 8.20
C GLY A 66 2.48 30.69 8.66
N GLY A 67 3.80 30.74 8.48
CA GLY A 67 4.63 31.89 8.89
C GLY A 67 4.33 33.21 8.19
N LYS A 68 3.81 33.15 6.96
CA LYS A 68 3.52 34.36 6.23
C LYS A 68 2.09 34.26 5.80
N MET A 69 1.51 35.45 5.64
CA MET A 69 0.11 35.53 5.23
C MET A 69 -0.08 35.49 3.72
N ASN A 70 -0.86 34.51 3.27
CA ASN A 70 -1.12 34.45 1.85
C ASN A 70 -2.05 35.64 1.59
N PRO A 71 -1.58 36.50 0.71
CA PRO A 71 -2.29 37.71 0.37
C PRO A 71 -3.69 37.46 -0.06
N ILE A 72 -3.99 36.28 -0.54
CA ILE A 72 -5.39 36.19 -0.95
C ILE A 72 -6.33 35.87 0.21
N TRP A 73 -5.74 35.27 1.23
CA TRP A 73 -6.61 34.80 2.33
C TRP A 73 -7.54 35.85 2.99
N PRO A 74 -6.89 36.93 3.38
CA PRO A 74 -7.60 38.01 4.02
C PRO A 74 -8.68 38.50 3.09
N ILE A 75 -8.42 38.52 1.80
CA ILE A 75 -9.50 38.99 0.96
C ILE A 75 -10.68 38.03 0.97
N VAL A 76 -10.32 36.75 0.92
CA VAL A 76 -11.40 35.78 0.90
C VAL A 76 -12.06 35.67 2.29
N ASN A 77 -11.25 35.46 3.33
CA ASN A 77 -11.85 35.21 4.64
C ASN A 77 -12.39 36.37 5.47
N SER A 78 -11.85 37.58 5.26
CA SER A 78 -12.21 38.79 6.01
C SER A 78 -12.95 39.85 5.20
N THR A 79 -12.32 40.29 4.12
CA THR A 79 -12.92 41.32 3.31
C THR A 79 -14.22 40.89 2.71
N LEU A 80 -14.25 39.80 1.97
CA LEU A 80 -15.50 39.39 1.35
C LEU A 80 -16.27 38.34 2.11
N LYS A 81 -15.55 37.72 3.05
CA LYS A 81 -16.17 36.62 3.77
C LYS A 81 -16.78 35.63 2.77
N LEU A 82 -16.00 35.02 1.88
CA LEU A 82 -16.65 34.07 0.97
C LEU A 82 -16.74 32.79 1.79
N ARG A 83 -17.84 32.07 1.62
CA ARG A 83 -18.06 30.85 2.41
C ARG A 83 -16.96 29.83 2.10
N ASN A 84 -16.30 29.25 3.09
CA ASN A 84 -15.23 28.31 2.81
C ASN A 84 -14.98 27.31 3.93
N PHE A 85 -14.30 26.22 3.61
CA PHE A 85 -14.01 25.12 4.58
C PHE A 85 -12.60 24.54 4.40
N ARG A 86 -11.89 24.29 5.50
CA ARG A 86 -10.52 23.75 5.48
C ARG A 86 -10.67 22.32 5.03
N SER A 87 -9.81 21.88 4.13
CA SER A 87 -9.88 20.50 3.64
C SER A 87 -9.09 19.62 4.57
N ASP A 88 -9.62 18.47 4.99
CA ASP A 88 -8.88 17.55 5.86
C ASP A 88 -8.57 16.26 5.10
N PHE A 89 -7.30 15.99 4.87
CA PHE A 89 -6.91 14.79 4.13
C PHE A 89 -6.46 13.69 5.07
N ASP A 90 -6.70 13.88 6.34
CA ASP A 90 -6.21 12.86 7.25
C ASP A 90 -6.78 11.47 7.17
N TYR A 91 -7.95 11.33 6.61
CA TYR A 91 -8.59 10.03 6.60
C TYR A 91 -8.50 9.24 5.30
N LEU A 92 -7.60 9.67 4.43
CA LEU A 92 -7.52 8.97 3.15
C LEU A 92 -7.33 7.47 3.25
N ALA A 93 -6.56 7.04 4.24
CA ALA A 93 -6.35 5.63 4.39
C ALA A 93 -7.61 4.84 4.53
N GLN A 94 -8.71 5.47 4.97
CA GLN A 94 -9.97 4.68 5.10
C GLN A 94 -10.78 4.72 3.84
N ASN A 95 -10.24 5.39 2.84
CA ASN A 95 -11.05 5.59 1.65
C ASN A 95 -10.39 5.30 0.32
N VAL A 96 -9.64 4.21 0.22
CA VAL A 96 -9.03 3.88 -1.07
C VAL A 96 -9.75 2.63 -1.59
N TYR A 97 -10.47 2.78 -2.69
CA TYR A 97 -11.27 1.72 -3.28
C TYR A 97 -10.44 0.80 -4.17
N LYS A 98 -10.67 -0.50 -4.06
CA LYS A 98 -10.00 -1.50 -4.89
C LYS A 98 -10.61 -1.43 -6.29
N GLU A 99 -9.85 -1.83 -7.30
CA GLU A 99 -10.33 -1.71 -8.67
C GLU A 99 -11.61 -2.44 -8.89
N ASP A 100 -11.72 -3.56 -8.21
CA ASP A 100 -12.92 -4.39 -8.35
C ASP A 100 -13.21 -4.71 -6.89
N GLY A 101 -14.19 -3.92 -6.45
CA GLY A 101 -14.84 -3.79 -5.15
C GLY A 101 -14.37 -3.48 -3.72
N GLY A 102 -14.97 -2.47 -3.10
CA GLY A 102 -14.66 -2.15 -1.71
C GLY A 102 -13.34 -1.49 -1.43
N VAL A 103 -13.17 -1.05 -0.19
CA VAL A 103 -11.92 -0.40 0.15
C VAL A 103 -10.88 -1.34 0.63
N TYR A 104 -9.64 -0.93 0.52
CA TYR A 104 -8.52 -1.72 1.02
C TYR A 104 -8.47 -1.58 2.53
N ASP A 105 -7.75 -2.49 3.18
CA ASP A 105 -7.53 -2.44 4.63
C ASP A 105 -6.81 -1.12 4.98
N GLU A 106 -7.42 -0.42 5.91
CA GLU A 106 -6.92 0.88 6.33
C GLU A 106 -5.50 0.86 6.85
N ASP A 107 -5.14 -0.13 7.65
CA ASP A 107 -3.77 -0.10 8.14
C ASP A 107 -2.77 -0.34 7.00
N TYR A 108 -3.10 -1.24 6.08
CA TYR A 108 -2.20 -1.51 4.98
C TYR A 108 -2.01 -0.17 4.23
N VAL A 109 -3.11 0.48 3.91
CA VAL A 109 -3.00 1.76 3.19
C VAL A 109 -2.26 2.86 3.97
N GLN A 110 -2.47 2.99 5.27
CA GLN A 110 -1.78 4.04 6.00
C GLN A 110 -0.28 3.81 5.95
N LYS A 111 0.13 2.55 5.95
CA LYS A 111 1.58 2.39 5.89
C LYS A 111 2.14 2.77 4.51
N ARG A 112 1.36 2.51 3.45
CA ARG A 112 1.86 2.88 2.10
C ARG A 112 1.96 4.40 2.04
N ILE A 113 0.98 5.08 2.65
CA ILE A 113 1.00 6.53 2.63
C ILE A 113 2.21 7.05 3.40
N GLU A 114 2.46 6.40 4.54
CA GLU A 114 3.61 6.82 5.29
C GLU A 114 4.91 6.64 4.54
N LEU A 115 5.01 5.52 3.85
CA LEU A 115 6.25 5.28 3.10
C LEU A 115 6.40 6.37 2.05
N ALA A 116 5.31 6.69 1.35
CA ALA A 116 5.40 7.71 0.30
C ALA A 116 5.78 9.05 0.89
N ASP A 117 5.20 9.38 2.03
CA ASP A 117 5.51 10.66 2.66
C ASP A 117 6.96 10.68 3.08
N SER A 118 7.36 9.55 3.61
CA SER A 118 8.72 9.55 4.07
C SER A 118 9.73 9.76 2.92
N VAL A 119 9.44 9.15 1.78
CA VAL A 119 10.37 9.28 0.65
C VAL A 119 10.42 10.72 0.17
N GLU A 120 9.24 11.32 0.16
CA GLU A 120 9.15 12.72 -0.25
C GLU A 120 9.95 13.58 0.71
N GLU A 121 9.90 13.25 1.99
CA GLU A 121 10.66 13.99 2.99
C GLU A 121 12.17 13.87 2.73
N MET A 122 12.61 12.67 2.41
CA MET A 122 14.04 12.57 2.08
C MET A 122 14.26 13.37 0.79
N GLY A 123 13.26 13.44 -0.08
CA GLY A 123 13.50 14.22 -1.30
C GLY A 123 13.70 15.70 -0.94
N GLU A 124 12.96 16.14 0.07
CA GLU A 124 13.09 17.55 0.48
C GLU A 124 14.51 17.83 1.01
N LYS A 125 15.04 16.89 1.78
CA LYS A 125 16.39 17.10 2.28
C LYS A 125 17.36 17.16 1.12
N LEU A 126 17.16 16.29 0.13
CA LEU A 126 18.10 16.23 -0.98
C LEU A 126 18.02 17.51 -1.78
N SER A 127 16.81 17.91 -2.04
CA SER A 127 16.60 19.10 -2.86
C SER A 127 17.34 20.31 -2.26
N ALA A 128 17.37 20.42 -0.93
CA ALA A 128 18.07 21.54 -0.31
C ALA A 128 19.55 21.55 -0.60
N THR A 129 20.10 20.39 -0.89
CA THR A 129 21.52 20.40 -1.14
C THR A 129 21.91 20.62 -2.59
N LEU A 130 20.97 20.73 -3.50
CA LEU A 130 21.37 20.89 -4.91
C LEU A 130 21.85 22.30 -5.25
N HIS A 131 22.61 22.44 -6.33
CA HIS A 131 23.05 23.77 -6.76
C HIS A 131 22.05 24.62 -7.47
N ALA A 132 22.15 25.88 -7.11
CA ALA A 132 21.27 26.92 -7.61
C ALA A 132 21.24 26.93 -9.11
N SER A 133 22.36 26.56 -9.70
CA SER A 133 22.32 26.55 -11.15
C SER A 133 21.42 25.48 -11.71
N GLY A 134 20.98 24.53 -10.89
CA GLY A 134 20.14 23.48 -11.44
C GLY A 134 20.99 22.38 -12.04
N ARG A 135 22.31 22.47 -12.05
CA ARG A 135 23.05 21.36 -12.66
C ARG A 135 22.86 19.94 -12.05
N ASP A 136 22.37 19.80 -10.84
CA ASP A 136 22.16 18.48 -10.26
C ASP A 136 20.66 18.19 -10.14
N ASP A 137 19.79 19.01 -10.71
CA ASP A 137 18.36 18.71 -10.54
C ASP A 137 18.01 17.33 -11.12
N MET A 138 16.86 16.77 -10.75
CA MET A 138 16.39 15.50 -11.30
C MET A 138 14.86 15.49 -11.18
N SER A 139 14.21 14.55 -11.84
CA SER A 139 12.75 14.50 -11.74
C SER A 139 12.40 13.94 -10.36
N ILE A 140 11.16 14.15 -9.92
CA ILE A 140 10.75 13.62 -8.63
C ILE A 140 10.88 12.07 -8.67
N LEU A 141 10.56 11.49 -9.83
CA LEU A 141 10.65 10.01 -9.96
C LEU A 141 12.07 9.52 -9.73
N ALA A 142 13.03 10.26 -10.28
CA ALA A 142 14.43 9.84 -10.08
C ALA A 142 14.74 9.85 -8.57
N MET A 143 14.24 10.83 -7.83
CA MET A 143 14.48 10.93 -6.38
C MET A 143 13.81 9.73 -5.70
N GLN A 144 12.60 9.37 -6.15
CA GLN A 144 11.96 8.20 -5.52
C GLN A 144 12.81 6.95 -5.79
N ARG A 145 13.34 6.75 -7.00
CA ARG A 145 14.13 5.52 -7.25
C ARG A 145 15.33 5.53 -6.35
N LEU A 146 15.94 6.69 -6.24
CA LEU A 146 17.16 6.77 -5.43
C LEU A 146 16.86 6.56 -3.95
N ASN A 147 15.75 7.10 -3.46
CA ASN A 147 15.50 6.92 -2.04
C ASN A 147 14.98 5.55 -1.70
N GLU A 148 14.29 4.93 -2.64
CA GLU A 148 13.80 3.60 -2.35
C GLU A 148 14.72 2.53 -2.89
N HIS A 149 15.79 2.85 -3.61
CA HIS A 149 16.57 1.74 -4.17
C HIS A 149 15.87 0.75 -5.05
N GLN A 150 15.19 1.29 -6.06
CA GLN A 150 14.48 0.43 -7.01
C GLN A 150 14.64 1.01 -8.40
N PRO A 151 14.39 0.21 -9.43
CA PRO A 151 14.49 0.66 -10.82
C PRO A 151 13.17 1.30 -11.22
N ASN A 152 12.23 1.51 -10.30
CA ASN A 152 10.98 2.16 -10.72
C ASN A 152 10.40 2.87 -9.48
N GLY A 153 9.46 3.79 -9.64
CA GLY A 153 8.80 4.44 -8.48
C GLY A 153 7.55 3.58 -8.21
N PRO A 154 6.56 4.16 -7.54
CA PRO A 154 5.30 3.50 -7.19
C PRO A 154 4.76 2.76 -8.41
N ALA A 155 4.33 1.51 -8.29
CA ALA A 155 3.91 0.72 -9.44
C ALA A 155 2.74 -0.21 -9.19
N THR A 156 2.39 -0.49 -7.94
CA THR A 156 1.16 -1.31 -7.79
C THR A 156 0.03 -0.26 -7.82
N PRO A 157 -1.20 -0.70 -8.01
CA PRO A 157 -2.33 0.23 -8.08
C PRO A 157 -2.52 1.16 -6.90
N VAL A 158 -2.38 0.60 -5.71
CA VAL A 158 -2.56 1.42 -4.54
C VAL A 158 -1.41 2.37 -4.42
N ASP A 159 -0.18 1.89 -4.66
CA ASP A 159 0.96 2.82 -4.55
C ASP A 159 0.88 3.94 -5.60
N MET A 160 0.42 3.56 -6.79
CA MET A 160 0.29 4.57 -7.83
C MET A 160 -0.78 5.64 -7.53
N VAL A 161 -1.91 5.21 -6.98
CA VAL A 161 -2.97 6.20 -6.74
C VAL A 161 -2.52 7.12 -5.59
N VAL A 162 -1.79 6.55 -4.65
CA VAL A 162 -1.32 7.40 -3.58
C VAL A 162 -0.33 8.39 -4.19
N ASP A 163 0.50 7.89 -5.09
CA ASP A 163 1.51 8.78 -5.73
C ASP A 163 0.77 9.88 -6.54
N TYR A 164 -0.30 9.47 -7.22
CA TYR A 164 -1.07 10.41 -8.05
C TYR A 164 -1.70 11.50 -7.14
N TYR A 165 -2.24 11.07 -6.03
CA TYR A 165 -2.86 12.04 -5.13
C TYR A 165 -1.79 12.95 -4.59
N LYS A 166 -0.63 12.41 -4.26
CA LYS A 166 0.38 13.31 -3.70
C LYS A 166 1.02 14.27 -4.70
N PHE A 167 1.08 13.93 -5.98
CA PHE A 167 1.83 14.83 -6.86
C PHE A 167 0.98 15.31 -8.04
N ASP A 168 0.45 14.36 -8.81
CA ASP A 168 -0.35 14.79 -9.98
C ASP A 168 -1.55 15.65 -9.59
N TYR A 169 -2.21 15.33 -8.48
CA TYR A 169 -3.41 16.06 -8.05
C TYR A 169 -2.96 17.48 -7.64
N GLU A 170 -1.69 17.70 -7.34
CA GLU A 170 -1.24 19.03 -7.03
C GLU A 170 -0.67 19.67 -8.30
N PHE A 171 0.20 19.00 -9.03
CA PHE A 171 0.85 19.61 -10.19
C PHE A 171 0.29 19.38 -11.56
N ALA A 172 -0.56 18.38 -11.67
CA ALA A 172 -1.19 18.05 -12.93
C ALA A 172 -0.32 17.38 -14.00
N GLU A 173 0.85 16.89 -13.59
CA GLU A 173 1.70 16.09 -14.48
C GLU A 173 2.38 15.08 -13.54
N PRO A 174 2.89 13.97 -14.06
CA PRO A 174 3.51 12.93 -13.22
C PRO A 174 4.84 13.34 -12.62
N PRO A 175 5.22 12.68 -11.53
CA PRO A 175 6.49 13.02 -10.93
C PRO A 175 7.64 12.87 -11.93
N ARG A 176 7.58 11.91 -12.85
CA ARG A 176 8.71 11.75 -13.75
C ARG A 176 9.02 12.90 -14.70
N VAL A 177 8.07 13.81 -14.82
CA VAL A 177 8.30 14.98 -15.68
C VAL A 177 8.64 16.17 -14.79
N THR A 178 8.30 16.10 -13.51
CA THR A 178 8.45 17.26 -12.64
C THR A 178 9.79 17.54 -12.02
N SER A 179 10.22 18.80 -12.03
CA SER A 179 11.52 19.13 -11.43
C SER A 179 11.50 18.93 -9.91
N LEU A 180 12.43 18.17 -9.36
CA LEU A 180 12.39 18.05 -7.90
C LEU A 180 12.75 19.36 -7.23
N GLN A 181 13.83 19.90 -7.75
CA GLN A 181 14.37 21.11 -7.15
C GLN A 181 13.37 22.20 -7.04
N ASN A 182 12.55 22.33 -8.07
CA ASN A 182 11.61 23.40 -8.01
C ASN A 182 10.22 23.14 -7.55
N THR A 183 9.99 21.98 -6.94
CA THR A 183 8.62 21.68 -6.47
C THR A 183 8.69 20.97 -5.12
N VAL A 184 9.84 20.43 -4.75
CA VAL A 184 9.85 19.74 -3.45
C VAL A 184 10.98 20.24 -2.56
N PRO A 185 10.70 20.93 -1.48
CA PRO A 185 9.38 21.34 -1.01
C PRO A 185 8.84 22.53 -1.83
N LEU A 186 7.54 22.83 -1.73
CA LEU A 186 6.92 23.92 -2.48
C LEU A 186 6.75 25.18 -1.64
N ALA A 187 7.20 26.27 -2.22
CA ALA A 187 7.19 27.56 -1.52
C ALA A 187 5.82 27.95 -0.95
N THR A 188 4.80 27.70 -1.76
CA THR A 188 3.46 28.04 -1.34
C THR A 188 3.19 27.52 0.05
N PHE A 189 3.49 26.25 0.28
CA PHE A 189 3.21 25.74 1.60
C PHE A 189 4.29 26.10 2.59
N SER A 190 5.51 26.06 2.10
CA SER A 190 6.56 26.39 3.05
C SER A 190 6.39 27.79 3.60
N ASP A 191 5.93 28.73 2.78
CA ASP A 191 5.80 30.10 3.25
C ASP A 191 4.51 30.47 3.94
N PHE A 192 3.42 30.04 3.34
CA PHE A 192 2.09 30.41 3.80
C PHE A 192 1.36 29.43 4.67
N GLY A 193 1.93 28.26 4.87
CA GLY A 193 1.23 27.26 5.68
C GLY A 193 0.69 26.05 4.88
N ASP A 194 0.49 24.97 5.60
CA ASP A 194 0.07 23.71 5.01
C ASP A 194 -1.40 23.57 4.73
N ASP A 195 -2.26 24.37 5.36
CA ASP A 195 -3.69 24.20 5.12
C ASP A 195 -4.15 24.78 3.82
N VAL A 196 -5.30 24.31 3.33
CA VAL A 196 -5.93 24.77 2.10
C VAL A 196 -7.42 24.83 2.47
N TYR A 197 -8.11 25.81 1.92
CA TYR A 197 -9.51 26.07 2.22
C TYR A 197 -10.25 26.16 0.95
N PHE A 198 -11.30 25.35 0.90
CA PHE A 198 -12.14 25.23 -0.27
C PHE A 198 -13.22 26.29 -0.29
N VAL A 199 -13.23 27.07 -1.35
CA VAL A 199 -14.21 28.12 -1.48
C VAL A 199 -15.51 27.59 -2.06
N ALA A 200 -16.59 27.76 -1.32
CA ALA A 200 -17.89 27.28 -1.77
C ALA A 200 -18.93 28.39 -1.50
N ASP A 201 -18.86 29.42 -2.32
CA ASP A 201 -19.71 30.61 -2.20
C ASP A 201 -20.39 30.93 -3.52
N GLN A 202 -21.68 31.22 -3.47
CA GLN A 202 -22.37 31.46 -4.74
C GLN A 202 -21.80 32.64 -5.49
N ARG A 203 -21.14 33.53 -4.77
CA ARG A 203 -20.62 34.67 -5.49
C ARG A 203 -19.43 34.19 -6.32
N GLY A 204 -18.85 33.04 -5.95
CA GLY A 204 -17.69 32.52 -6.70
C GLY A 204 -16.31 33.01 -6.21
N TYR A 205 -15.27 32.19 -6.40
CA TYR A 205 -13.90 32.57 -5.98
C TYR A 205 -13.52 33.80 -6.80
N GLU A 206 -14.12 33.89 -7.98
CA GLU A 206 -13.86 35.05 -8.87
C GLU A 206 -14.18 36.41 -8.25
N ALA A 207 -15.00 36.38 -7.22
CA ALA A 207 -15.37 37.65 -6.59
C ALA A 207 -14.12 38.37 -6.13
N VAL A 208 -13.05 37.63 -5.90
CA VAL A 208 -11.86 38.29 -5.41
C VAL A 208 -11.34 39.23 -6.50
N VAL A 209 -11.41 38.74 -7.73
CA VAL A 209 -10.93 39.54 -8.86
C VAL A 209 -11.83 40.75 -9.05
N TYR A 210 -13.14 40.51 -8.99
CA TYR A 210 -14.07 41.63 -9.11
C TYR A 210 -13.77 42.62 -8.00
N TYR A 211 -13.44 42.15 -6.80
CA TYR A 211 -13.22 43.14 -5.77
C TYR A 211 -12.03 43.96 -6.09
N LEU A 212 -10.95 43.32 -6.53
CA LEU A 212 -9.77 44.10 -6.82
C LEU A 212 -10.04 45.11 -7.95
N ALA A 213 -10.74 44.64 -8.96
CA ALA A 213 -10.96 45.55 -10.07
C ALA A 213 -11.77 46.80 -9.70
N GLY A 214 -12.70 46.62 -8.79
CA GLY A 214 -13.57 47.72 -8.40
C GLY A 214 -12.77 48.71 -7.54
N GLN A 215 -11.59 48.33 -7.09
CA GLN A 215 -10.90 49.31 -6.31
C GLN A 215 -10.37 50.39 -7.26
N TYR A 216 -10.46 50.28 -8.57
CA TYR A 216 -9.88 51.34 -9.39
C TYR A 216 -10.57 51.53 -10.71
N LEU A 217 -11.44 50.61 -11.04
CA LEU A 217 -12.13 50.77 -12.30
C LEU A 217 -13.53 51.25 -11.89
N LYS A 218 -14.18 52.01 -12.75
CA LYS A 218 -15.52 52.50 -12.44
C LYS A 218 -16.64 51.48 -12.51
N THR A 219 -17.51 51.50 -11.51
CA THR A 219 -18.69 50.62 -11.43
C THR A 219 -20.00 51.40 -11.24
N ASP A 220 -21.07 50.87 -11.79
CA ASP A 220 -22.36 51.53 -11.66
C ASP A 220 -22.82 51.49 -10.21
N ASP A 221 -23.32 52.63 -9.74
CA ASP A 221 -23.81 52.67 -8.37
C ASP A 221 -25.01 51.79 -8.03
N LYS A 222 -25.85 51.49 -9.01
CA LYS A 222 -26.99 50.61 -8.71
C LYS A 222 -26.50 49.17 -8.82
N SER A 223 -26.23 48.76 -10.07
CA SER A 223 -25.76 47.41 -10.40
C SER A 223 -24.49 46.96 -9.69
N GLY A 224 -23.48 47.82 -9.71
CA GLY A 224 -22.18 47.54 -9.12
C GLY A 224 -21.30 46.99 -10.25
N LYS A 225 -21.86 46.90 -11.44
CA LYS A 225 -21.13 46.41 -12.59
C LYS A 225 -20.07 47.39 -13.06
N ILE A 226 -19.00 46.82 -13.59
CA ILE A 226 -17.94 47.66 -14.06
C ILE A 226 -18.39 48.37 -15.29
N VAL A 227 -18.23 49.69 -15.34
CA VAL A 227 -18.66 50.41 -16.53
C VAL A 227 -17.53 51.26 -17.09
N ASP A 228 -16.36 51.13 -16.51
CA ASP A 228 -15.19 51.89 -16.98
C ASP A 228 -14.78 51.52 -18.40
N PRO A 229 -14.71 52.52 -19.26
CA PRO A 229 -14.33 52.27 -20.64
C PRO A 229 -12.89 51.84 -20.81
N ARG A 230 -12.13 51.88 -19.72
CA ARG A 230 -10.76 51.38 -19.81
C ARG A 230 -10.81 49.83 -19.89
N LEU A 231 -11.95 49.21 -19.56
CA LEU A 231 -12.01 47.75 -19.68
C LEU A 231 -12.85 47.40 -20.88
N GLN A 232 -12.33 46.63 -21.81
CA GLN A 232 -13.14 46.27 -22.97
C GLN A 232 -13.16 44.76 -23.12
N LEU A 233 -14.35 44.17 -22.99
CA LEU A 233 -14.55 42.74 -23.11
C LEU A 233 -14.77 42.33 -24.54
N ASN A 234 -14.64 41.04 -24.77
CA ASN A 234 -14.78 40.54 -26.12
C ASN A 234 -13.73 41.12 -27.06
N LYS A 235 -12.55 41.40 -26.54
CA LYS A 235 -11.51 41.91 -27.41
C LYS A 235 -10.42 40.84 -27.53
N VAL A 236 -10.40 40.06 -28.60
CA VAL A 236 -9.38 39.02 -28.74
C VAL A 236 -8.15 39.57 -29.45
N VAL A 237 -7.08 39.74 -28.70
CA VAL A 237 -5.86 40.26 -29.34
C VAL A 237 -5.25 39.21 -30.24
N ARG A 238 -4.90 39.56 -31.48
CA ARG A 238 -4.34 38.56 -32.39
C ARG A 238 -2.98 38.98 -32.91
N GLU A 239 -2.65 40.26 -32.70
CA GLU A 239 -1.36 40.77 -33.18
C GLU A 239 -0.85 41.91 -32.31
N ILE A 240 0.42 41.83 -31.96
CA ILE A 240 1.08 42.85 -31.16
C ILE A 240 2.34 43.28 -31.93
N LYS A 241 2.37 44.52 -32.42
CA LYS A 241 3.55 45.00 -33.17
C LYS A 241 4.26 45.95 -32.21
N TYR A 242 5.59 45.91 -32.23
CA TYR A 242 6.34 46.76 -31.31
C TYR A 242 7.61 47.30 -31.94
N SER A 243 8.07 48.43 -31.42
CA SER A 243 9.27 49.09 -31.93
C SER A 243 9.85 49.77 -30.71
N PRO A 244 10.99 50.41 -30.88
CA PRO A 244 11.65 51.01 -29.74
C PRO A 244 10.76 52.15 -29.25
N GLY A 245 9.91 52.63 -30.10
CA GLY A 245 9.12 53.73 -29.58
C GLY A 245 7.74 53.45 -29.03
N GLY A 246 7.15 52.31 -29.37
CA GLY A 246 5.79 52.10 -28.82
C GLY A 246 5.23 50.78 -29.32
N VAL A 247 3.91 50.57 -29.19
CA VAL A 247 3.29 49.33 -29.66
C VAL A 247 1.92 49.59 -30.27
N THR A 248 1.46 48.61 -31.05
CA THR A 248 0.15 48.67 -31.66
C THR A 248 -0.35 47.26 -31.43
N VAL A 249 -1.63 47.16 -31.11
CA VAL A 249 -2.23 45.90 -30.81
C VAL A 249 -3.48 45.82 -31.64
N LYS A 250 -3.66 44.69 -32.33
CA LYS A 250 -4.85 44.46 -33.14
C LYS A 250 -5.70 43.33 -32.56
N THR A 251 -7.01 43.55 -32.60
CA THR A 251 -8.00 42.58 -32.15
C THR A 251 -8.74 41.87 -33.27
N GLU A 252 -9.27 40.70 -32.93
CA GLU A 252 -9.97 39.88 -33.87
C GLU A 252 -11.15 40.62 -34.51
N ASP A 253 -11.78 41.53 -33.79
CA ASP A 253 -12.91 42.21 -34.40
C ASP A 253 -12.43 43.35 -35.27
N ASN A 254 -11.12 43.46 -35.46
CA ASN A 254 -10.55 44.52 -36.29
C ASN A 254 -10.25 45.86 -35.68
N SER A 255 -10.41 46.01 -34.39
CA SER A 255 -10.03 47.26 -33.77
C SER A 255 -8.50 47.31 -33.80
N VAL A 256 -7.93 48.50 -33.66
CA VAL A 256 -6.48 48.65 -33.60
C VAL A 256 -6.17 49.66 -32.52
N TYR A 257 -5.21 49.39 -31.66
CA TYR A 257 -4.91 50.31 -30.59
C TYR A 257 -3.41 50.57 -30.52
N SER A 258 -3.07 51.70 -29.92
CA SER A 258 -1.69 52.14 -29.78
C SER A 258 -1.42 52.45 -28.34
N ALA A 259 -0.17 52.32 -27.90
CA ALA A 259 0.18 52.61 -26.53
C ALA A 259 1.69 52.68 -26.45
N ASP A 260 2.21 53.05 -25.30
CA ASP A 260 3.65 53.13 -25.10
C ASP A 260 4.23 51.76 -24.73
N TYR A 261 3.37 50.92 -24.15
CA TYR A 261 3.71 49.57 -23.68
C TYR A 261 2.56 48.60 -23.69
N VAL A 262 2.88 47.31 -23.61
CA VAL A 262 1.82 46.32 -23.55
C VAL A 262 2.26 45.31 -22.50
N MET A 263 1.28 44.90 -21.70
CA MET A 263 1.52 43.98 -20.60
C MET A 263 0.69 42.75 -20.97
N VAL A 264 1.39 41.68 -21.31
CA VAL A 264 0.71 40.46 -21.76
C VAL A 264 0.40 39.52 -20.61
N SER A 265 -0.88 39.28 -20.27
CA SER A 265 -1.20 38.37 -19.17
C SER A 265 -1.81 37.01 -19.60
N ALA A 266 -1.96 36.73 -20.88
CA ALA A 266 -2.51 35.48 -21.35
C ALA A 266 -1.67 34.31 -20.79
N SER A 267 -2.27 33.14 -20.65
CA SER A 267 -1.55 31.99 -20.06
C SER A 267 -0.35 31.50 -20.89
N LEU A 268 0.52 30.72 -20.25
CA LEU A 268 1.64 30.15 -20.98
C LEU A 268 1.10 29.31 -22.16
N GLY A 269 0.00 28.58 -21.98
CA GLY A 269 -0.51 27.78 -23.11
C GLY A 269 -0.88 28.67 -24.28
N VAL A 270 -1.49 29.82 -23.98
CA VAL A 270 -1.86 30.69 -25.08
C VAL A 270 -0.55 31.16 -25.77
N LEU A 271 0.45 31.48 -24.96
CA LEU A 271 1.66 31.92 -25.62
C LEU A 271 2.31 30.78 -26.40
N GLN A 272 2.12 29.52 -26.02
CA GLN A 272 2.76 28.45 -26.76
C GLN A 272 1.96 28.14 -28.01
N SER A 273 0.76 28.70 -28.09
CA SER A 273 -0.07 28.42 -29.24
C SER A 273 -0.03 29.34 -30.45
N ASP A 274 0.64 30.48 -30.44
CA ASP A 274 0.39 31.22 -31.70
C ASP A 274 -0.94 31.96 -31.93
N LEU A 275 -1.82 32.03 -30.95
CA LEU A 275 -3.07 32.79 -31.15
C LEU A 275 -2.60 34.27 -31.37
N ILE A 276 -1.56 34.67 -30.66
CA ILE A 276 -1.12 36.06 -30.79
C ILE A 276 0.14 36.16 -31.62
N GLN A 277 0.07 36.87 -32.74
CA GLN A 277 1.30 37.02 -33.52
C GLN A 277 2.13 38.22 -33.05
N PHE A 278 3.42 38.03 -32.79
CA PHE A 278 4.28 39.17 -32.39
C PHE A 278 5.05 39.58 -33.63
N LYS A 279 5.22 40.87 -33.85
CA LYS A 279 5.95 41.39 -35.01
C LYS A 279 6.78 42.61 -34.58
N PRO A 280 8.08 42.45 -34.65
CA PRO A 280 8.68 41.23 -35.10
C PRO A 280 8.54 40.05 -34.15
N LYS A 281 8.96 38.89 -34.64
CA LYS A 281 8.91 37.66 -33.86
C LYS A 281 9.68 37.79 -32.58
N LEU A 282 9.23 37.12 -31.53
CA LEU A 282 9.99 37.25 -30.27
C LEU A 282 11.36 36.62 -30.48
N PRO A 283 12.37 37.07 -29.74
CA PRO A 283 13.72 36.52 -29.92
C PRO A 283 13.76 35.05 -29.48
N THR A 284 14.72 34.34 -30.07
CA THR A 284 14.89 32.90 -29.83
C THR A 284 15.02 32.57 -28.34
N TRP A 285 15.74 33.39 -27.56
CA TRP A 285 15.86 33.09 -26.14
C TRP A 285 14.51 33.09 -25.47
N LYS A 286 13.64 33.97 -25.97
CA LYS A 286 12.31 34.09 -25.39
C LYS A 286 11.46 32.90 -25.78
N VAL A 287 11.51 32.63 -27.08
CA VAL A 287 10.74 31.52 -27.61
C VAL A 287 11.12 30.16 -26.96
N ARG A 288 12.41 29.97 -26.75
CA ARG A 288 12.81 28.72 -26.11
C ARG A 288 12.38 28.58 -24.68
N ALA A 289 12.40 29.70 -23.98
CA ALA A 289 11.99 29.62 -22.59
C ALA A 289 10.51 29.34 -22.62
N ILE A 290 9.78 29.96 -23.55
CA ILE A 290 8.34 29.69 -23.53
C ILE A 290 8.01 28.23 -23.76
N TYR A 291 8.62 27.61 -24.76
CA TYR A 291 8.27 26.22 -25.05
C TYR A 291 8.86 25.16 -24.14
N GLN A 292 9.89 25.52 -23.41
CA GLN A 292 10.44 24.55 -22.49
C GLN A 292 9.62 24.40 -21.21
N PHE A 293 8.88 25.40 -20.79
CA PHE A 293 8.07 25.25 -19.54
C PHE A 293 6.77 24.51 -19.88
N ASP A 294 6.09 23.89 -18.90
CA ASP A 294 4.89 23.13 -19.22
C ASP A 294 3.59 23.85 -18.85
N MET A 295 2.56 23.75 -19.69
CA MET A 295 1.24 24.27 -19.34
C MET A 295 0.46 22.95 -19.08
N ALA A 296 0.12 22.65 -17.82
CA ALA A 296 -0.60 21.41 -17.50
C ALA A 296 -2.11 21.62 -17.65
N VAL A 297 -2.88 20.54 -17.50
CA VAL A 297 -4.36 20.55 -17.61
C VAL A 297 -4.93 19.70 -16.46
N TYR A 298 -5.92 20.23 -15.75
CA TYR A 298 -6.51 19.55 -14.60
C TYR A 298 -7.99 19.71 -14.84
N THR A 299 -8.68 18.58 -15.04
CA THR A 299 -10.10 18.63 -15.39
C THR A 299 -11.05 18.20 -14.28
N LYS A 300 -11.92 19.10 -13.86
CA LYS A 300 -12.85 18.84 -12.77
C LYS A 300 -14.15 18.33 -13.34
N ILE A 301 -14.39 17.01 -13.30
CA ILE A 301 -15.61 16.48 -13.87
C ILE A 301 -16.70 16.38 -12.81
N PHE A 302 -17.73 17.22 -12.96
CA PHE A 302 -18.84 17.22 -11.99
C PHE A 302 -19.97 16.27 -12.41
N LEU A 303 -20.57 15.63 -11.42
CA LEU A 303 -21.64 14.70 -11.78
C LEU A 303 -22.75 14.90 -10.78
N LYS A 304 -23.98 14.78 -11.30
CA LYS A 304 -25.17 14.90 -10.44
C LYS A 304 -26.02 13.60 -10.49
N PHE A 305 -26.41 13.10 -9.31
CA PHE A 305 -27.21 11.87 -9.26
C PHE A 305 -28.56 12.09 -8.58
N PRO A 306 -29.48 11.20 -8.92
CA PRO A 306 -30.85 11.18 -8.42
C PRO A 306 -30.84 10.78 -6.95
N ARG A 307 -29.77 10.16 -6.47
CA ARG A 307 -29.70 9.84 -5.06
C ARG A 307 -28.29 9.44 -4.67
N LYS A 308 -27.93 9.59 -3.41
CA LYS A 308 -26.60 9.30 -2.90
C LYS A 308 -26.39 7.83 -2.75
N PHE A 309 -25.17 7.36 -2.94
CA PHE A 309 -24.91 5.93 -2.77
C PHE A 309 -23.52 5.77 -2.25
N TRP A 310 -22.87 6.89 -1.96
CA TRP A 310 -21.52 6.82 -1.43
C TRP A 310 -21.58 7.24 0.01
N PRO A 311 -20.54 6.93 0.76
CA PRO A 311 -20.51 7.28 2.15
C PRO A 311 -20.44 8.77 2.45
N GLU A 312 -21.03 9.18 3.57
CA GLU A 312 -20.92 10.57 4.03
C GLU A 312 -20.53 10.49 5.48
N GLY A 313 -19.84 11.50 6.00
CA GLY A 313 -19.47 11.37 7.39
C GLY A 313 -18.03 11.75 7.60
N LYS A 314 -17.56 11.51 8.82
CA LYS A 314 -16.21 11.86 9.16
C LYS A 314 -15.19 11.22 8.23
N GLY A 315 -14.31 12.05 7.70
CA GLY A 315 -13.23 11.58 6.83
C GLY A 315 -13.70 11.13 5.46
N ARG A 316 -14.99 11.25 5.16
CA ARG A 316 -15.52 10.82 3.88
C ARG A 316 -15.39 11.76 2.69
N GLU A 317 -15.00 13.01 2.89
CA GLU A 317 -14.97 13.97 1.76
C GLU A 317 -14.12 13.60 0.52
N PHE A 318 -12.93 13.07 0.77
CA PHE A 318 -12.04 12.69 -0.33
C PHE A 318 -11.84 11.18 -0.37
N PHE A 319 -11.87 10.60 -1.58
CA PHE A 319 -11.68 9.17 -1.71
C PHE A 319 -10.97 8.88 -3.02
N LEU A 320 -10.19 7.79 -3.05
CA LEU A 320 -9.41 7.42 -4.25
C LEU A 320 -9.87 6.09 -4.83
N TYR A 321 -9.68 5.97 -6.16
CA TYR A 321 -10.00 4.71 -6.85
C TYR A 321 -8.65 4.18 -7.34
N ALA A 322 -8.24 3.02 -6.83
CA ALA A 322 -6.96 2.47 -7.24
C ALA A 322 -7.01 1.62 -8.52
N SER A 323 -7.15 2.26 -9.65
CA SER A 323 -7.19 1.51 -10.91
C SER A 323 -5.81 0.95 -11.26
N SER A 324 -5.77 -0.14 -12.00
CA SER A 324 -4.46 -0.67 -12.45
C SER A 324 -3.92 0.21 -13.59
N ARG A 325 -4.75 1.11 -14.12
CA ARG A 325 -4.34 2.06 -15.17
C ARG A 325 -4.06 3.39 -14.44
N ARG A 326 -2.80 3.74 -14.29
CA ARG A 326 -2.47 4.94 -13.52
C ARG A 326 -3.27 6.17 -13.85
N GLY A 327 -3.84 6.90 -12.90
CA GLY A 327 -4.57 8.15 -13.22
C GLY A 327 -5.94 8.03 -13.82
N TYR A 328 -6.48 6.82 -13.90
CA TYR A 328 -7.83 6.68 -14.49
C TYR A 328 -8.88 6.98 -13.41
N TYR A 329 -9.63 8.06 -13.59
CA TYR A 329 -10.68 8.51 -12.64
C TYR A 329 -10.28 8.22 -11.18
N GLY A 330 -9.10 8.64 -10.76
CA GLY A 330 -8.60 8.28 -9.46
C GLY A 330 -8.89 9.08 -8.18
N VAL A 331 -9.20 10.37 -8.30
CA VAL A 331 -9.40 11.25 -7.14
C VAL A 331 -10.81 11.81 -7.12
N TRP A 332 -11.52 11.43 -6.06
CA TRP A 332 -12.91 11.82 -5.89
C TRP A 332 -13.20 12.75 -4.68
N GLN A 333 -14.26 13.55 -4.78
CA GLN A 333 -14.63 14.41 -3.64
C GLN A 333 -16.17 14.48 -3.60
N GLU A 334 -16.72 14.51 -2.39
CA GLU A 334 -18.18 14.57 -2.16
C GLU A 334 -18.35 15.80 -1.24
N PHE A 335 -19.48 16.47 -1.47
CA PHE A 335 -19.73 17.74 -0.81
C PHE A 335 -20.79 17.85 0.26
N GLU A 336 -20.80 16.90 1.16
CA GLU A 336 -21.81 16.97 2.19
C GLU A 336 -21.76 18.32 2.86
N LYS A 337 -20.58 18.88 3.06
CA LYS A 337 -20.60 20.19 3.73
C LYS A 337 -20.88 21.34 2.78
N GLN A 338 -20.20 21.26 1.64
CA GLN A 338 -20.31 22.36 0.70
C GLN A 338 -21.64 22.58 0.08
N TYR A 339 -22.22 21.51 -0.43
CA TYR A 339 -23.48 21.64 -1.14
C TYR A 339 -24.38 20.53 -0.58
N PRO A 340 -24.85 20.71 0.64
CA PRO A 340 -25.67 19.70 1.29
C PRO A 340 -26.89 19.30 0.48
N ASP A 341 -27.15 18.00 0.49
CA ASP A 341 -28.31 17.45 -0.20
C ASP A 341 -28.34 17.54 -1.72
N ALA A 342 -27.26 18.08 -2.30
CA ALA A 342 -27.10 18.18 -3.77
C ALA A 342 -26.80 16.90 -4.59
N ASN A 343 -26.29 15.85 -3.99
CA ASN A 343 -26.06 14.62 -4.78
C ASN A 343 -25.08 14.81 -5.90
N VAL A 344 -24.02 15.58 -5.64
CA VAL A 344 -23.02 15.83 -6.65
C VAL A 344 -21.72 15.15 -6.24
N LEU A 345 -20.98 14.64 -7.22
CA LEU A 345 -19.67 14.08 -6.89
C LEU A 345 -18.72 14.81 -7.84
N LEU A 346 -17.45 14.92 -7.47
CA LEU A 346 -16.46 15.53 -8.36
C LEU A 346 -15.30 14.55 -8.54
N VAL A 347 -15.01 14.17 -9.79
CA VAL A 347 -13.83 13.33 -10.07
C VAL A 347 -12.85 14.22 -10.88
N THR A 348 -11.56 14.18 -10.53
CA THR A 348 -10.55 14.99 -11.23
C THR A 348 -9.52 14.13 -11.97
N VAL A 349 -9.20 14.56 -13.19
CA VAL A 349 -8.21 13.88 -14.04
C VAL A 349 -7.27 14.96 -14.57
N THR A 350 -6.15 14.52 -15.12
CA THR A 350 -5.19 15.51 -15.61
C THR A 350 -4.45 14.94 -16.80
N ASP A 351 -3.57 15.79 -17.34
CA ASP A 351 -2.61 15.42 -18.35
C ASP A 351 -3.19 14.58 -19.48
N GLU A 352 -2.65 13.39 -19.65
CA GLU A 352 -3.09 12.56 -20.79
C GLU A 352 -4.56 12.21 -20.80
N GLU A 353 -5.03 11.85 -19.60
CA GLU A 353 -6.47 11.56 -19.56
C GLU A 353 -7.28 12.82 -19.85
N SER A 354 -6.84 13.97 -19.33
CA SER A 354 -7.59 15.20 -19.64
C SER A 354 -7.62 15.41 -21.17
N ARG A 355 -6.50 15.29 -21.88
CA ARG A 355 -6.59 15.55 -23.31
C ARG A 355 -7.45 14.51 -24.02
N ARG A 356 -7.44 13.29 -23.51
CA ARG A 356 -8.26 12.27 -24.19
C ARG A 356 -9.72 12.58 -23.96
N ILE A 357 -10.05 12.86 -22.72
CA ILE A 357 -11.45 13.13 -22.37
C ILE A 357 -12.06 14.39 -23.03
N GLU A 358 -11.24 15.43 -23.15
CA GLU A 358 -11.79 16.66 -23.75
C GLU A 358 -12.14 16.34 -25.18
N GLN A 359 -11.48 15.34 -25.73
CA GLN A 359 -11.76 15.01 -27.13
C GLN A 359 -12.90 14.02 -27.31
N GLN A 360 -13.67 13.63 -26.30
CA GLN A 360 -14.73 12.69 -26.59
C GLN A 360 -15.99 13.35 -26.03
N SER A 361 -17.15 12.77 -26.29
CA SER A 361 -18.35 13.44 -25.77
C SER A 361 -18.57 13.22 -24.32
N ASP A 362 -19.42 14.08 -23.80
CA ASP A 362 -19.74 13.99 -22.39
C ASP A 362 -20.40 12.65 -22.07
N GLU A 363 -21.21 12.22 -23.03
CA GLU A 363 -21.92 10.97 -22.79
C GLU A 363 -20.93 9.84 -22.66
N GLN A 364 -19.94 9.83 -23.54
CA GLN A 364 -18.93 8.77 -23.48
C GLN A 364 -18.19 8.82 -22.15
N THR A 365 -17.88 10.03 -21.71
CA THR A 365 -17.18 10.12 -20.44
C THR A 365 -18.09 9.68 -19.30
N LYS A 366 -19.36 10.06 -19.41
CA LYS A 366 -20.26 9.66 -18.35
C LYS A 366 -20.34 8.15 -18.26
N ALA A 367 -20.39 7.54 -19.42
CA ALA A 367 -20.46 6.09 -19.39
C ALA A 367 -19.20 5.50 -18.80
N GLU A 368 -18.03 6.03 -19.11
CA GLU A 368 -16.84 5.43 -18.49
C GLU A 368 -16.91 5.59 -16.98
N ILE A 369 -17.36 6.76 -16.51
CA ILE A 369 -17.40 6.98 -15.07
C ILE A 369 -18.45 6.09 -14.41
N MET A 370 -19.55 5.85 -15.09
CA MET A 370 -20.55 4.98 -14.43
C MET A 370 -19.96 3.59 -14.19
N GLN A 371 -19.12 3.12 -15.11
CA GLN A 371 -18.55 1.79 -14.95
C GLN A 371 -17.63 1.73 -13.78
N VAL A 372 -16.87 2.79 -13.58
CA VAL A 372 -15.97 2.79 -12.44
C VAL A 372 -16.79 2.83 -11.13
N LEU A 373 -17.76 3.73 -11.07
CA LEU A 373 -18.56 3.85 -9.83
C LEU A 373 -19.24 2.51 -9.44
N ARG A 374 -19.73 1.79 -10.45
CA ARG A 374 -20.39 0.49 -10.23
C ARG A 374 -19.37 -0.46 -9.72
N LYS A 375 -18.15 -0.36 -10.22
CA LYS A 375 -17.12 -1.24 -9.71
C LYS A 375 -16.78 -0.85 -8.31
N MET A 376 -16.84 0.44 -8.03
CA MET A 376 -16.51 0.85 -6.67
C MET A 376 -17.59 0.50 -5.64
N PHE A 377 -18.86 0.61 -6.04
CA PHE A 377 -19.96 0.38 -5.10
C PHE A 377 -20.81 -0.82 -5.53
N PRO A 378 -20.19 -1.99 -5.56
CA PRO A 378 -20.87 -3.20 -6.00
C PRO A 378 -22.11 -3.51 -5.15
N GLY A 379 -22.10 -3.15 -3.87
CA GLY A 379 -23.30 -3.48 -3.13
C GLY A 379 -24.49 -2.56 -3.38
N LYS A 380 -24.25 -1.38 -3.96
CA LYS A 380 -25.36 -0.45 -4.12
C LYS A 380 -26.12 -0.49 -5.43
N ASP A 381 -27.23 0.24 -5.51
CA ASP A 381 -27.88 0.23 -6.82
C ASP A 381 -27.44 1.63 -7.27
N VAL A 382 -26.44 1.69 -8.13
CA VAL A 382 -25.92 2.98 -8.49
C VAL A 382 -26.71 3.53 -9.62
N PRO A 383 -27.38 4.64 -9.37
CA PRO A 383 -28.13 5.21 -10.47
C PRO A 383 -27.18 5.95 -11.41
N ASP A 384 -27.56 5.99 -12.67
CA ASP A 384 -26.80 6.75 -13.62
C ASP A 384 -26.87 8.22 -13.29
N ALA A 385 -25.78 8.91 -13.61
CA ALA A 385 -25.79 10.33 -13.36
C ALA A 385 -26.75 10.97 -14.33
N THR A 386 -27.47 11.87 -13.72
CA THR A 386 -28.47 12.64 -14.36
C THR A 386 -27.81 13.81 -15.09
N ASP A 387 -26.64 14.28 -14.64
CA ASP A 387 -26.02 15.38 -15.41
C ASP A 387 -24.50 15.33 -15.23
N ILE A 388 -23.73 15.86 -16.18
CA ILE A 388 -22.26 15.82 -16.05
C ILE A 388 -21.65 17.09 -16.59
N LEU A 389 -20.56 17.50 -16.01
CA LEU A 389 -20.00 18.73 -16.53
C LEU A 389 -18.49 18.46 -16.73
N VAL A 390 -18.06 18.60 -17.98
CA VAL A 390 -16.64 18.33 -18.29
C VAL A 390 -15.96 19.62 -18.75
N PRO A 391 -15.22 20.36 -17.91
CA PRO A 391 -14.57 21.59 -18.37
C PRO A 391 -13.53 21.28 -19.49
N ARG A 392 -13.44 22.05 -20.56
CA ARG A 392 -12.49 21.81 -21.66
C ARG A 392 -11.44 22.91 -21.79
N TRP A 393 -10.69 23.12 -20.72
CA TRP A 393 -9.68 24.18 -20.67
C TRP A 393 -8.58 24.04 -21.74
N TRP A 394 -8.12 22.82 -21.98
CA TRP A 394 -7.04 22.64 -22.94
C TRP A 394 -7.53 22.99 -24.34
N SER A 395 -8.78 22.62 -24.60
CA SER A 395 -9.32 22.92 -25.90
C SER A 395 -9.67 24.40 -26.09
N ASP A 396 -9.81 25.15 -25.02
CA ASP A 396 -10.22 26.56 -25.13
C ASP A 396 -9.04 27.41 -25.57
N ARG A 397 -9.22 28.00 -26.73
CA ARG A 397 -8.10 28.79 -27.25
C ARG A 397 -7.66 29.91 -26.36
N PHE A 398 -8.45 30.34 -25.41
CA PHE A 398 -7.97 31.45 -24.59
C PHE A 398 -7.25 30.99 -23.34
N TYR A 399 -7.04 29.69 -23.19
CA TYR A 399 -6.36 29.18 -21.99
C TYR A 399 -5.40 28.05 -22.35
N LYS A 400 -5.86 27.11 -23.18
CA LYS A 400 -5.00 26.02 -23.63
C LYS A 400 -4.37 25.30 -22.43
N GLY A 401 -5.07 25.14 -21.32
CA GLY A 401 -4.46 24.43 -20.19
C GLY A 401 -5.06 25.05 -18.94
N THR A 402 -4.60 24.65 -17.77
CA THR A 402 -5.11 25.16 -16.50
C THR A 402 -4.05 25.84 -15.68
N PHE A 403 -2.82 25.35 -15.70
CA PHE A 403 -1.78 26.05 -14.94
C PHE A 403 -0.41 25.53 -15.27
N SER A 404 0.63 26.33 -15.10
CA SER A 404 1.93 25.83 -15.49
C SER A 404 2.47 24.78 -14.51
N ASN A 405 3.48 24.06 -14.96
CA ASN A 405 4.14 23.09 -14.05
C ASN A 405 5.63 23.15 -14.45
N TRP A 406 6.52 23.01 -13.47
CA TRP A 406 7.97 23.13 -13.70
C TRP A 406 8.61 21.78 -13.99
N PRO A 407 9.07 21.62 -15.22
CA PRO A 407 9.66 20.34 -15.65
C PRO A 407 11.14 20.22 -15.44
N VAL A 408 11.56 18.98 -15.25
CA VAL A 408 12.99 18.72 -15.05
C VAL A 408 13.67 19.19 -16.31
N GLY A 409 14.80 19.87 -16.14
CA GLY A 409 15.44 20.34 -17.34
C GLY A 409 15.45 21.86 -17.31
N VAL A 410 14.44 22.51 -16.76
CA VAL A 410 14.46 23.98 -16.77
C VAL A 410 15.05 24.54 -15.51
N ASN A 411 16.03 25.43 -15.57
CA ASN A 411 16.51 25.93 -14.30
C ASN A 411 15.91 27.28 -14.02
N ARG A 412 16.32 27.78 -12.87
CA ARG A 412 15.75 29.06 -12.44
C ARG A 412 16.03 30.16 -13.45
N TYR A 413 17.23 30.14 -13.97
CA TYR A 413 17.56 31.17 -14.93
C TYR A 413 16.68 31.07 -16.15
N GLU A 414 16.42 29.88 -16.64
CA GLU A 414 15.53 29.91 -17.77
C GLU A 414 14.08 30.21 -17.39
N TYR A 415 13.68 29.82 -16.19
CA TYR A 415 12.31 30.12 -15.82
C TYR A 415 12.20 31.66 -15.78
N ASP A 416 13.20 32.30 -15.19
CA ASP A 416 13.17 33.74 -15.14
C ASP A 416 13.11 34.33 -16.55
N GLN A 417 13.64 33.68 -17.57
CA GLN A 417 13.48 34.32 -18.88
C GLN A 417 12.02 34.47 -19.28
N LEU A 418 11.14 33.73 -18.62
CA LEU A 418 9.72 33.80 -18.98
C LEU A 418 9.19 35.13 -18.59
N ARG A 419 9.70 35.65 -17.47
CA ARG A 419 9.25 36.91 -16.93
C ARG A 419 9.87 38.10 -17.68
N ALA A 420 10.96 37.85 -18.37
CA ALA A 420 11.66 38.96 -19.01
C ALA A 420 10.92 39.69 -20.13
N PRO A 421 10.92 41.03 -20.09
CA PRO A 421 10.25 41.77 -21.18
C PRO A 421 11.08 41.68 -22.43
N VAL A 422 10.47 42.05 -23.55
CA VAL A 422 11.14 42.08 -24.84
C VAL A 422 10.87 43.50 -25.33
N GLY A 423 11.87 44.38 -25.20
CA GLY A 423 11.66 45.78 -25.61
C GLY A 423 10.55 46.39 -24.72
N ARG A 424 9.49 46.84 -25.37
CA ARG A 424 8.36 47.42 -24.67
C ARG A 424 7.27 46.38 -24.38
N VAL A 425 7.53 45.10 -24.65
CA VAL A 425 6.51 44.05 -24.42
C VAL A 425 6.83 43.40 -23.07
N TYR A 426 5.92 43.60 -22.12
CA TYR A 426 6.05 43.05 -20.77
C TYR A 426 5.17 41.82 -20.61
N PHE A 427 5.52 40.92 -19.67
CA PHE A 427 4.69 39.72 -19.48
C PHE A 427 4.29 39.57 -18.03
N THR A 428 3.13 38.99 -17.76
CA THR A 428 2.74 38.79 -16.36
C THR A 428 1.88 37.51 -16.37
N GLY A 429 1.41 37.05 -15.20
CA GLY A 429 0.61 35.81 -15.14
C GLY A 429 1.29 34.79 -14.20
N GLU A 430 0.50 33.78 -13.81
CA GLU A 430 1.04 32.78 -12.88
C GLU A 430 2.35 32.16 -13.32
N HIS A 431 2.58 31.98 -14.64
CA HIS A 431 3.84 31.35 -15.09
C HIS A 431 5.01 32.30 -14.97
N THR A 432 4.76 33.52 -14.53
CA THR A 432 5.89 34.45 -14.32
C THR A 432 6.06 34.70 -12.82
N SER A 433 5.28 34.04 -11.95
CA SER A 433 5.47 34.25 -10.49
C SER A 433 6.80 33.67 -10.01
N GLU A 434 7.57 34.48 -9.32
CA GLU A 434 8.84 33.93 -8.93
C GLU A 434 8.82 32.68 -8.09
N HIS A 435 7.89 32.54 -7.16
CA HIS A 435 7.97 31.29 -6.40
C HIS A 435 6.66 30.65 -6.22
N TYR A 436 5.66 31.22 -6.88
CA TYR A 436 4.32 30.67 -6.73
C TYR A 436 3.67 30.35 -8.05
N ASN A 437 4.43 29.86 -9.02
CA ASN A 437 3.79 29.51 -10.28
C ASN A 437 2.73 28.45 -9.99
N GLY A 438 1.65 28.55 -10.77
CA GLY A 438 0.53 27.62 -10.68
C GLY A 438 -0.61 28.00 -9.74
N TYR A 439 -0.57 29.13 -9.03
CA TYR A 439 -1.64 29.43 -8.04
C TYR A 439 -2.31 30.79 -8.21
N VAL A 440 -3.45 30.96 -7.56
CA VAL A 440 -4.13 32.25 -7.63
C VAL A 440 -3.24 33.33 -6.93
N HIS A 441 -2.64 33.01 -5.79
CA HIS A 441 -1.83 34.03 -5.14
C HIS A 441 -0.62 34.31 -6.03
N GLY A 442 -0.19 33.31 -6.80
CA GLY A 442 0.97 33.55 -7.70
C GLY A 442 0.55 34.51 -8.85
N ALA A 443 -0.64 34.32 -9.42
CA ALA A 443 -1.08 35.24 -10.46
C ALA A 443 -1.15 36.67 -9.84
N TYR A 444 -1.73 36.76 -8.64
CA TYR A 444 -1.86 38.05 -7.97
C TYR A 444 -0.52 38.75 -7.76
N LEU A 445 0.43 38.09 -7.10
CA LEU A 445 1.71 38.75 -6.89
C LEU A 445 2.45 39.00 -8.20
N SER A 446 2.18 38.15 -9.19
CA SER A 446 2.89 38.37 -10.46
C SER A 446 2.44 39.68 -11.11
N GLY A 447 1.17 40.03 -11.00
CA GLY A 447 0.71 41.24 -11.63
C GLY A 447 1.45 42.42 -10.96
N ILE A 448 1.61 42.35 -9.65
CA ILE A 448 2.25 43.43 -8.93
C ILE A 448 3.70 43.54 -9.30
N ASP A 449 4.36 42.40 -9.31
CA ASP A 449 5.79 42.47 -9.66
C ASP A 449 6.00 42.92 -11.10
N SER A 450 5.24 42.36 -12.04
CA SER A 450 5.45 42.75 -13.44
C SER A 450 5.19 44.26 -13.56
N ALA A 451 4.15 44.77 -12.92
CA ALA A 451 3.83 46.18 -12.98
C ALA A 451 4.97 47.01 -12.41
N GLU A 452 5.53 46.54 -11.31
CA GLU A 452 6.61 47.35 -10.78
C GLU A 452 7.83 47.39 -11.73
N ILE A 453 8.03 46.28 -12.41
CA ILE A 453 9.17 46.31 -13.33
C ILE A 453 8.91 47.33 -14.41
N LEU A 454 7.70 47.35 -14.95
CA LEU A 454 7.44 48.33 -16.01
C LEU A 454 7.50 49.75 -15.45
N ILE A 455 6.98 49.96 -14.25
CA ILE A 455 7.00 51.32 -13.63
C ILE A 455 8.45 51.83 -13.48
N ASN A 456 9.32 50.99 -12.94
CA ASN A 456 10.69 51.48 -12.82
C ASN A 456 11.34 51.79 -14.16
N CYS A 457 11.01 51.01 -15.17
CA CYS A 457 11.64 51.28 -16.44
C CYS A 457 11.02 52.50 -17.05
N ALA A 458 9.68 52.52 -17.08
CA ALA A 458 9.02 53.62 -17.73
C ALA A 458 9.17 54.89 -16.94
N GLN A 459 8.88 54.83 -15.66
CA GLN A 459 8.96 56.07 -14.94
C GLN A 459 10.35 56.45 -14.48
N LYS A 460 11.22 55.58 -14.03
CA LYS A 460 12.52 56.08 -13.57
C LYS A 460 13.66 55.77 -14.51
N LYS A 461 13.33 55.18 -15.64
CA LYS A 461 14.33 54.77 -16.59
C LYS A 461 15.32 53.86 -15.95
N MET A 462 14.87 53.02 -15.04
CA MET A 462 15.81 52.07 -14.51
C MET A 462 15.23 50.72 -14.93
N CYS A 463 15.67 50.24 -16.09
CA CYS A 463 15.26 48.97 -16.70
C CYS A 463 16.25 47.80 -16.46
N PRO B 5 47.29 -11.35 -13.58
CA PRO B 5 46.22 -10.76 -12.72
C PRO B 5 45.03 -11.66 -12.94
N ARG B 6 44.23 -11.84 -11.88
CA ARG B 6 43.07 -12.70 -12.05
C ARG B 6 41.97 -11.65 -12.06
N VAL B 7 41.03 -11.92 -12.96
CA VAL B 7 39.89 -11.02 -13.11
C VAL B 7 38.58 -11.81 -13.04
N ILE B 8 37.65 -11.34 -12.21
CA ILE B 8 36.35 -11.99 -12.15
C ILE B 8 35.42 -11.10 -12.96
N VAL B 9 34.64 -11.71 -13.85
CA VAL B 9 33.66 -10.99 -14.65
C VAL B 9 32.29 -11.49 -14.18
N VAL B 10 31.48 -10.54 -13.75
CA VAL B 10 30.11 -10.86 -13.28
C VAL B 10 29.15 -10.73 -14.47
N GLY B 11 28.56 -11.83 -14.87
CA GLY B 11 27.59 -11.87 -15.96
C GLY B 11 28.14 -12.36 -17.31
N ALA B 12 27.43 -13.25 -18.00
CA ALA B 12 27.90 -13.73 -19.31
C ALA B 12 26.97 -13.38 -20.45
N GLY B 13 26.54 -12.12 -20.43
CA GLY B 13 25.70 -11.62 -21.52
C GLY B 13 26.77 -11.10 -22.52
N MET B 14 26.31 -10.34 -23.50
CA MET B 14 27.22 -9.87 -24.51
C MET B 14 28.44 -9.07 -24.02
N SER B 15 28.22 -8.16 -23.11
CA SER B 15 29.34 -7.32 -22.70
C SER B 15 30.31 -8.10 -21.85
N GLY B 16 29.80 -9.00 -20.99
CA GLY B 16 30.76 -9.72 -20.16
C GLY B 16 31.61 -10.68 -21.01
N ILE B 17 30.93 -11.33 -21.93
CA ILE B 17 31.67 -12.27 -22.76
C ILE B 17 32.64 -11.47 -23.62
N SER B 18 32.16 -10.33 -24.06
CA SER B 18 33.02 -9.53 -24.89
C SER B 18 34.20 -8.99 -24.09
N ALA B 19 33.97 -8.62 -22.84
CA ALA B 19 35.07 -8.06 -22.04
C ALA B 19 36.10 -9.16 -21.77
N ALA B 20 35.62 -10.32 -21.40
CA ALA B 20 36.53 -11.40 -21.09
C ALA B 20 37.32 -11.73 -22.35
N LYS B 21 36.65 -11.64 -23.51
CA LYS B 21 37.40 -11.97 -24.74
C LYS B 21 38.60 -11.03 -24.97
N ARG B 22 38.37 -9.76 -24.72
CA ARG B 22 39.39 -8.76 -24.91
C ARG B 22 40.51 -8.93 -23.89
N LEU B 23 40.17 -9.29 -22.66
CA LEU B 23 41.21 -9.47 -21.65
C LEU B 23 42.04 -10.66 -22.12
N SER B 24 41.36 -11.69 -22.54
CA SER B 24 42.09 -12.86 -22.95
C SER B 24 43.04 -12.42 -24.03
N GLU B 25 42.51 -11.71 -25.00
CA GLU B 25 43.38 -11.23 -26.06
C GLU B 25 44.59 -10.45 -25.56
N ALA B 26 44.50 -9.73 -24.46
CA ALA B 26 45.67 -8.97 -23.99
C ALA B 26 46.53 -9.89 -23.17
N GLY B 27 46.21 -11.17 -23.24
CA GLY B 27 46.96 -12.13 -22.45
C GLY B 27 46.48 -12.32 -21.01
N ILE B 28 45.37 -11.73 -20.58
CA ILE B 28 44.90 -11.90 -19.21
C ILE B 28 43.94 -13.08 -19.34
N THR B 29 44.44 -14.27 -19.03
CA THR B 29 43.68 -15.48 -19.17
C THR B 29 43.26 -16.10 -17.85
N ASP B 30 43.69 -15.51 -16.74
CA ASP B 30 43.30 -16.04 -15.41
C ASP B 30 41.96 -15.35 -15.12
N LEU B 31 40.95 -15.89 -15.77
CA LEU B 31 39.60 -15.33 -15.74
C LEU B 31 38.58 -16.22 -15.04
N LEU B 32 37.53 -15.62 -14.47
CA LEU B 32 36.48 -16.47 -13.91
C LEU B 32 35.21 -15.68 -14.22
N ILE B 33 34.37 -16.26 -15.07
CA ILE B 33 33.10 -15.64 -15.45
C ILE B 33 31.97 -16.30 -14.66
N LEU B 34 31.33 -15.46 -13.84
CA LEU B 34 30.20 -15.91 -12.98
C LEU B 34 28.88 -15.46 -13.59
N GLU B 35 28.07 -16.42 -14.05
CA GLU B 35 26.76 -16.15 -14.65
C GLU B 35 25.63 -16.67 -13.75
N ALA B 36 24.71 -15.75 -13.47
CA ALA B 36 23.58 -16.06 -12.63
C ALA B 36 22.71 -17.21 -13.16
N THR B 37 22.35 -17.17 -14.44
CA THR B 37 21.44 -18.19 -14.98
C THR B 37 22.18 -19.44 -15.41
N ASP B 38 21.39 -20.37 -15.94
CA ASP B 38 21.92 -21.60 -16.42
C ASP B 38 22.39 -21.45 -17.86
N HIS B 39 22.53 -20.24 -18.37
CA HIS B 39 23.01 -20.10 -19.76
C HIS B 39 23.72 -18.77 -20.00
N ILE B 40 24.42 -18.62 -21.12
CA ILE B 40 25.04 -17.33 -21.41
C ILE B 40 24.16 -16.56 -22.40
N GLY B 41 24.46 -15.28 -22.68
CA GLY B 41 23.65 -14.53 -23.64
C GLY B 41 22.79 -13.39 -23.05
N GLY B 42 22.35 -13.56 -21.81
CA GLY B 42 21.59 -12.49 -21.12
C GLY B 42 20.36 -12.02 -21.87
N ARG B 43 20.37 -10.74 -22.17
CA ARG B 43 19.23 -10.15 -22.87
C ARG B 43 19.05 -10.59 -24.34
N MET B 44 19.95 -11.44 -24.82
CA MET B 44 19.76 -12.01 -26.18
C MET B 44 19.35 -13.42 -25.77
N HIS B 45 18.07 -13.77 -25.94
CA HIS B 45 17.67 -15.12 -25.49
C HIS B 45 16.35 -15.49 -26.15
N LYS B 46 16.38 -16.68 -26.74
CA LYS B 46 15.19 -17.19 -27.46
C LYS B 46 14.37 -18.12 -26.59
N THR B 47 13.17 -18.41 -27.05
CA THR B 47 12.36 -19.34 -26.33
C THR B 47 11.37 -20.04 -27.29
N ASN B 48 10.89 -21.22 -26.90
CA ASN B 48 9.95 -21.92 -27.78
C ASN B 48 8.57 -21.33 -27.61
N PHE B 49 7.94 -20.88 -28.68
CA PHE B 49 6.58 -20.39 -28.47
C PHE B 49 5.74 -21.14 -29.47
N ALA B 50 4.81 -21.92 -28.96
CA ALA B 50 3.92 -22.60 -29.87
C ALA B 50 4.70 -23.39 -30.93
N GLY B 51 5.83 -24.00 -30.59
CA GLY B 51 6.44 -24.70 -31.68
C GLY B 51 7.45 -23.90 -32.46
N ILE B 52 7.66 -22.60 -32.19
CA ILE B 52 8.75 -21.96 -32.91
C ILE B 52 9.65 -21.22 -31.90
N ASN B 53 10.93 -21.00 -32.21
CA ASN B 53 11.78 -20.25 -31.30
C ASN B 53 11.61 -18.80 -31.71
N VAL B 54 11.23 -17.95 -30.77
CA VAL B 54 11.09 -16.54 -31.05
C VAL B 54 12.05 -15.93 -30.01
N GLU B 55 12.38 -14.67 -30.20
CA GLU B 55 13.31 -13.97 -29.32
C GLU B 55 12.54 -13.25 -28.21
N LEU B 56 12.89 -13.52 -26.96
CA LEU B 56 12.21 -12.84 -25.84
C LEU B 56 12.80 -11.43 -25.70
N GLY B 57 14.06 -11.29 -26.08
CA GLY B 57 14.80 -10.02 -25.94
C GLY B 57 15.17 -9.38 -27.26
N ALA B 58 16.45 -9.09 -27.43
CA ALA B 58 16.90 -8.42 -28.67
C ALA B 58 16.48 -9.20 -29.87
N ASN B 59 16.10 -8.48 -30.92
CA ASN B 59 15.66 -9.24 -32.10
C ASN B 59 16.26 -8.68 -33.39
N TRP B 60 16.71 -7.43 -33.33
CA TRP B 60 17.29 -6.85 -34.54
C TRP B 60 18.74 -6.47 -34.49
N VAL B 61 19.40 -6.44 -35.66
CA VAL B 61 20.74 -5.89 -35.72
C VAL B 61 20.33 -4.49 -36.21
N GLU B 62 20.56 -3.47 -35.39
CA GLU B 62 20.15 -2.11 -35.77
C GLU B 62 21.31 -1.25 -36.18
N GLY B 63 21.15 -0.60 -37.32
CA GLY B 63 22.22 0.27 -37.79
C GLY B 63 22.99 -0.53 -38.81
N VAL B 64 22.53 -0.59 -40.04
CA VAL B 64 23.21 -1.37 -41.09
C VAL B 64 23.22 -0.59 -42.42
N ASN B 65 24.24 -0.80 -43.26
CA ASN B 65 24.42 -0.15 -44.54
C ASN B 65 24.85 1.31 -44.50
N GLY B 66 25.42 1.79 -43.39
CA GLY B 66 25.81 3.18 -43.37
C GLY B 66 27.32 3.32 -43.57
N GLY B 67 27.87 4.46 -43.20
CA GLY B 67 29.27 4.78 -43.34
C GLY B 67 30.20 3.90 -42.55
N LYS B 68 29.77 3.28 -41.45
CA LYS B 68 30.74 2.47 -40.74
C LYS B 68 30.09 1.15 -40.56
N MET B 69 30.90 0.11 -40.33
CA MET B 69 30.32 -1.22 -40.16
C MET B 69 29.94 -1.53 -38.70
N ASN B 70 28.68 -1.84 -38.43
CA ASN B 70 28.27 -2.21 -37.07
C ASN B 70 29.03 -3.51 -36.86
N PRO B 71 29.82 -3.58 -35.80
CA PRO B 71 30.60 -4.80 -35.58
C PRO B 71 29.75 -6.05 -35.44
N ILE B 72 28.47 -5.94 -35.09
CA ILE B 72 27.66 -7.14 -34.93
C ILE B 72 27.25 -7.73 -36.29
N TRP B 73 27.07 -6.85 -37.28
CA TRP B 73 26.62 -7.32 -38.58
C TRP B 73 27.34 -8.46 -39.34
N PRO B 74 28.65 -8.37 -39.44
CA PRO B 74 29.41 -9.40 -40.11
C PRO B 74 29.24 -10.73 -39.40
N ILE B 75 29.21 -10.70 -38.06
CA ILE B 75 29.06 -11.98 -37.37
C ILE B 75 27.74 -12.61 -37.68
N VAL B 76 26.73 -11.75 -37.67
CA VAL B 76 25.40 -12.26 -37.91
C VAL B 76 25.21 -12.68 -39.35
N ASN B 77 25.53 -11.73 -40.21
CA ASN B 77 25.27 -11.98 -41.61
C ASN B 77 26.29 -12.73 -42.44
N SER B 78 27.49 -12.96 -41.92
CA SER B 78 28.53 -13.65 -42.67
C SER B 78 29.14 -14.78 -41.87
N THR B 79 29.69 -14.47 -40.70
CA THR B 79 30.28 -15.57 -40.00
C THR B 79 29.30 -16.66 -39.67
N LEU B 80 28.16 -16.28 -39.12
CA LEU B 80 27.23 -17.31 -38.76
C LEU B 80 26.14 -17.55 -39.77
N LYS B 81 25.87 -16.58 -40.64
CA LYS B 81 24.75 -16.84 -41.55
C LYS B 81 23.44 -17.06 -40.80
N LEU B 82 23.09 -16.19 -39.86
CA LEU B 82 21.81 -16.36 -39.17
C LEU B 82 20.73 -15.84 -40.14
N ARG B 83 19.60 -16.58 -40.19
CA ARG B 83 18.54 -16.19 -41.11
C ARG B 83 18.04 -14.82 -40.67
N ASN B 84 17.84 -13.91 -41.61
CA ASN B 84 17.39 -12.58 -41.20
C ASN B 84 16.76 -11.82 -42.35
N PHE B 85 16.00 -10.76 -42.06
CA PHE B 85 15.33 -9.96 -43.08
C PHE B 85 15.31 -8.46 -42.76
N ARG B 86 15.57 -7.61 -43.76
CA ARG B 86 15.57 -6.17 -43.59
C ARG B 86 14.14 -5.76 -43.29
N SER B 87 13.92 -4.92 -42.27
CA SER B 87 12.56 -4.50 -41.99
C SER B 87 12.25 -3.32 -42.89
N ASP B 88 11.08 -3.27 -43.52
CA ASP B 88 10.78 -2.10 -44.36
C ASP B 88 9.63 -1.32 -43.77
N PHE B 89 9.84 -0.09 -43.30
CA PHE B 89 8.73 0.63 -42.69
C PHE B 89 8.11 1.64 -43.61
N ASP B 90 8.45 1.59 -44.88
CA ASP B 90 7.92 2.60 -45.76
C ASP B 90 6.42 2.58 -46.03
N TYR B 91 5.70 1.53 -45.65
CA TYR B 91 4.27 1.49 -45.97
C TYR B 91 3.35 1.67 -44.79
N LEU B 92 3.88 2.24 -43.70
CA LEU B 92 3.03 2.38 -42.52
C LEU B 92 1.76 3.17 -42.79
N ALA B 93 1.90 4.17 -43.66
CA ALA B 93 0.75 5.02 -43.94
C ALA B 93 -0.48 4.27 -44.47
N GLN B 94 -0.27 3.07 -45.03
CA GLN B 94 -1.41 2.31 -45.52
C GLN B 94 -1.87 1.35 -44.45
N ASN B 95 -1.23 1.42 -43.29
CA ASN B 95 -1.55 0.42 -42.28
C ASN B 95 -1.85 0.95 -40.90
N VAL B 96 -2.56 2.07 -40.79
CA VAL B 96 -2.90 2.57 -39.46
C VAL B 96 -4.37 2.30 -39.24
N TYR B 97 -4.70 1.51 -38.24
CA TYR B 97 -6.11 1.17 -38.00
C TYR B 97 -6.82 2.15 -37.08
N LYS B 98 -8.07 2.45 -37.37
CA LYS B 98 -8.89 3.31 -36.55
C LYS B 98 -9.32 2.61 -35.28
N GLU B 99 -9.48 3.33 -34.19
CA GLU B 99 -9.86 2.69 -32.93
C GLU B 99 -11.03 1.77 -33.11
N ASP B 100 -11.97 2.26 -33.93
CA ASP B 100 -13.20 1.59 -34.24
C ASP B 100 -13.39 1.01 -35.65
N GLY B 101 -12.38 0.28 -36.11
CA GLY B 101 -12.43 -0.36 -37.39
C GLY B 101 -11.92 0.21 -38.71
N GLY B 102 -11.14 -0.62 -39.37
CA GLY B 102 -10.59 -0.25 -40.66
C GLY B 102 -9.42 0.71 -40.63
N VAL B 103 -8.76 0.85 -41.77
CA VAL B 103 -7.63 1.76 -41.80
C VAL B 103 -7.93 3.17 -42.23
N TYR B 104 -7.06 4.09 -41.82
CA TYR B 104 -7.22 5.49 -42.19
C TYR B 104 -6.74 5.66 -43.63
N ASP B 105 -7.17 6.77 -44.23
CA ASP B 105 -6.75 7.10 -45.58
C ASP B 105 -5.23 7.33 -45.58
N GLU B 106 -4.59 6.68 -46.55
CA GLU B 106 -3.14 6.70 -46.69
C GLU B 106 -2.57 8.07 -46.84
N ASP B 107 -3.23 8.88 -47.64
CA ASP B 107 -2.69 10.21 -47.83
C ASP B 107 -2.80 11.07 -46.57
N TYR B 108 -3.90 10.91 -45.85
CA TYR B 108 -4.05 11.63 -44.62
C TYR B 108 -2.88 11.15 -43.71
N VAL B 109 -2.71 9.84 -43.56
CA VAL B 109 -1.64 9.38 -42.65
C VAL B 109 -0.25 9.82 -43.10
N GLN B 110 0.05 9.67 -44.39
CA GLN B 110 1.36 10.09 -44.83
C GLN B 110 1.73 11.55 -44.50
N LYS B 111 0.72 12.41 -44.57
CA LYS B 111 1.00 13.80 -44.24
C LYS B 111 1.36 13.92 -42.75
N ARG B 112 0.64 13.22 -41.88
CA ARG B 112 0.97 13.36 -40.46
C ARG B 112 2.38 12.83 -40.25
N ILE B 113 2.76 11.77 -40.97
CA ILE B 113 4.10 11.22 -40.79
C ILE B 113 5.14 12.19 -41.26
N GLU B 114 4.78 12.84 -42.34
CA GLU B 114 5.76 13.80 -42.84
C GLU B 114 5.88 14.95 -41.86
N LEU B 115 4.77 15.38 -41.26
CA LEU B 115 4.98 16.49 -40.31
C LEU B 115 5.88 16.04 -39.16
N ALA B 116 5.61 14.84 -38.65
CA ALA B 116 6.37 14.38 -37.48
C ALA B 116 7.83 14.28 -37.81
N ASP B 117 8.09 13.79 -39.02
CA ASP B 117 9.48 13.64 -39.41
C ASP B 117 10.17 15.01 -39.54
N SER B 118 9.44 16.00 -40.06
CA SER B 118 10.07 17.30 -40.20
C SER B 118 10.37 17.93 -38.84
N VAL B 119 9.50 17.71 -37.86
CA VAL B 119 9.78 18.25 -36.53
C VAL B 119 11.06 17.60 -36.02
N GLU B 120 11.13 16.29 -36.21
CA GLU B 120 12.33 15.67 -35.67
C GLU B 120 13.61 16.19 -36.33
N GLU B 121 13.52 16.40 -37.63
CA GLU B 121 14.73 16.90 -38.31
C GLU B 121 15.07 18.27 -37.73
N MET B 122 14.07 19.12 -37.52
CA MET B 122 14.42 20.41 -36.93
C MET B 122 15.02 20.09 -35.59
N GLY B 123 14.55 19.03 -34.95
CA GLY B 123 15.17 18.81 -33.64
C GLY B 123 16.64 18.39 -33.76
N GLU B 124 16.99 17.70 -34.84
CA GLU B 124 18.39 17.33 -34.93
C GLU B 124 19.27 18.57 -35.07
N LYS B 125 18.79 19.58 -35.77
CA LYS B 125 19.65 20.76 -35.90
C LYS B 125 19.86 21.46 -34.56
N LEU B 126 18.84 21.50 -33.73
CA LEU B 126 18.96 22.19 -32.46
C LEU B 126 19.94 21.43 -31.62
N SER B 127 19.75 20.13 -31.58
CA SER B 127 20.62 19.27 -30.75
C SER B 127 22.12 19.45 -31.00
N ALA B 128 22.47 19.60 -32.28
CA ALA B 128 23.90 19.75 -32.65
C ALA B 128 24.49 20.98 -31.97
N THR B 129 23.62 21.96 -31.71
CA THR B 129 24.13 23.22 -31.14
C THR B 129 24.18 23.29 -29.64
N LEU B 130 23.53 22.37 -28.96
CA LEU B 130 23.52 22.42 -27.48
C LEU B 130 24.88 22.19 -26.83
N HIS B 131 25.09 22.86 -25.71
CA HIS B 131 26.34 22.74 -24.99
C HIS B 131 26.64 21.26 -24.67
N ALA B 132 27.89 20.91 -24.94
CA ALA B 132 28.34 19.54 -24.74
C ALA B 132 28.18 19.06 -23.30
N SER B 133 28.09 19.95 -22.34
CA SER B 133 27.93 19.47 -20.97
C SER B 133 26.53 18.83 -20.77
N GLY B 134 25.57 19.11 -21.65
CA GLY B 134 24.22 18.55 -21.43
C GLY B 134 23.42 19.52 -20.60
N ARG B 135 24.10 20.55 -20.13
CA ARG B 135 23.37 21.53 -19.34
C ARG B 135 22.21 22.24 -20.03
N ASP B 136 22.16 22.30 -21.36
CA ASP B 136 21.02 22.99 -21.95
C ASP B 136 20.10 21.92 -22.56
N ASP B 137 20.19 20.66 -22.14
CA ASP B 137 19.35 19.66 -22.79
C ASP B 137 17.88 19.92 -22.51
N MET B 138 16.97 19.29 -23.25
CA MET B 138 15.52 19.42 -22.99
C MET B 138 14.92 18.08 -23.46
N SER B 139 13.66 17.82 -23.14
CA SER B 139 13.05 16.55 -23.56
C SER B 139 12.71 16.61 -25.03
N ILE B 140 12.50 15.44 -25.63
CA ILE B 140 12.12 15.42 -27.05
C ILE B 140 10.80 16.16 -27.11
N LEU B 141 9.93 15.97 -26.12
CA LEU B 141 8.63 16.69 -26.17
C LEU B 141 8.75 18.24 -26.25
N ALA B 142 9.65 18.80 -25.43
CA ALA B 142 9.82 20.26 -25.42
C ALA B 142 10.22 20.71 -26.85
N MET B 143 11.08 19.92 -27.48
CA MET B 143 11.51 20.23 -28.85
C MET B 143 10.28 20.15 -29.74
N GLN B 144 9.42 19.15 -29.54
CA GLN B 144 8.23 19.08 -30.39
C GLN B 144 7.34 20.30 -30.23
N ARG B 145 7.10 20.68 -28.99
CA ARG B 145 6.23 21.86 -28.75
C ARG B 145 6.81 23.09 -29.49
N LEU B 146 8.12 23.23 -29.34
CA LEU B 146 8.85 24.38 -29.91
C LEU B 146 8.63 24.44 -31.41
N ASN B 147 8.81 23.30 -32.05
CA ASN B 147 8.63 23.27 -33.48
C ASN B 147 7.22 23.16 -33.93
N GLU B 148 6.29 22.69 -33.12
CA GLU B 148 4.97 22.68 -33.71
C GLU B 148 4.26 23.94 -33.25
N HIS B 149 4.79 24.62 -32.25
CA HIS B 149 4.10 25.75 -31.64
C HIS B 149 2.80 25.37 -31.10
N GLN B 150 2.79 24.48 -30.14
CA GLN B 150 1.52 24.06 -29.53
C GLN B 150 1.92 23.83 -28.08
N PRO B 151 0.94 23.78 -27.19
CA PRO B 151 1.24 23.58 -25.78
C PRO B 151 1.26 22.08 -25.51
N ASN B 152 1.37 21.26 -26.56
CA ASN B 152 1.40 19.83 -26.28
C ASN B 152 2.03 19.23 -27.52
N GLY B 153 2.49 17.99 -27.40
CA GLY B 153 3.07 17.26 -28.53
C GLY B 153 1.89 16.56 -29.23
N PRO B 154 2.19 15.54 -30.07
CA PRO B 154 1.12 14.80 -30.79
C PRO B 154 -0.03 14.45 -29.85
N ALA B 155 -1.29 14.75 -30.19
CA ALA B 155 -2.36 14.45 -29.25
C ALA B 155 -3.66 13.79 -29.75
N THR B 156 -3.75 13.61 -31.05
CA THR B 156 -4.93 12.91 -31.61
C THR B 156 -4.43 11.45 -31.79
N PRO B 157 -5.36 10.51 -31.83
CA PRO B 157 -5.05 9.08 -31.96
C PRO B 157 -4.04 8.77 -33.04
N VAL B 158 -4.25 9.27 -34.24
CA VAL B 158 -3.26 8.97 -35.29
C VAL B 158 -1.91 9.59 -35.00
N ASP B 159 -1.88 10.88 -34.66
CA ASP B 159 -0.55 11.45 -34.41
C ASP B 159 0.12 10.81 -33.20
N MET B 160 -0.68 10.42 -32.21
CA MET B 160 -0.01 9.81 -31.06
C MET B 160 0.55 8.44 -31.44
N VAL B 161 -0.13 7.61 -32.24
CA VAL B 161 0.52 6.31 -32.49
C VAL B 161 1.71 6.50 -33.41
N VAL B 162 1.64 7.50 -34.28
CA VAL B 162 2.82 7.78 -35.10
C VAL B 162 4.01 8.18 -34.22
N ASP B 163 3.73 9.01 -33.21
CA ASP B 163 4.78 9.44 -32.24
C ASP B 163 5.31 8.20 -31.48
N TYR B 164 4.39 7.33 -31.04
CA TYR B 164 4.84 6.18 -30.27
C TYR B 164 5.72 5.31 -31.14
N TYR B 165 5.30 5.19 -32.38
CA TYR B 165 6.09 4.36 -33.29
C TYR B 165 7.47 4.96 -33.48
N LYS B 166 7.51 6.30 -33.60
CA LYS B 166 8.81 6.94 -33.85
C LYS B 166 9.72 6.96 -32.68
N PHE B 167 9.15 7.08 -31.49
CA PHE B 167 9.97 7.18 -30.30
C PHE B 167 9.92 6.05 -29.28
N ASP B 168 8.74 5.85 -28.70
CA ASP B 168 8.60 4.81 -27.66
C ASP B 168 9.01 3.44 -28.16
N TYR B 169 8.71 3.17 -29.44
CA TYR B 169 9.04 1.85 -30.01
C TYR B 169 10.55 1.70 -30.15
N GLU B 170 11.28 2.80 -30.09
CA GLU B 170 12.74 2.67 -30.19
C GLU B 170 13.34 2.80 -28.79
N PHE B 171 12.84 3.75 -28.00
CA PHE B 171 13.45 3.97 -26.67
C PHE B 171 12.78 3.38 -25.46
N ALA B 172 11.56 2.95 -25.66
CA ALA B 172 10.78 2.34 -24.60
C ALA B 172 10.31 3.28 -23.47
N GLU B 173 10.35 4.60 -23.65
CA GLU B 173 9.82 5.57 -22.66
C GLU B 173 9.34 6.71 -23.57
N PRO B 174 8.43 7.55 -23.08
CA PRO B 174 7.90 8.65 -23.93
C PRO B 174 8.89 9.76 -24.24
N PRO B 175 8.60 10.50 -25.32
CA PRO B 175 9.49 11.58 -25.68
C PRO B 175 9.63 12.54 -24.51
N ARG B 176 8.56 12.72 -23.75
CA ARG B 176 8.70 13.71 -22.69
C ARG B 176 9.69 13.38 -21.59
N VAL B 177 10.11 12.13 -21.52
CA VAL B 177 11.06 11.84 -20.44
C VAL B 177 12.44 11.70 -21.07
N THR B 178 12.49 11.60 -22.40
CA THR B 178 13.76 11.28 -23.08
C THR B 178 14.66 12.44 -23.47
N SER B 179 15.96 12.29 -23.28
CA SER B 179 16.90 13.38 -23.64
C SER B 179 16.96 13.67 -25.13
N LEU B 180 16.71 14.92 -25.51
CA LEU B 180 16.84 15.23 -26.93
C LEU B 180 18.29 15.08 -27.42
N GLN B 181 19.17 15.69 -26.66
CA GLN B 181 20.55 15.75 -27.08
C GLN B 181 21.18 14.38 -27.26
N ASN B 182 20.78 13.43 -26.41
CA ASN B 182 21.36 12.10 -26.55
C ASN B 182 20.61 11.12 -27.43
N THR B 183 19.52 11.52 -28.05
CA THR B 183 18.87 10.51 -28.89
C THR B 183 18.44 11.06 -30.22
N VAL B 184 18.48 12.36 -30.43
CA VAL B 184 18.03 12.86 -31.74
C VAL B 184 19.13 13.78 -32.27
N PRO B 185 19.91 13.39 -33.27
CA PRO B 185 19.82 12.10 -33.93
C PRO B 185 20.50 11.02 -33.10
N LEU B 186 20.25 9.76 -33.45
CA LEU B 186 20.83 8.65 -32.70
C LEU B 186 22.11 8.14 -33.37
N ALA B 187 23.20 8.09 -32.61
CA ALA B 187 24.49 7.66 -33.18
C ALA B 187 24.48 6.31 -33.88
N THR B 188 23.68 5.39 -33.32
CA THR B 188 23.60 4.05 -33.90
C THR B 188 23.23 4.19 -35.37
N PHE B 189 22.21 5.00 -35.66
CA PHE B 189 21.79 5.16 -37.07
C PHE B 189 22.72 6.08 -37.87
N SER B 190 23.18 7.16 -37.24
CA SER B 190 24.10 8.09 -37.92
C SER B 190 25.36 7.38 -38.28
N ASP B 191 25.96 6.64 -37.36
CA ASP B 191 27.20 5.97 -37.72
C ASP B 191 27.13 4.70 -38.56
N PHE B 192 26.19 3.83 -38.21
CA PHE B 192 26.11 2.54 -38.88
C PHE B 192 25.12 2.33 -40.02
N GLY B 193 24.21 3.28 -40.15
CA GLY B 193 23.22 3.14 -41.21
C GLY B 193 21.78 3.13 -40.65
N ASP B 194 20.85 3.55 -41.51
CA ASP B 194 19.45 3.56 -41.11
C ASP B 194 18.80 2.20 -41.20
N ASP B 195 19.39 1.18 -41.77
CA ASP B 195 18.59 -0.02 -41.81
C ASP B 195 18.73 -0.86 -40.55
N VAL B 196 17.74 -1.75 -40.40
CA VAL B 196 17.66 -2.73 -39.31
C VAL B 196 17.24 -4.09 -39.90
N TYR B 197 17.84 -5.16 -39.38
CA TYR B 197 17.55 -6.51 -39.86
C TYR B 197 17.12 -7.36 -38.68
N PHE B 198 15.95 -7.94 -38.84
CA PHE B 198 15.31 -8.82 -37.83
C PHE B 198 15.88 -10.24 -37.94
N VAL B 199 16.50 -10.73 -36.89
CA VAL B 199 17.03 -12.08 -36.94
C VAL B 199 15.95 -13.11 -36.67
N ALA B 200 15.77 -14.11 -37.52
CA ALA B 200 14.72 -15.10 -37.27
C ALA B 200 15.33 -16.44 -37.58
N ASP B 201 16.14 -16.91 -36.67
CA ASP B 201 16.86 -18.17 -36.85
C ASP B 201 16.74 -19.04 -35.62
N GLN B 202 16.46 -20.32 -35.86
CA GLN B 202 16.25 -21.27 -34.76
C GLN B 202 17.37 -21.29 -33.75
N ARG B 203 18.53 -20.91 -34.24
CA ARG B 203 19.65 -20.90 -33.32
C ARG B 203 19.64 -19.69 -32.38
N GLY B 204 18.86 -18.68 -32.74
CA GLY B 204 18.77 -17.45 -31.95
C GLY B 204 19.88 -16.45 -32.17
N TYR B 205 19.51 -15.19 -31.96
CA TYR B 205 20.48 -14.08 -32.07
C TYR B 205 21.61 -14.33 -31.05
N GLU B 206 21.33 -15.03 -29.94
CA GLU B 206 22.33 -15.31 -28.91
C GLU B 206 23.48 -16.14 -29.48
N ALA B 207 23.28 -16.75 -30.65
CA ALA B 207 24.39 -17.50 -31.26
C ALA B 207 25.59 -16.58 -31.39
N VAL B 208 25.36 -15.28 -31.53
CA VAL B 208 26.49 -14.36 -31.67
C VAL B 208 27.35 -14.42 -30.40
N VAL B 209 26.66 -14.48 -29.27
CA VAL B 209 27.41 -14.53 -28.02
C VAL B 209 28.15 -15.89 -27.88
N TYR B 210 27.45 -16.99 -28.17
CA TYR B 210 28.10 -18.31 -28.10
C TYR B 210 29.29 -18.29 -29.04
N TYR B 211 29.16 -17.63 -30.18
CA TYR B 211 30.32 -17.60 -31.09
C TYR B 211 31.55 -16.89 -30.51
N LEU B 212 31.31 -15.73 -29.91
CA LEU B 212 32.45 -15.02 -29.34
C LEU B 212 33.09 -15.79 -28.19
N ALA B 213 32.24 -16.37 -27.35
CA ALA B 213 32.70 -17.08 -26.18
C ALA B 213 33.63 -18.22 -26.65
N GLY B 214 33.18 -18.86 -27.72
CA GLY B 214 33.92 -20.00 -28.28
C GLY B 214 35.28 -19.59 -28.83
N GLN B 215 35.48 -18.30 -29.07
CA GLN B 215 36.78 -17.89 -29.58
C GLN B 215 37.79 -17.98 -28.50
N TYR B 216 37.40 -18.17 -27.25
CA TYR B 216 38.47 -18.20 -26.27
C TYR B 216 38.21 -19.16 -25.12
N LEU B 217 37.02 -19.72 -25.04
CA LEU B 217 36.80 -20.64 -23.95
C LEU B 217 36.75 -22.02 -24.59
N LYS B 218 37.14 -23.02 -23.81
CA LYS B 218 37.12 -24.38 -24.30
C LYS B 218 35.73 -24.96 -24.54
N THR B 219 35.59 -25.68 -25.65
CA THR B 219 34.32 -26.34 -25.96
C THR B 219 34.42 -27.87 -26.27
N ASP B 220 33.33 -28.60 -26.03
CA ASP B 220 33.27 -30.03 -26.28
C ASP B 220 33.34 -30.29 -27.78
N ASP B 221 34.26 -31.18 -28.11
CA ASP B 221 34.43 -31.57 -29.50
C ASP B 221 33.19 -32.15 -30.21
N LYS B 222 32.35 -32.92 -29.54
CA LYS B 222 31.20 -33.38 -30.30
C LYS B 222 29.97 -32.50 -30.20
N SER B 223 29.70 -31.99 -29.00
CA SER B 223 28.51 -31.19 -28.73
C SER B 223 28.80 -29.74 -29.05
N GLY B 224 30.05 -29.35 -28.86
CA GLY B 224 30.44 -27.95 -29.06
C GLY B 224 30.09 -27.08 -27.83
N LYS B 225 29.65 -27.71 -26.73
CA LYS B 225 29.23 -27.08 -25.49
C LYS B 225 30.46 -26.44 -24.93
N ILE B 226 30.33 -25.29 -24.28
CA ILE B 226 31.56 -24.75 -23.76
C ILE B 226 31.79 -25.62 -22.54
N VAL B 227 33.03 -25.98 -22.27
CA VAL B 227 33.31 -26.82 -21.09
C VAL B 227 34.43 -26.20 -20.26
N ASP B 228 34.85 -25.02 -20.64
CA ASP B 228 35.91 -24.39 -19.90
C ASP B 228 35.51 -24.11 -18.44
N PRO B 229 36.36 -24.51 -17.50
CA PRO B 229 36.05 -24.29 -16.09
C PRO B 229 36.10 -22.81 -15.75
N ARG B 230 36.57 -21.96 -16.67
CA ARG B 230 36.60 -20.52 -16.35
C ARG B 230 35.21 -19.88 -16.44
N LEU B 231 34.27 -20.62 -17.01
CA LEU B 231 32.90 -20.14 -17.09
C LEU B 231 32.13 -20.93 -16.05
N GLN B 232 31.43 -20.27 -15.13
CA GLN B 232 30.63 -21.00 -14.14
C GLN B 232 29.20 -20.50 -14.16
N LEU B 233 28.26 -21.31 -14.62
CA LEU B 233 26.88 -20.89 -14.69
C LEU B 233 26.22 -21.12 -13.34
N ASN B 234 25.00 -20.63 -13.18
CA ASN B 234 24.28 -20.79 -11.92
C ASN B 234 25.06 -20.27 -10.76
N LYS B 235 25.75 -19.17 -11.01
CA LYS B 235 26.49 -18.58 -9.89
C LYS B 235 26.02 -17.14 -9.78
N VAL B 236 25.16 -16.85 -8.80
CA VAL B 236 24.63 -15.50 -8.61
C VAL B 236 25.52 -14.72 -7.67
N VAL B 237 26.22 -13.69 -8.15
CA VAL B 237 27.06 -12.91 -7.26
C VAL B 237 26.18 -12.06 -6.34
N ARG B 238 26.43 -12.16 -5.03
CA ARG B 238 25.58 -11.42 -4.11
C ARG B 238 26.43 -10.39 -3.37
N GLU B 239 27.75 -10.48 -3.41
CA GLU B 239 28.51 -9.47 -2.66
C GLU B 239 29.88 -9.30 -3.30
N ILE B 240 30.36 -8.05 -3.37
CA ILE B 240 31.66 -7.77 -3.94
C ILE B 240 32.37 -6.92 -2.90
N LYS B 241 33.48 -7.45 -2.35
CA LYS B 241 34.23 -6.71 -1.31
C LYS B 241 35.46 -6.25 -2.05
N TYR B 242 35.86 -4.98 -1.91
CA TYR B 242 37.06 -4.54 -2.64
C TYR B 242 37.92 -3.67 -1.75
N SER B 243 39.23 -3.78 -1.99
CA SER B 243 40.22 -3.02 -1.23
C SER B 243 41.42 -2.68 -2.12
N PRO B 244 42.33 -1.89 -1.54
CA PRO B 244 43.53 -1.44 -2.25
C PRO B 244 44.27 -2.62 -2.73
N GLY B 245 44.19 -3.72 -1.99
CA GLY B 245 44.91 -4.87 -2.48
C GLY B 245 44.20 -5.85 -3.39
N GLY B 246 42.88 -5.88 -3.41
CA GLY B 246 42.25 -6.87 -4.29
C GLY B 246 40.76 -6.87 -4.08
N VAL B 247 40.09 -7.93 -4.53
CA VAL B 247 38.63 -8.05 -4.36
C VAL B 247 38.22 -9.48 -4.00
N THR B 248 37.07 -9.59 -3.36
CA THR B 248 36.55 -10.88 -3.02
C THR B 248 35.12 -10.88 -3.50
N VAL B 249 34.70 -11.99 -4.08
CA VAL B 249 33.35 -12.09 -4.63
C VAL B 249 32.62 -13.30 -4.04
N LYS B 250 31.40 -13.14 -3.53
CA LYS B 250 30.61 -14.20 -2.92
C LYS B 250 29.33 -14.43 -3.69
N THR B 251 29.00 -15.70 -3.88
CA THR B 251 27.78 -16.05 -4.58
C THR B 251 26.75 -16.54 -3.59
N GLU B 252 25.51 -16.62 -4.05
CA GLU B 252 24.39 -17.09 -3.22
C GLU B 252 24.59 -18.52 -2.67
N ASP B 253 25.27 -19.37 -3.43
CA ASP B 253 25.47 -20.73 -2.96
C ASP B 253 26.70 -20.75 -2.09
N ASN B 254 27.04 -19.57 -1.59
CA ASN B 254 28.18 -19.50 -0.69
C ASN B 254 29.60 -19.69 -1.25
N SER B 255 29.77 -19.66 -2.56
CA SER B 255 31.15 -19.77 -3.05
C SER B 255 31.83 -18.46 -2.82
N VAL B 256 33.15 -18.49 -2.68
CA VAL B 256 33.90 -17.27 -2.43
C VAL B 256 35.12 -17.37 -3.33
N TYR B 257 35.39 -16.30 -4.07
CA TYR B 257 36.48 -16.28 -5.01
C TYR B 257 37.27 -15.02 -4.76
N SER B 258 38.53 -15.02 -5.18
CA SER B 258 39.38 -13.85 -5.00
C SER B 258 40.02 -13.50 -6.35
N ALA B 259 40.36 -12.23 -6.53
CA ALA B 259 40.95 -11.75 -7.77
C ALA B 259 41.62 -10.41 -7.59
N ASP B 260 42.32 -9.98 -8.64
CA ASP B 260 42.96 -8.65 -8.57
C ASP B 260 41.95 -7.58 -8.94
N TYR B 261 41.01 -7.93 -9.79
CA TYR B 261 39.98 -6.95 -10.20
C TYR B 261 38.66 -7.68 -10.47
N VAL B 262 37.55 -6.93 -10.54
CA VAL B 262 36.29 -7.57 -10.86
C VAL B 262 35.70 -6.62 -11.90
N MET B 263 34.98 -7.21 -12.85
CA MET B 263 34.31 -6.44 -13.92
C MET B 263 32.84 -6.79 -13.80
N VAL B 264 32.04 -5.78 -13.48
CA VAL B 264 30.61 -5.97 -13.33
C VAL B 264 29.78 -5.67 -14.61
N SER B 265 29.08 -6.66 -15.14
CA SER B 265 28.30 -6.43 -16.37
C SER B 265 26.77 -6.55 -16.23
N ALA B 266 26.28 -6.69 -15.01
CA ALA B 266 24.84 -6.84 -14.76
C ALA B 266 24.12 -5.57 -15.22
N SER B 267 22.85 -5.65 -15.60
CA SER B 267 22.19 -4.43 -16.07
C SER B 267 22.06 -3.27 -15.10
N LEU B 268 21.71 -2.14 -15.70
CA LEU B 268 21.49 -0.94 -14.87
C LEU B 268 20.37 -1.27 -13.88
N GLY B 269 19.35 -1.97 -14.35
CA GLY B 269 18.22 -2.29 -13.42
C GLY B 269 18.71 -3.18 -12.26
N VAL B 270 19.66 -4.05 -12.53
CA VAL B 270 20.14 -4.88 -11.41
C VAL B 270 20.88 -3.99 -10.43
N LEU B 271 21.70 -3.09 -10.99
CA LEU B 271 22.40 -2.19 -10.10
C LEU B 271 21.43 -1.31 -9.30
N GLN B 272 20.30 -0.95 -9.88
CA GLN B 272 19.39 -0.07 -9.13
C GLN B 272 18.58 -0.92 -8.12
N SER B 273 18.72 -2.24 -8.17
CA SER B 273 17.87 -3.03 -7.26
C SER B 273 18.64 -3.54 -6.05
N ASP B 274 19.94 -3.31 -5.96
CA ASP B 274 20.64 -3.84 -4.80
C ASP B 274 20.77 -5.33 -4.71
N LEU B 275 20.77 -6.05 -5.83
CA LEU B 275 20.94 -7.48 -5.74
C LEU B 275 22.39 -7.71 -5.26
N ILE B 276 23.33 -6.89 -5.71
CA ILE B 276 24.71 -7.09 -5.34
C ILE B 276 25.11 -6.14 -4.24
N GLN B 277 25.62 -6.64 -3.10
CA GLN B 277 26.03 -5.71 -2.07
C GLN B 277 27.49 -5.37 -2.27
N PHE B 278 27.83 -4.09 -2.22
CA PHE B 278 29.25 -3.68 -2.40
C PHE B 278 29.78 -3.34 -1.02
N LYS B 279 31.01 -3.74 -0.74
CA LYS B 279 31.56 -3.46 0.58
C LYS B 279 33.03 -3.07 0.43
N PRO B 280 33.34 -1.82 0.73
CA PRO B 280 32.42 -0.78 1.20
C PRO B 280 31.38 -0.33 0.16
N LYS B 281 30.33 0.30 0.69
CA LYS B 281 29.23 0.78 -0.12
C LYS B 281 29.79 1.67 -1.20
N LEU B 282 29.17 1.69 -2.38
CA LEU B 282 29.68 2.55 -3.43
C LEU B 282 29.51 4.00 -2.96
N PRO B 283 30.34 4.90 -3.50
CA PRO B 283 30.29 6.32 -3.15
C PRO B 283 29.02 6.94 -3.63
N THR B 284 28.58 7.95 -2.88
CA THR B 284 27.34 8.64 -3.18
C THR B 284 27.31 9.15 -4.61
N TRP B 285 28.42 9.68 -5.12
CA TRP B 285 28.33 10.17 -6.50
C TRP B 285 28.02 9.03 -7.44
N LYS B 286 28.51 7.83 -7.13
CA LYS B 286 28.25 6.68 -8.01
C LYS B 286 26.78 6.27 -7.86
N VAL B 287 26.36 6.16 -6.61
CA VAL B 287 24.97 5.81 -6.39
C VAL B 287 24.02 6.78 -7.07
N ARG B 288 24.28 8.06 -6.94
CA ARG B 288 23.36 8.97 -7.59
C ARG B 288 23.34 8.76 -9.09
N ALA B 289 24.52 8.50 -9.65
CA ALA B 289 24.55 8.33 -11.10
C ALA B 289 23.73 7.08 -11.51
N ILE B 290 23.86 6.06 -10.68
CA ILE B 290 23.12 4.85 -10.99
C ILE B 290 21.59 5.11 -10.96
N TYR B 291 21.08 5.78 -9.94
CA TYR B 291 19.60 5.98 -9.89
C TYR B 291 19.00 6.99 -10.86
N GLN B 292 19.84 7.93 -11.29
CA GLN B 292 19.29 8.94 -12.19
C GLN B 292 19.09 8.44 -13.62
N PHE B 293 19.86 7.45 -14.09
CA PHE B 293 19.66 6.98 -15.45
C PHE B 293 18.41 6.07 -15.45
N ASP B 294 17.75 5.86 -16.59
CA ASP B 294 16.54 5.07 -16.61
C ASP B 294 16.74 3.67 -17.17
N MET B 295 16.14 2.65 -16.54
CA MET B 295 16.15 1.27 -17.06
C MET B 295 14.73 1.10 -17.64
N ALA B 296 14.56 1.07 -18.98
CA ALA B 296 13.24 0.94 -19.58
C ALA B 296 12.78 -0.52 -19.70
N VAL B 297 11.54 -0.75 -20.10
CA VAL B 297 10.94 -2.07 -20.24
C VAL B 297 10.17 -2.09 -21.57
N TYR B 298 10.43 -3.11 -22.38
CA TYR B 298 9.86 -3.26 -23.73
C TYR B 298 9.35 -4.69 -23.79
N THR B 299 8.04 -4.85 -23.89
CA THR B 299 7.42 -6.18 -23.81
C THR B 299 6.90 -6.68 -25.12
N LYS B 300 7.47 -7.80 -25.57
CA LYS B 300 7.07 -8.37 -26.86
C LYS B 300 5.99 -9.39 -26.62
N ILE B 301 4.74 -9.03 -26.84
CA ILE B 301 3.70 -10.01 -26.59
C ILE B 301 3.39 -10.87 -27.82
N PHE B 302 3.79 -12.14 -27.80
CA PHE B 302 3.49 -13.02 -28.92
C PHE B 302 2.12 -13.69 -28.73
N LEU B 303 1.41 -13.84 -29.87
CA LEU B 303 0.07 -14.46 -29.91
C LEU B 303 -0.01 -15.49 -31.07
N LYS B 304 -0.65 -16.61 -30.78
CA LYS B 304 -0.81 -17.69 -31.77
C LYS B 304 -2.28 -17.92 -32.05
N PHE B 305 -2.65 -17.93 -33.32
CA PHE B 305 -4.07 -18.10 -33.71
C PHE B 305 -4.34 -19.36 -34.57
N PRO B 306 -5.57 -19.86 -34.50
CA PRO B 306 -5.95 -21.06 -35.26
C PRO B 306 -6.01 -20.77 -36.75
N ARG B 307 -6.22 -19.51 -37.13
CA ARG B 307 -6.22 -19.14 -38.54
C ARG B 307 -5.86 -17.67 -38.61
N LYS B 308 -5.52 -17.22 -39.80
CA LYS B 308 -5.11 -15.86 -40.11
C LYS B 308 -6.30 -14.98 -40.42
N PHE B 309 -6.34 -13.77 -39.88
CA PHE B 309 -7.44 -12.87 -40.23
C PHE B 309 -6.90 -11.48 -40.55
N TRP B 310 -5.59 -11.29 -40.60
CA TRP B 310 -5.03 -9.97 -40.89
C TRP B 310 -4.42 -10.02 -42.29
N PRO B 311 -4.15 -8.88 -42.91
CA PRO B 311 -3.53 -8.83 -44.24
C PRO B 311 -2.06 -9.27 -44.34
N GLU B 312 -1.65 -9.79 -45.50
CA GLU B 312 -0.24 -10.20 -45.73
C GLU B 312 0.10 -9.68 -47.09
N GLY B 313 1.38 -9.43 -47.33
CA GLY B 313 1.71 -8.90 -48.64
C GLY B 313 2.59 -7.70 -48.44
N LYS B 314 2.80 -7.03 -49.56
CA LYS B 314 3.66 -5.86 -49.62
C LYS B 314 3.24 -4.78 -48.62
N GLY B 315 4.21 -4.40 -47.80
CA GLY B 315 3.97 -3.36 -46.82
C GLY B 315 3.10 -3.77 -45.67
N ARG B 316 2.70 -5.05 -45.59
CA ARG B 316 1.87 -5.50 -44.47
C ARG B 316 2.61 -5.96 -43.19
N GLU B 317 3.93 -6.11 -43.19
CA GLU B 317 4.60 -6.65 -42.02
C GLU B 317 4.30 -5.91 -40.72
N PHE B 318 4.25 -4.57 -40.81
CA PHE B 318 4.03 -3.71 -39.64
C PHE B 318 2.74 -2.94 -39.70
N PHE B 319 1.98 -2.88 -38.62
CA PHE B 319 0.75 -2.10 -38.70
C PHE B 319 0.53 -1.43 -37.32
N LEU B 320 -0.24 -0.36 -37.21
CA LEU B 320 -0.45 0.38 -35.96
C LEU B 320 -1.92 0.49 -35.62
N TYR B 321 -2.21 0.54 -34.30
CA TYR B 321 -3.59 0.67 -33.84
C TYR B 321 -3.67 2.06 -33.23
N ALA B 322 -4.47 2.95 -33.80
CA ALA B 322 -4.59 4.35 -33.33
C ALA B 322 -5.54 4.41 -32.14
N SER B 323 -5.12 3.98 -30.96
CA SER B 323 -6.06 4.02 -29.83
C SER B 323 -6.24 5.46 -29.28
N SER B 324 -7.37 5.78 -28.67
CA SER B 324 -7.40 7.13 -28.15
C SER B 324 -6.58 7.11 -26.86
N ARG B 325 -6.18 5.93 -26.41
CA ARG B 325 -5.37 5.79 -25.17
C ARG B 325 -3.92 5.60 -25.61
N ARG B 326 -3.06 6.61 -25.46
CA ARG B 326 -1.70 6.52 -25.96
C ARG B 326 -0.95 5.27 -25.52
N GLY B 327 -0.30 4.58 -26.45
CA GLY B 327 0.50 3.40 -26.18
C GLY B 327 -0.28 2.12 -25.87
N TYR B 328 -1.59 2.07 -26.10
CA TYR B 328 -2.44 0.91 -25.83
C TYR B 328 -2.38 -0.04 -27.03
N TYR B 329 -1.66 -1.15 -26.85
CA TYR B 329 -1.49 -2.23 -27.87
C TYR B 329 -1.35 -1.56 -29.23
N GLY B 330 -0.36 -0.67 -29.35
CA GLY B 330 -0.25 0.09 -30.60
C GLY B 330 0.58 -0.34 -31.79
N VAL B 331 1.62 -1.14 -31.54
CA VAL B 331 2.52 -1.50 -32.63
C VAL B 331 2.55 -2.99 -32.86
N TRP B 332 2.08 -3.37 -34.05
CA TRP B 332 1.93 -4.76 -34.48
C TRP B 332 2.88 -5.19 -35.58
N GLN B 333 3.24 -6.48 -35.58
CA GLN B 333 4.08 -7.07 -36.63
C GLN B 333 3.53 -8.47 -36.96
N GLU B 334 3.44 -8.80 -38.25
CA GLU B 334 2.96 -10.12 -38.73
C GLU B 334 4.15 -10.78 -39.39
N PHE B 335 4.23 -12.10 -39.29
CA PHE B 335 5.42 -12.81 -39.72
C PHE B 335 5.38 -13.62 -41.00
N GLU B 336 4.72 -13.11 -42.03
CA GLU B 336 4.68 -13.90 -43.28
C GLU B 336 6.07 -14.36 -43.72
N LYS B 337 7.15 -13.61 -43.49
CA LYS B 337 8.46 -14.12 -43.90
C LYS B 337 9.17 -14.88 -42.79
N GLN B 338 9.13 -14.36 -41.59
CA GLN B 338 9.88 -15.03 -40.53
C GLN B 338 9.36 -16.38 -40.11
N TYR B 339 8.06 -16.50 -39.87
CA TYR B 339 7.47 -17.75 -39.39
C TYR B 339 6.27 -18.07 -40.28
N PRO B 340 6.53 -18.30 -41.56
CA PRO B 340 5.42 -18.53 -42.46
C PRO B 340 4.45 -19.62 -42.03
N ASP B 341 3.19 -19.28 -42.18
CA ASP B 341 2.07 -20.14 -41.90
C ASP B 341 1.92 -20.48 -40.43
N ALA B 342 2.70 -19.86 -39.54
CA ALA B 342 2.51 -20.17 -38.13
C ALA B 342 1.33 -19.40 -37.54
N ASN B 343 0.79 -18.39 -38.22
CA ASN B 343 -0.34 -17.67 -37.60
C ASN B 343 -0.03 -16.92 -36.29
N VAL B 344 1.18 -16.39 -36.20
CA VAL B 344 1.57 -15.67 -35.03
C VAL B 344 1.56 -14.16 -35.26
N LEU B 345 1.24 -13.38 -34.21
CA LEU B 345 1.31 -11.92 -34.33
C LEU B 345 2.09 -11.56 -33.07
N LEU B 346 2.72 -10.39 -33.13
CA LEU B 346 3.52 -9.78 -32.06
C LEU B 346 3.06 -8.32 -31.87
N VAL B 347 2.57 -7.99 -30.67
CA VAL B 347 2.20 -6.60 -30.34
C VAL B 347 3.23 -6.17 -29.31
N THR B 348 3.73 -4.94 -29.45
CA THR B 348 4.76 -4.51 -28.50
C THR B 348 4.27 -3.39 -27.59
N VAL B 349 4.54 -3.47 -26.29
CA VAL B 349 4.12 -2.36 -25.41
C VAL B 349 5.34 -1.99 -24.57
N THR B 350 5.30 -0.85 -23.88
CA THR B 350 6.50 -0.52 -23.08
C THR B 350 6.07 0.22 -21.81
N ASP B 351 7.05 0.60 -21.02
CA ASP B 351 6.84 1.53 -19.91
C ASP B 351 5.62 1.27 -19.02
N GLU B 352 4.72 2.23 -18.88
CA GLU B 352 3.59 2.00 -17.96
C GLU B 352 2.77 0.78 -18.31
N GLU B 353 2.49 0.61 -19.60
CA GLU B 353 1.68 -0.56 -19.98
C GLU B 353 2.45 -1.87 -19.68
N SER B 354 3.77 -1.86 -19.90
CA SER B 354 4.53 -3.08 -19.58
C SER B 354 4.36 -3.40 -18.10
N ARG B 355 4.53 -2.37 -17.27
CA ARG B 355 4.45 -2.66 -15.83
C ARG B 355 3.07 -3.14 -15.40
N ARG B 356 2.05 -2.58 -16.07
CA ARG B 356 0.70 -3.00 -15.70
C ARG B 356 0.51 -4.49 -16.10
N ILE B 357 0.93 -4.72 -17.32
CA ILE B 357 0.73 -6.04 -17.88
C ILE B 357 1.54 -7.16 -17.19
N GLU B 358 2.77 -6.87 -16.79
CA GLU B 358 3.52 -7.91 -16.13
C GLU B 358 2.81 -8.32 -14.86
N GLN B 359 2.09 -7.36 -14.29
CA GLN B 359 1.40 -7.62 -13.01
C GLN B 359 0.04 -8.29 -13.06
N GLN B 360 -0.43 -8.74 -14.22
CA GLN B 360 -1.74 -9.38 -14.21
C GLN B 360 -1.56 -10.66 -15.05
N SER B 361 -2.60 -11.48 -15.09
CA SER B 361 -2.46 -12.74 -15.81
C SER B 361 -2.33 -12.63 -17.30
N ASP B 362 -1.70 -13.62 -17.90
CA ASP B 362 -1.64 -13.62 -19.36
C ASP B 362 -3.07 -13.69 -19.96
N GLU B 363 -4.01 -14.34 -19.25
CA GLU B 363 -5.38 -14.50 -19.76
C GLU B 363 -6.04 -13.14 -19.81
N GLN B 364 -5.75 -12.33 -18.81
CA GLN B 364 -6.38 -11.03 -18.83
C GLN B 364 -5.80 -10.21 -19.99
N THR B 365 -4.50 -10.31 -20.17
CA THR B 365 -3.92 -9.52 -21.27
C THR B 365 -4.48 -10.03 -22.60
N LYS B 366 -4.63 -11.35 -22.71
CA LYS B 366 -5.13 -11.88 -23.97
C LYS B 366 -6.53 -11.36 -24.23
N ALA B 367 -7.35 -11.28 -23.20
CA ALA B 367 -8.69 -10.76 -23.50
C ALA B 367 -8.69 -9.29 -23.90
N GLU B 368 -7.76 -8.51 -23.33
CA GLU B 368 -7.68 -7.09 -23.72
C GLU B 368 -7.29 -7.05 -25.21
N ILE B 369 -6.29 -7.86 -25.58
CA ILE B 369 -5.85 -7.87 -26.97
C ILE B 369 -6.96 -8.37 -27.91
N MET B 370 -7.74 -9.37 -27.49
CA MET B 370 -8.82 -9.80 -28.40
C MET B 370 -9.81 -8.67 -28.63
N GLN B 371 -10.12 -7.87 -27.62
CA GLN B 371 -11.10 -6.82 -27.93
C GLN B 371 -10.48 -5.84 -28.94
N VAL B 372 -9.20 -5.54 -28.77
CA VAL B 372 -8.55 -4.64 -29.76
C VAL B 372 -8.61 -5.20 -31.19
N LEU B 373 -8.21 -6.47 -31.34
CA LEU B 373 -8.23 -7.12 -32.65
C LEU B 373 -9.63 -7.15 -33.29
N ARG B 374 -10.67 -7.36 -32.50
CA ARG B 374 -12.01 -7.43 -33.07
C ARG B 374 -12.42 -6.02 -33.46
N LYS B 375 -11.91 -5.02 -32.76
CA LYS B 375 -12.30 -3.67 -33.18
C LYS B 375 -11.57 -3.36 -34.47
N MET B 376 -10.31 -3.80 -34.60
CA MET B 376 -9.56 -3.52 -35.83
C MET B 376 -10.06 -4.27 -37.05
N PHE B 377 -10.56 -5.49 -36.88
CA PHE B 377 -10.97 -6.31 -38.02
C PHE B 377 -12.40 -6.78 -37.85
N PRO B 378 -13.27 -5.79 -37.85
CA PRO B 378 -14.68 -6.03 -37.62
C PRO B 378 -15.33 -6.96 -38.65
N GLY B 379 -14.83 -6.96 -39.87
CA GLY B 379 -15.50 -7.85 -40.80
C GLY B 379 -15.08 -9.31 -40.82
N LYS B 380 -14.04 -9.59 -40.06
CA LYS B 380 -13.54 -10.95 -40.05
C LYS B 380 -14.10 -11.77 -38.89
N ASP B 381 -13.87 -13.08 -38.89
CA ASP B 381 -14.33 -13.82 -37.71
C ASP B 381 -12.99 -14.03 -37.04
N VAL B 382 -12.74 -13.23 -36.02
CA VAL B 382 -11.46 -13.26 -35.34
C VAL B 382 -11.57 -14.24 -34.23
N PRO B 383 -10.77 -15.28 -34.36
CA PRO B 383 -10.74 -16.32 -33.35
C PRO B 383 -9.81 -15.94 -32.19
N ASP B 384 -10.19 -16.39 -31.00
CA ASP B 384 -9.41 -16.18 -29.81
C ASP B 384 -8.02 -16.83 -29.99
N ALA B 385 -6.97 -16.15 -29.54
CA ALA B 385 -5.65 -16.68 -29.62
C ALA B 385 -5.63 -17.94 -28.76
N THR B 386 -4.96 -18.98 -29.22
CA THR B 386 -4.90 -20.21 -28.44
C THR B 386 -3.60 -20.19 -27.64
N ASP B 387 -2.73 -19.21 -27.86
CA ASP B 387 -1.52 -19.25 -27.05
C ASP B 387 -1.03 -17.81 -26.97
N ILE B 388 -0.37 -17.42 -25.86
CA ILE B 388 0.15 -16.06 -25.72
C ILE B 388 1.40 -16.10 -24.89
N LEU B 389 2.34 -15.23 -25.20
CA LEU B 389 3.56 -15.24 -24.40
C LEU B 389 3.86 -13.77 -23.97
N VAL B 390 3.94 -13.54 -22.67
CA VAL B 390 4.22 -12.20 -22.15
C VAL B 390 5.55 -12.26 -21.43
N PRO B 391 6.63 -11.75 -22.00
CA PRO B 391 7.97 -11.78 -21.37
C PRO B 391 7.92 -10.90 -20.13
N ARG B 392 8.51 -11.30 -19.00
CA ARG B 392 8.41 -10.47 -17.80
C ARG B 392 9.80 -10.00 -17.40
N TRP B 393 10.45 -9.22 -18.24
CA TRP B 393 11.83 -8.81 -17.90
C TRP B 393 11.95 -7.91 -16.69
N TRP B 394 10.99 -7.02 -16.48
CA TRP B 394 11.09 -6.10 -15.33
C TRP B 394 10.97 -6.91 -14.04
N SER B 395 10.13 -7.94 -14.06
CA SER B 395 10.00 -8.77 -12.86
C SER B 395 11.17 -9.71 -12.63
N ASP B 396 12.05 -9.90 -13.61
CA ASP B 396 13.15 -10.87 -13.38
C ASP B 396 14.30 -10.21 -12.65
N ARG B 397 14.65 -10.73 -11.47
CA ARG B 397 15.69 -10.07 -10.70
C ARG B 397 17.04 -9.99 -11.36
N PHE B 398 17.29 -10.80 -12.39
CA PHE B 398 18.64 -10.74 -12.99
C PHE B 398 18.61 -9.69 -14.09
N TYR B 399 17.48 -9.03 -14.32
CA TYR B 399 17.43 -8.02 -15.41
C TYR B 399 16.76 -6.70 -14.97
N LYS B 400 15.58 -6.80 -14.38
CA LYS B 400 14.86 -5.63 -13.86
C LYS B 400 14.60 -4.61 -14.98
N GLY B 401 14.30 -5.08 -16.18
CA GLY B 401 14.01 -4.15 -17.27
C GLY B 401 14.63 -4.75 -18.56
N THR B 402 14.53 -4.05 -19.69
CA THR B 402 15.04 -4.54 -20.94
C THR B 402 16.26 -3.78 -21.46
N PHE B 403 16.30 -2.45 -21.31
CA PHE B 403 17.47 -1.69 -21.75
C PHE B 403 17.39 -0.23 -21.25
N SER B 404 18.54 0.39 -21.10
CA SER B 404 18.56 1.74 -20.58
C SER B 404 18.08 2.76 -21.61
N ASN B 405 17.65 3.93 -21.11
CA ASN B 405 17.22 5.07 -21.95
C ASN B 405 17.77 6.30 -21.23
N TRP B 406 18.33 7.20 -22.02
CA TRP B 406 18.97 8.40 -21.47
C TRP B 406 17.87 9.44 -21.19
N PRO B 407 17.63 9.78 -19.93
CA PRO B 407 16.55 10.74 -19.65
C PRO B 407 16.99 12.19 -19.62
N VAL B 408 16.01 13.10 -19.72
CA VAL B 408 16.38 14.50 -19.59
C VAL B 408 16.74 14.64 -18.12
N GLY B 409 17.83 15.33 -17.85
CA GLY B 409 18.28 15.46 -16.47
C GLY B 409 19.63 14.78 -16.29
N VAL B 410 20.02 13.83 -17.12
CA VAL B 410 21.34 13.26 -16.81
C VAL B 410 22.28 13.96 -17.76
N ASN B 411 23.36 14.52 -17.23
CA ASN B 411 24.29 15.20 -18.09
C ASN B 411 25.52 14.38 -18.38
N ARG B 412 26.37 14.96 -19.23
CA ARG B 412 27.55 14.22 -19.66
C ARG B 412 28.43 13.70 -18.56
N TYR B 413 28.69 14.58 -17.61
CA TYR B 413 29.57 14.16 -16.55
C TYR B 413 28.89 13.08 -15.70
N GLU B 414 27.60 13.25 -15.47
CA GLU B 414 26.89 12.27 -14.67
C GLU B 414 26.90 10.94 -15.42
N TYR B 415 26.82 10.95 -16.75
CA TYR B 415 26.81 9.65 -17.42
C TYR B 415 28.20 9.07 -17.25
N ASP B 416 29.22 9.89 -17.25
CA ASP B 416 30.54 9.29 -17.11
C ASP B 416 30.66 8.68 -15.71
N GLN B 417 30.03 9.31 -14.72
CA GLN B 417 30.14 8.76 -13.35
C GLN B 417 29.48 7.39 -13.31
N LEU B 418 28.48 7.19 -14.17
CA LEU B 418 27.79 5.89 -14.20
C LEU B 418 28.78 4.83 -14.65
N ARG B 419 29.64 5.16 -15.62
CA ARG B 419 30.58 4.17 -16.12
C ARG B 419 31.85 4.00 -15.27
N ALA B 420 32.18 5.07 -14.56
CA ALA B 420 33.49 5.04 -13.88
C ALA B 420 33.74 3.88 -12.91
N PRO B 421 34.97 3.38 -12.89
CA PRO B 421 35.36 2.27 -11.97
C PRO B 421 35.45 2.79 -10.54
N VAL B 422 35.45 1.90 -9.55
CA VAL B 422 35.56 2.35 -8.15
C VAL B 422 36.62 1.41 -7.65
N GLY B 423 37.80 1.95 -7.42
CA GLY B 423 38.91 1.11 -7.00
C GLY B 423 39.14 0.00 -8.03
N ARG B 424 39.21 -1.24 -7.53
CA ARG B 424 39.45 -2.37 -8.42
C ARG B 424 38.13 -2.86 -9.03
N VAL B 425 37.05 -2.12 -8.81
CA VAL B 425 35.77 -2.56 -9.38
C VAL B 425 35.46 -1.78 -10.67
N TYR B 426 35.39 -2.53 -11.78
CA TYR B 426 35.08 -1.96 -13.10
C TYR B 426 33.65 -2.25 -13.53
N PHE B 427 33.10 -1.38 -14.37
CA PHE B 427 31.73 -1.61 -14.82
C PHE B 427 31.67 -1.68 -16.32
N THR B 428 30.76 -2.48 -16.82
CA THR B 428 30.58 -2.58 -18.27
C THR B 428 29.09 -2.87 -18.51
N GLY B 429 28.68 -2.95 -19.76
CA GLY B 429 27.27 -3.22 -20.06
C GLY B 429 26.77 -2.12 -21.02
N GLU B 430 25.63 -2.39 -21.66
CA GLU B 430 25.09 -1.39 -22.59
C GLU B 430 24.92 -0.03 -21.96
N HIS B 431 24.57 0.03 -20.67
CA HIS B 431 24.37 1.33 -20.01
C HIS B 431 25.71 2.05 -19.80
N THR B 432 26.83 1.41 -20.16
CA THR B 432 28.10 2.13 -20.05
C THR B 432 28.60 2.46 -21.46
N SER B 433 27.81 2.24 -22.51
CA SER B 433 28.26 2.53 -23.88
C SER B 433 28.15 4.04 -24.10
N GLU B 434 29.30 4.64 -24.44
CA GLU B 434 29.37 6.08 -24.65
C GLU B 434 28.38 6.62 -25.68
N HIS B 435 28.26 5.90 -26.78
CA HIS B 435 27.32 6.38 -27.79
C HIS B 435 26.28 5.40 -28.26
N TYR B 436 26.34 4.17 -27.75
CA TYR B 436 25.32 3.22 -28.20
C TYR B 436 24.57 2.58 -27.03
N ASN B 437 24.21 3.32 -25.97
CA ASN B 437 23.51 2.71 -24.84
C ASN B 437 22.22 2.12 -25.36
N GLY B 438 21.77 0.99 -24.83
CA GLY B 438 20.51 0.37 -25.25
C GLY B 438 20.53 -0.71 -26.34
N TYR B 439 21.72 -1.00 -26.90
CA TYR B 439 21.83 -1.94 -28.03
C TYR B 439 22.80 -3.09 -27.89
N VAL B 440 22.64 -4.12 -28.72
CA VAL B 440 23.61 -5.24 -28.65
C VAL B 440 25.01 -4.78 -29.03
N HIS B 441 25.08 -3.93 -30.05
CA HIS B 441 26.40 -3.46 -30.43
C HIS B 441 26.99 -2.56 -29.35
N GLY B 442 26.10 -1.88 -28.65
CA GLY B 442 26.64 -1.05 -27.55
C GLY B 442 27.17 -1.98 -26.41
N ALA B 443 26.49 -3.10 -26.15
CA ALA B 443 27.03 -3.98 -25.09
C ALA B 443 28.39 -4.53 -25.57
N TYR B 444 28.39 -4.97 -26.83
CA TYR B 444 29.62 -5.57 -27.36
C TYR B 444 30.81 -4.60 -27.22
N LEU B 445 30.62 -3.38 -27.72
CA LEU B 445 31.68 -2.38 -27.65
C LEU B 445 32.02 -1.96 -26.23
N SER B 446 31.02 -1.92 -25.35
CA SER B 446 31.32 -1.48 -23.95
C SER B 446 32.18 -2.56 -23.33
N GLY B 447 32.01 -3.83 -23.70
CA GLY B 447 32.86 -4.85 -23.06
C GLY B 447 34.35 -4.61 -23.40
N ILE B 448 34.63 -4.29 -24.65
CA ILE B 448 36.01 -4.05 -25.07
C ILE B 448 36.52 -2.77 -24.43
N ASP B 449 35.68 -1.74 -24.42
CA ASP B 449 36.20 -0.54 -23.80
C ASP B 449 36.55 -0.65 -22.32
N SER B 450 35.69 -1.28 -21.54
CA SER B 450 35.95 -1.40 -20.10
C SER B 450 37.18 -2.28 -19.90
N ALA B 451 37.26 -3.36 -20.69
CA ALA B 451 38.42 -4.24 -20.57
C ALA B 451 39.72 -3.48 -20.82
N GLU B 452 39.66 -2.60 -21.82
CA GLU B 452 40.86 -1.84 -22.12
C GLU B 452 41.24 -0.92 -20.98
N ILE B 453 40.25 -0.33 -20.35
CA ILE B 453 40.66 0.52 -19.24
C ILE B 453 41.29 -0.38 -18.17
N LEU B 454 40.72 -1.57 -18.00
CA LEU B 454 41.30 -2.40 -16.98
C LEU B 454 42.69 -2.82 -17.42
N ILE B 455 42.85 -3.12 -18.71
CA ILE B 455 44.17 -3.51 -19.18
C ILE B 455 45.24 -2.44 -18.94
N ASN B 456 44.86 -1.19 -19.15
CA ASN B 456 45.82 -0.12 -18.89
C ASN B 456 46.25 -0.07 -17.45
N CYS B 457 45.29 -0.22 -16.56
CA CYS B 457 45.66 -0.12 -15.17
C CYS B 457 46.57 -1.30 -14.86
N ALA B 458 46.08 -2.49 -15.19
CA ALA B 458 46.80 -3.71 -14.92
C ALA B 458 48.10 -3.87 -15.69
N GLN B 459 48.13 -3.57 -16.97
CA GLN B 459 49.37 -3.83 -17.65
C GLN B 459 50.25 -2.63 -17.79
N LYS B 460 49.68 -1.46 -17.91
CA LYS B 460 50.58 -0.35 -18.12
C LYS B 460 50.66 0.47 -16.88
N LYS B 461 50.03 -0.03 -15.83
CA LYS B 461 50.05 0.77 -14.63
C LYS B 461 49.48 2.18 -14.80
N MET B 462 48.52 2.33 -15.70
CA MET B 462 47.87 3.63 -15.83
C MET B 462 46.50 3.29 -15.18
N CYS B 463 46.31 3.72 -13.94
CA CYS B 463 45.12 3.44 -13.15
C CYS B 463 44.15 4.59 -12.88
N LYS B 464 44.53 5.80 -13.29
CA LYS B 464 43.66 6.96 -13.05
C LYS B 464 42.57 6.97 -14.12
N TYR B 465 41.31 7.17 -13.77
CA TYR B 465 40.33 7.16 -14.84
C TYR B 465 40.08 8.39 -15.77
N HIS B 466 39.51 9.49 -15.28
CA HIS B 466 39.27 10.65 -16.17
C HIS B 466 39.73 11.89 -15.44
N PRO C 5 -5.06 -11.15 66.52
CA PRO C 5 -4.20 -10.71 65.41
C PRO C 5 -5.02 -10.11 64.29
N ARG C 6 -4.41 -9.17 63.61
CA ARG C 6 -5.08 -8.51 62.52
C ARG C 6 -4.63 -9.22 61.26
N VAL C 7 -5.61 -9.59 60.43
CA VAL C 7 -5.32 -10.29 59.18
C VAL C 7 -6.01 -9.57 58.04
N ILE C 8 -5.25 -9.26 57.01
CA ILE C 8 -5.79 -8.66 55.80
C ILE C 8 -5.98 -9.81 54.80
N VAL C 9 -7.17 -9.86 54.21
CA VAL C 9 -7.50 -10.89 53.23
C VAL C 9 -7.65 -10.16 51.92
N VAL C 10 -6.82 -10.58 50.97
CA VAL C 10 -6.87 -10.00 49.62
C VAL C 10 -7.85 -10.77 48.77
N GLY C 11 -8.96 -10.13 48.35
CA GLY C 11 -9.98 -10.75 47.48
C GLY C 11 -11.20 -11.22 48.25
N ALA C 12 -12.38 -10.91 47.71
CA ALA C 12 -13.62 -11.32 48.34
C ALA C 12 -14.40 -12.30 47.42
N GLY C 13 -13.66 -13.26 46.87
CA GLY C 13 -14.19 -14.33 46.03
C GLY C 13 -14.64 -15.42 46.99
N MET C 14 -15.04 -16.59 46.47
CA MET C 14 -15.49 -17.62 47.42
C MET C 14 -14.43 -17.98 48.49
N SER C 15 -13.18 -18.11 48.09
CA SER C 15 -12.17 -18.53 49.07
C SER C 15 -11.85 -17.42 50.04
N GLY C 16 -11.84 -16.16 49.60
CA GLY C 16 -11.56 -15.07 50.57
C GLY C 16 -12.68 -14.99 51.64
N ILE C 17 -13.94 -15.05 51.23
CA ILE C 17 -15.03 -14.94 52.19
C ILE C 17 -15.10 -16.18 53.06
N SER C 18 -14.80 -17.32 52.47
CA SER C 18 -14.81 -18.55 53.25
C SER C 18 -13.65 -18.51 54.29
N ALA C 19 -12.47 -18.05 53.90
CA ALA C 19 -11.35 -17.99 54.84
C ALA C 19 -11.67 -16.99 55.97
N ALA C 20 -12.14 -15.82 55.60
CA ALA C 20 -12.46 -14.86 56.62
C ALA C 20 -13.53 -15.41 57.53
N LYS C 21 -14.46 -16.18 56.99
CA LYS C 21 -15.51 -16.71 57.86
C LYS C 21 -14.92 -17.67 58.87
N ARG C 22 -13.99 -18.49 58.43
CA ARG C 22 -13.41 -19.44 59.37
C ARG C 22 -12.53 -18.73 60.43
N LEU C 23 -11.87 -17.66 60.01
CA LEU C 23 -11.04 -16.88 60.95
C LEU C 23 -11.95 -16.32 62.04
N SER C 24 -13.04 -15.71 61.60
CA SER C 24 -13.98 -15.11 62.53
C SER C 24 -14.46 -16.19 63.50
N GLU C 25 -14.67 -17.40 63.01
CA GLU C 25 -15.15 -18.40 63.95
C GLU C 25 -14.11 -18.77 64.96
N ALA C 26 -12.82 -18.53 64.69
CA ALA C 26 -11.77 -18.91 65.65
C ALA C 26 -11.61 -17.74 66.55
N GLY C 27 -12.42 -16.74 66.32
CA GLY C 27 -12.24 -15.61 67.19
C GLY C 27 -11.34 -14.57 66.58
N ILE C 28 -10.84 -14.75 65.37
CA ILE C 28 -10.02 -13.66 64.83
C ILE C 28 -10.93 -12.76 64.05
N THR C 29 -11.36 -11.67 64.66
CA THR C 29 -12.29 -10.76 64.00
C THR C 29 -11.67 -9.49 63.57
N ASP C 30 -10.41 -9.25 63.92
CA ASP C 30 -9.78 -8.00 63.44
C ASP C 30 -9.30 -8.36 62.02
N LEU C 31 -10.27 -8.31 61.10
CA LEU C 31 -10.05 -8.64 59.69
C LEU C 31 -10.23 -7.45 58.77
N LEU C 32 -9.55 -7.44 57.64
CA LEU C 32 -9.75 -6.34 56.70
C LEU C 32 -9.75 -7.08 55.35
N ILE C 33 -10.90 -7.14 54.69
CA ILE C 33 -10.96 -7.79 53.37
C ILE C 33 -10.92 -6.71 52.28
N LEU C 34 -9.88 -6.77 51.47
CA LEU C 34 -9.73 -5.81 50.37
C LEU C 34 -10.03 -6.49 49.02
N GLU C 35 -11.10 -6.05 48.36
CA GLU C 35 -11.56 -6.61 47.08
C GLU C 35 -11.34 -5.61 45.98
N ALA C 36 -10.69 -6.06 44.91
CA ALA C 36 -10.41 -5.14 43.81
C ALA C 36 -11.64 -4.55 43.09
N THR C 37 -12.69 -5.36 42.88
CA THR C 37 -13.83 -4.89 42.09
C THR C 37 -14.85 -4.22 42.96
N ASP C 38 -15.96 -3.85 42.36
CA ASP C 38 -16.96 -3.21 43.19
C ASP C 38 -17.93 -4.22 43.77
N HIS C 39 -17.57 -5.50 43.86
CA HIS C 39 -18.54 -6.45 44.44
C HIS C 39 -17.81 -7.67 44.88
N ILE C 40 -18.48 -8.51 45.68
CA ILE C 40 -17.92 -9.79 46.13
C ILE C 40 -18.38 -10.96 45.18
N GLY C 41 -17.79 -12.15 45.33
CA GLY C 41 -18.19 -13.32 44.53
C GLY C 41 -17.12 -13.73 43.50
N GLY C 42 -16.31 -12.78 43.06
CA GLY C 42 -15.22 -13.09 42.10
C GLY C 42 -15.68 -13.91 40.89
N ARG C 43 -15.13 -15.12 40.75
CA ARG C 43 -15.46 -15.98 39.61
C ARG C 43 -16.89 -16.53 39.56
N MET C 44 -17.69 -16.21 40.57
CA MET C 44 -19.13 -16.59 40.63
C MET C 44 -19.77 -15.24 40.41
N HIS C 45 -20.18 -15.03 39.17
CA HIS C 45 -20.72 -13.73 38.86
C HIS C 45 -21.69 -13.71 37.68
N LYS C 46 -22.87 -13.15 37.98
CA LYS C 46 -23.91 -13.12 36.96
C LYS C 46 -24.00 -11.80 36.23
N THR C 47 -24.71 -11.76 35.12
CA THR C 47 -24.92 -10.50 34.43
C THR C 47 -26.20 -10.55 33.63
N ASN C 48 -26.80 -9.40 33.42
CA ASN C 48 -28.04 -9.46 32.66
C ASN C 48 -27.77 -9.62 31.16
N PHE C 49 -28.44 -10.55 30.48
CA PHE C 49 -28.21 -10.69 29.05
C PHE C 49 -29.57 -11.09 28.53
N ALA C 50 -30.00 -10.34 27.53
CA ALA C 50 -31.29 -10.65 26.90
C ALA C 50 -32.39 -10.68 27.95
N GLY C 51 -32.30 -9.71 28.86
CA GLY C 51 -33.27 -9.66 29.93
C GLY C 51 -33.28 -10.85 30.89
N ILE C 52 -32.18 -11.56 31.00
CA ILE C 52 -32.15 -12.63 31.99
C ILE C 52 -30.75 -12.53 32.59
N ASN C 53 -30.57 -13.02 33.81
CA ASN C 53 -29.24 -13.00 34.42
C ASN C 53 -28.62 -14.34 34.06
N VAL C 54 -27.46 -14.34 33.40
CA VAL C 54 -26.79 -15.60 33.05
C VAL C 54 -25.48 -15.54 33.84
N GLU C 55 -24.85 -16.69 33.95
CA GLU C 55 -23.56 -16.79 34.67
C GLU C 55 -22.38 -16.52 33.73
N LEU C 56 -21.55 -15.53 34.05
CA LEU C 56 -20.36 -15.29 33.24
C LEU C 56 -19.29 -16.25 33.69
N GLY C 57 -19.40 -16.80 34.90
CA GLY C 57 -18.35 -17.70 35.39
C GLY C 57 -18.93 -19.04 35.83
N ALA C 58 -18.71 -19.52 37.05
CA ALA C 58 -19.20 -20.83 37.41
C ALA C 58 -20.69 -20.96 37.17
N ASN C 59 -21.23 -22.13 36.83
CA ASN C 59 -22.68 -22.24 36.61
C ASN C 59 -23.20 -23.56 37.16
N TRP C 60 -22.31 -24.52 37.43
CA TRP C 60 -22.75 -25.81 37.96
C TRP C 60 -22.21 -26.11 39.35
N VAL C 61 -22.97 -26.91 40.09
CA VAL C 61 -22.50 -27.47 41.33
C VAL C 61 -22.08 -28.84 40.73
N GLU C 62 -20.78 -29.12 40.72
CA GLU C 62 -20.24 -30.36 40.15
C GLU C 62 -19.88 -31.38 41.20
N GLY C 63 -20.39 -32.60 41.06
CA GLY C 63 -20.15 -33.67 42.01
C GLY C 63 -21.29 -33.72 43.01
N VAL C 64 -22.34 -34.47 42.72
CA VAL C 64 -23.51 -34.58 43.59
C VAL C 64 -24.01 -36.01 43.43
N ASN C 65 -24.69 -36.51 44.49
CA ASN C 65 -25.28 -37.85 44.54
C ASN C 65 -24.28 -38.93 44.84
N GLY C 66 -23.04 -38.55 45.18
CA GLY C 66 -22.05 -39.57 45.46
C GLY C 66 -21.97 -39.96 46.94
N GLY C 67 -20.86 -40.61 47.27
CA GLY C 67 -20.60 -41.10 48.62
C GLY C 67 -20.37 -40.06 49.70
N LYS C 68 -19.94 -38.85 49.36
CA LYS C 68 -19.77 -37.85 50.39
C LYS C 68 -20.59 -36.69 49.83
N MET C 69 -21.03 -35.80 50.72
CA MET C 69 -21.84 -34.65 50.29
C MET C 69 -20.98 -33.48 49.85
N ASN C 70 -21.19 -32.90 48.68
CA ASN C 70 -20.40 -31.75 48.25
C ASN C 70 -20.94 -30.62 49.12
N PRO C 71 -20.06 -29.95 49.84
CA PRO C 71 -20.51 -28.95 50.79
C PRO C 71 -21.29 -27.83 50.14
N ILE C 72 -21.10 -27.59 48.85
CA ILE C 72 -21.90 -26.49 48.29
C ILE C 72 -23.37 -26.88 48.01
N TRP C 73 -23.54 -28.19 47.82
CA TRP C 73 -24.86 -28.67 47.41
C TRP C 73 -26.02 -28.30 48.34
N PRO C 74 -25.82 -28.57 49.63
CA PRO C 74 -26.90 -28.24 50.54
C PRO C 74 -27.17 -26.76 50.54
N ILE C 75 -26.13 -25.96 50.35
CA ILE C 75 -26.40 -24.53 50.43
C ILE C 75 -27.29 -24.18 49.23
N VAL C 76 -26.92 -24.74 48.08
CA VAL C 76 -27.69 -24.43 46.89
C VAL C 76 -29.11 -25.00 46.84
N ASN C 77 -29.15 -26.30 47.13
CA ASN C 77 -30.39 -27.03 47.03
C ASN C 77 -31.31 -26.98 48.17
N SER C 78 -30.80 -26.63 49.33
CA SER C 78 -31.64 -26.59 50.51
C SER C 78 -31.68 -25.26 51.24
N THR C 79 -30.54 -24.69 51.58
CA THR C 79 -30.63 -23.43 52.28
C THR C 79 -31.18 -22.35 51.40
N LEU C 80 -30.60 -22.14 50.23
CA LEU C 80 -31.10 -21.06 49.41
C LEU C 80 -32.16 -21.50 48.44
N LYS C 81 -32.20 -22.79 48.14
CA LYS C 81 -33.16 -23.31 47.15
C LYS C 81 -32.99 -22.57 45.82
N LEU C 82 -31.78 -22.45 45.30
CA LEU C 82 -31.67 -21.77 44.01
C LEU C 82 -32.21 -22.75 42.97
N ARG C 83 -32.88 -22.22 41.98
CA ARG C 83 -33.44 -23.06 40.89
C ARG C 83 -32.30 -23.74 40.11
N ASN C 84 -32.42 -25.05 39.90
CA ASN C 84 -31.37 -25.79 39.22
C ASN C 84 -31.85 -27.03 38.49
N PHE C 85 -30.99 -27.55 37.61
CA PHE C 85 -31.36 -28.66 36.73
C PHE C 85 -30.20 -29.61 36.57
N ARG C 86 -30.44 -30.91 36.72
CA ARG C 86 -29.37 -31.88 36.52
C ARG C 86 -29.03 -31.92 35.02
N SER C 87 -27.77 -31.91 34.63
CA SER C 87 -27.45 -31.93 33.20
C SER C 87 -27.38 -33.39 32.81
N ASP C 88 -28.01 -33.77 31.71
CA ASP C 88 -27.97 -35.17 31.26
C ASP C 88 -27.23 -35.21 29.93
N PHE C 89 -26.09 -35.88 29.86
CA PHE C 89 -25.29 -36.00 28.65
C PHE C 89 -25.50 -37.30 27.87
N ASP C 90 -26.46 -38.11 28.29
CA ASP C 90 -26.74 -39.39 27.66
C ASP C 90 -27.20 -39.36 26.22
N TYR C 91 -27.65 -38.22 25.73
CA TYR C 91 -28.14 -38.14 24.35
C TYR C 91 -27.19 -37.57 23.33
N LEU C 92 -25.95 -37.35 23.75
CA LEU C 92 -25.00 -36.77 22.80
C LEU C 92 -24.87 -37.48 21.47
N ALA C 93 -24.93 -38.81 21.44
CA ALA C 93 -24.76 -39.49 20.16
C ALA C 93 -25.79 -39.06 19.16
N GLN C 94 -26.92 -38.51 19.62
CA GLN C 94 -27.96 -38.04 18.68
C GLN C 94 -27.75 -36.59 18.27
N ASN C 95 -26.72 -35.95 18.81
CA ASN C 95 -26.55 -34.51 18.56
C ASN C 95 -25.18 -34.04 18.14
N VAL C 96 -24.53 -34.77 17.25
CA VAL C 96 -23.21 -34.37 16.80
C VAL C 96 -23.39 -33.92 15.34
N TYR C 97 -23.13 -32.65 15.10
CA TYR C 97 -23.32 -32.09 13.78
C TYR C 97 -22.08 -32.15 12.91
N LYS C 98 -22.28 -32.52 11.65
CA LYS C 98 -21.17 -32.58 10.69
C LYS C 98 -20.75 -31.13 10.33
N GLU C 99 -19.49 -30.98 9.91
CA GLU C 99 -18.98 -29.66 9.57
C GLU C 99 -19.88 -28.96 8.57
N ASP C 100 -20.42 -29.72 7.64
CA ASP C 100 -21.33 -29.16 6.67
C ASP C 100 -22.83 -29.37 6.85
N GLY C 101 -23.27 -29.77 8.03
CA GLY C 101 -24.70 -29.86 8.16
C GLY C 101 -25.29 -31.23 8.42
N GLY C 102 -26.26 -31.21 9.32
CA GLY C 102 -26.96 -32.39 9.79
C GLY C 102 -26.13 -33.17 10.80
N VAL C 103 -26.82 -34.02 11.55
CA VAL C 103 -26.15 -34.83 12.56
C VAL C 103 -25.64 -36.11 11.92
N TYR C 104 -24.64 -36.72 12.54
CA TYR C 104 -24.10 -37.97 12.08
C TYR C 104 -25.10 -39.01 12.63
N ASP C 105 -24.98 -40.22 12.10
CA ASP C 105 -25.79 -41.36 12.58
C ASP C 105 -25.44 -41.65 14.04
N GLU C 106 -26.55 -41.78 14.77
CA GLU C 106 -26.48 -42.05 16.18
C GLU C 106 -25.68 -43.28 16.52
N ASP C 107 -25.90 -44.37 15.77
CA ASP C 107 -25.17 -45.56 16.13
C ASP C 107 -23.70 -45.40 15.94
N TYR C 108 -23.37 -44.67 14.90
CA TYR C 108 -21.95 -44.49 14.62
C TYR C 108 -21.34 -43.69 15.74
N VAL C 109 -21.99 -42.59 16.07
CA VAL C 109 -21.45 -41.77 17.16
C VAL C 109 -21.34 -42.50 18.50
N GLN C 110 -22.38 -43.22 18.88
CA GLN C 110 -22.32 -43.96 20.16
C GLN C 110 -21.12 -44.89 20.19
N LYS C 111 -20.80 -45.48 19.04
CA LYS C 111 -19.63 -46.38 19.05
C LYS C 111 -18.36 -45.61 19.35
N ARG C 112 -18.24 -44.42 18.76
CA ARG C 112 -17.04 -43.59 18.96
C ARG C 112 -16.98 -43.15 20.42
N ILE C 113 -18.13 -42.84 21.01
CA ILE C 113 -18.15 -42.44 22.41
C ILE C 113 -17.75 -43.62 23.28
N GLU C 114 -18.32 -44.78 22.97
CA GLU C 114 -17.98 -45.93 23.81
C GLU C 114 -16.52 -46.25 23.77
N LEU C 115 -15.97 -46.07 22.59
CA LEU C 115 -14.55 -46.35 22.48
C LEU C 115 -13.73 -45.36 23.35
N ALA C 116 -14.11 -44.07 23.29
CA ALA C 116 -13.37 -43.03 24.02
C ALA C 116 -13.50 -43.26 25.50
N ASP C 117 -14.69 -43.72 25.88
CA ASP C 117 -14.91 -43.95 27.30
C ASP C 117 -14.10 -45.13 27.80
N SER C 118 -14.03 -46.19 27.02
CA SER C 118 -13.27 -47.35 27.50
C SER C 118 -11.79 -47.00 27.56
N VAL C 119 -11.29 -46.17 26.65
CA VAL C 119 -9.88 -45.78 26.74
C VAL C 119 -9.71 -45.00 28.05
N GLU C 120 -10.62 -44.11 28.37
CA GLU C 120 -10.39 -43.39 29.61
C GLU C 120 -10.42 -44.35 30.81
N GLU C 121 -11.29 -45.35 30.76
CA GLU C 121 -11.42 -46.29 31.88
C GLU C 121 -10.11 -47.03 32.05
N MET C 122 -9.48 -47.36 30.95
CA MET C 122 -8.21 -48.04 31.09
C MET C 122 -7.20 -47.05 31.64
N GLY C 123 -7.35 -45.75 31.37
CA GLY C 123 -6.38 -44.78 31.92
C GLY C 123 -6.54 -44.70 33.44
N GLU C 124 -7.79 -44.81 33.90
CA GLU C 124 -7.99 -44.76 35.36
C GLU C 124 -7.25 -45.91 36.05
N LYS C 125 -7.29 -47.07 35.44
CA LYS C 125 -6.61 -48.20 36.05
C LYS C 125 -5.11 -47.98 36.08
N LEU C 126 -4.56 -47.47 34.98
CA LEU C 126 -3.11 -47.24 34.88
C LEU C 126 -2.75 -46.23 35.96
N SER C 127 -3.58 -45.18 35.98
CA SER C 127 -3.33 -44.11 36.93
C SER C 127 -3.18 -44.60 38.37
N ALA C 128 -4.04 -45.53 38.77
CA ALA C 128 -4.00 -46.05 40.14
C ALA C 128 -2.62 -46.65 40.48
N THR C 129 -1.92 -47.17 39.49
CA THR C 129 -0.65 -47.81 39.77
C THR C 129 0.54 -46.91 39.71
N LEU C 130 0.43 -45.66 39.26
CA LEU C 130 1.59 -44.78 39.11
C LEU C 130 2.24 -44.43 40.44
N HIS C 131 3.56 -44.29 40.48
CA HIS C 131 4.22 -43.95 41.73
C HIS C 131 3.77 -42.59 42.30
N ALA C 132 3.59 -42.54 43.59
CA ALA C 132 3.08 -41.34 44.25
C ALA C 132 3.99 -40.13 44.05
N SER C 133 5.25 -40.36 43.70
CA SER C 133 6.07 -39.18 43.51
C SER C 133 5.71 -38.47 42.23
N GLY C 134 5.00 -39.11 41.31
CA GLY C 134 4.68 -38.45 40.05
C GLY C 134 5.74 -38.74 39.02
N ARG C 135 6.74 -39.52 39.38
CA ARG C 135 7.79 -39.83 38.40
C ARG C 135 7.27 -40.61 37.21
N ASP C 136 6.15 -41.30 37.34
CA ASP C 136 5.75 -42.06 36.16
C ASP C 136 4.63 -41.31 35.43
N ASP C 137 4.33 -40.09 35.80
CA ASP C 137 3.14 -39.48 35.15
C ASP C 137 3.32 -39.27 33.65
N MET C 138 2.22 -39.04 32.95
CA MET C 138 2.30 -38.80 31.51
C MET C 138 1.04 -38.00 31.17
N SER C 139 1.03 -37.40 29.98
CA SER C 139 -0.22 -36.68 29.64
C SER C 139 -1.37 -37.64 29.36
N ILE C 140 -2.60 -37.12 29.38
CA ILE C 140 -3.74 -37.98 29.06
C ILE C 140 -3.58 -38.41 27.61
N LEU C 141 -3.01 -37.57 26.76
CA LEU C 141 -2.88 -38.01 25.37
C LEU C 141 -1.92 -39.19 25.27
N ALA C 142 -0.82 -39.15 26.01
CA ALA C 142 0.07 -40.34 25.92
C ALA C 142 -0.71 -41.58 26.33
N MET C 143 -1.52 -41.49 27.38
CA MET C 143 -2.27 -42.66 27.77
C MET C 143 -3.22 -43.06 26.64
N GLN C 144 -3.78 -42.07 25.93
CA GLN C 144 -4.70 -42.42 24.85
C GLN C 144 -3.96 -43.16 23.71
N ARG C 145 -2.78 -42.69 23.34
CA ARG C 145 -2.09 -43.45 22.26
C ARG C 145 -1.80 -44.91 22.67
N LEU C 146 -1.35 -45.05 23.91
CA LEU C 146 -0.95 -46.32 24.47
C LEU C 146 -2.18 -47.17 24.43
N ASN C 147 -3.34 -46.67 24.81
CA ASN C 147 -4.55 -47.53 24.82
C ASN C 147 -5.21 -47.78 23.50
N GLU C 148 -4.99 -46.89 22.55
CA GLU C 148 -5.60 -47.11 21.25
C GLU C 148 -4.53 -47.68 20.35
N HIS C 149 -3.29 -47.82 20.81
CA HIS C 149 -2.28 -48.30 19.86
C HIS C 149 -2.22 -47.45 18.60
N GLN C 150 -1.99 -46.16 18.75
CA GLN C 150 -1.90 -45.34 17.54
C GLN C 150 -0.87 -44.29 17.88
N PRO C 151 -0.36 -43.63 16.85
CA PRO C 151 0.62 -42.56 16.99
C PRO C 151 -0.07 -41.21 17.18
N ASN C 152 -1.35 -41.20 17.51
CA ASN C 152 -1.98 -39.89 17.73
C ASN C 152 -3.18 -40.22 18.56
N GLY C 153 -3.79 -39.20 19.14
CA GLY C 153 -5.03 -39.42 19.91
C GLY C 153 -6.15 -39.16 18.88
N PRO C 154 -7.38 -38.96 19.36
CA PRO C 154 -8.52 -38.66 18.47
C PRO C 154 -8.10 -37.65 17.39
N ALA C 155 -8.32 -38.00 16.12
CA ALA C 155 -7.90 -37.14 15.04
C ALA C 155 -8.91 -36.90 13.92
N THR C 156 -10.02 -37.61 13.88
CA THR C 156 -11.05 -37.32 12.86
C THR C 156 -11.95 -36.27 13.53
N PRO C 157 -12.74 -35.56 12.71
CA PRO C 157 -13.64 -34.55 13.27
C PRO C 157 -14.57 -35.04 14.38
N VAL C 158 -15.25 -36.16 14.19
CA VAL C 158 -16.17 -36.61 15.23
C VAL C 158 -15.39 -37.04 16.49
N ASP C 159 -14.28 -37.74 16.27
CA ASP C 159 -13.52 -38.19 17.44
C ASP C 159 -12.93 -37.03 18.17
N MET C 160 -12.48 -36.02 17.41
CA MET C 160 -11.88 -34.89 18.09
C MET C 160 -12.90 -34.11 18.93
N VAL C 161 -14.12 -33.99 18.41
CA VAL C 161 -15.08 -33.21 19.19
C VAL C 161 -15.60 -34.03 20.37
N VAL C 162 -15.60 -35.36 20.26
CA VAL C 162 -16.02 -36.12 21.43
C VAL C 162 -14.92 -35.94 22.50
N ASP C 163 -13.67 -35.93 22.05
CA ASP C 163 -12.50 -35.80 22.94
C ASP C 163 -12.53 -34.42 23.65
N TYR C 164 -12.85 -33.40 22.87
CA TYR C 164 -12.92 -32.04 23.44
C TYR C 164 -14.04 -31.95 24.47
N TYR C 165 -15.17 -32.56 24.16
CA TYR C 165 -16.27 -32.58 25.10
C TYR C 165 -15.84 -33.37 26.33
N LYS C 166 -15.15 -34.49 26.16
CA LYS C 166 -14.81 -35.23 27.37
C LYS C 166 -13.72 -34.61 28.21
N PHE C 167 -12.75 -33.91 27.62
CA PHE C 167 -11.63 -33.38 28.39
C PHE C 167 -11.56 -31.86 28.44
N ASP C 168 -11.40 -31.25 27.27
CA ASP C 168 -11.28 -29.77 27.23
C ASP C 168 -12.49 -29.05 27.86
N TYR C 169 -13.69 -29.59 27.65
CA TYR C 169 -14.85 -28.92 28.21
C TYR C 169 -14.84 -29.03 29.72
N GLU C 170 -14.00 -29.89 30.29
CA GLU C 170 -14.00 -29.99 31.74
C GLU C 170 -12.77 -29.33 32.30
N PHE C 171 -11.64 -29.52 31.65
CA PHE C 171 -10.40 -28.94 32.16
C PHE C 171 -9.97 -27.67 31.49
N ALA C 172 -10.54 -27.30 30.37
CA ALA C 172 -10.11 -26.10 29.66
C ALA C 172 -8.74 -26.12 28.99
N GLU C 173 -8.08 -27.27 28.93
CA GLU C 173 -6.86 -27.37 28.13
C GLU C 173 -6.97 -28.79 27.52
N PRO C 174 -6.16 -29.08 26.53
CA PRO C 174 -6.22 -30.40 25.88
C PRO C 174 -5.52 -31.45 26.69
N PRO C 175 -5.92 -32.67 26.38
CA PRO C 175 -5.36 -33.85 27.04
C PRO C 175 -3.85 -33.87 26.92
N ARG C 176 -3.32 -33.39 25.81
CA ARG C 176 -1.86 -33.47 25.74
C ARG C 176 -1.08 -32.62 26.71
N VAL C 177 -1.72 -31.69 27.41
CA VAL C 177 -0.84 -31.00 28.38
C VAL C 177 -1.33 -31.38 29.77
N THR C 178 -2.44 -32.10 29.87
CA THR C 178 -2.99 -32.35 31.20
C THR C 178 -2.44 -33.57 31.88
N SER C 179 -2.16 -33.53 33.18
CA SER C 179 -1.60 -34.69 33.88
C SER C 179 -2.59 -35.85 34.04
N LEU C 180 -2.23 -37.06 33.60
CA LEU C 180 -3.15 -38.18 33.77
C LEU C 180 -3.38 -38.51 35.26
N GLN C 181 -2.26 -38.63 35.96
CA GLN C 181 -2.29 -39.06 37.32
C GLN C 181 -3.18 -38.21 38.18
N ASN C 182 -3.16 -36.91 37.93
CA ASN C 182 -3.95 -36.04 38.79
C ASN C 182 -5.31 -35.60 38.24
N THR C 183 -5.80 -36.18 37.14
CA THR C 183 -7.15 -35.77 36.68
C THR C 183 -7.96 -36.99 36.28
N VAL C 184 -7.35 -38.15 36.18
CA VAL C 184 -8.11 -39.30 35.75
C VAL C 184 -7.81 -40.45 36.68
N PRO C 185 -8.78 -40.87 37.50
CA PRO C 185 -10.11 -40.23 37.60
C PRO C 185 -9.97 -38.94 38.41
N LEU C 186 -11.04 -38.14 38.51
CA LEU C 186 -10.98 -36.86 39.25
C LEU C 186 -11.64 -36.95 40.61
N ALA C 187 -10.98 -36.44 41.65
CA ALA C 187 -11.58 -36.53 42.99
C ALA C 187 -12.98 -35.97 43.17
N THR C 188 -13.21 -34.85 42.50
CA THR C 188 -14.51 -34.22 42.62
C THR C 188 -15.63 -35.21 42.37
N PHE C 189 -15.51 -35.99 41.31
CA PHE C 189 -16.56 -36.93 40.97
C PHE C 189 -16.40 -38.23 41.73
N SER C 190 -15.16 -38.64 41.98
CA SER C 190 -15.03 -39.86 42.74
C SER C 190 -15.60 -39.61 44.13
N ASP C 191 -15.28 -38.48 44.75
CA ASP C 191 -15.81 -38.31 46.10
C ASP C 191 -17.28 -37.88 46.22
N PHE C 192 -17.66 -36.86 45.44
CA PHE C 192 -19.01 -36.29 45.58
C PHE C 192 -20.15 -36.81 44.69
N GLY C 193 -19.81 -37.63 43.70
CA GLY C 193 -20.85 -38.14 42.79
C GLY C 193 -20.62 -37.73 41.32
N ASP C 194 -21.18 -38.48 40.38
CA ASP C 194 -20.95 -38.13 38.98
C ASP C 194 -21.91 -37.11 38.44
N ASP C 195 -22.93 -36.73 39.18
CA ASP C 195 -23.88 -35.77 38.59
C ASP C 195 -23.47 -34.31 38.71
N VAL C 196 -24.00 -33.48 37.83
CA VAL C 196 -23.73 -32.07 37.87
C VAL C 196 -25.07 -31.34 37.70
N TYR C 197 -25.21 -30.24 38.45
CA TYR C 197 -26.44 -29.50 38.40
C TYR C 197 -26.25 -28.05 37.98
N PHE C 198 -26.94 -27.63 36.93
CA PHE C 198 -26.83 -26.28 36.39
C PHE C 198 -27.70 -25.31 37.18
N VAL C 199 -27.10 -24.29 37.75
CA VAL C 199 -27.84 -23.33 38.55
C VAL C 199 -28.42 -22.26 37.62
N ALA C 200 -29.75 -22.04 37.67
CA ALA C 200 -30.37 -21.05 36.79
C ALA C 200 -31.41 -20.32 37.65
N ASP C 201 -30.90 -19.38 38.41
CA ASP C 201 -31.73 -18.61 39.32
C ASP C 201 -31.32 -17.15 39.19
N GLN C 202 -32.34 -16.31 39.17
CA GLN C 202 -32.09 -14.89 39.02
C GLN C 202 -31.18 -14.33 40.11
N ARG C 203 -31.17 -14.97 41.27
CA ARG C 203 -30.32 -14.51 42.38
C ARG C 203 -28.87 -14.80 42.03
N GLY C 204 -28.63 -15.71 41.09
CA GLY C 204 -27.24 -16.00 40.72
C GLY C 204 -26.57 -17.04 41.63
N TYR C 205 -25.65 -17.83 41.07
CA TYR C 205 -24.91 -18.85 41.86
C TYR C 205 -24.13 -18.04 42.94
N GLU C 206 -23.78 -16.78 42.63
CA GLU C 206 -23.06 -15.98 43.63
C GLU C 206 -23.83 -15.81 44.91
N ALA C 207 -25.13 -16.11 44.91
CA ALA C 207 -25.85 -15.95 46.18
C ALA C 207 -25.22 -16.83 47.27
N VAL C 208 -24.57 -17.89 46.82
CA VAL C 208 -23.97 -18.77 47.81
C VAL C 208 -22.92 -17.97 48.61
N VAL C 209 -22.12 -17.20 47.87
CA VAL C 209 -21.08 -16.40 48.52
C VAL C 209 -21.74 -15.30 49.37
N TYR C 210 -22.75 -14.61 48.84
CA TYR C 210 -23.38 -13.59 49.68
C TYR C 210 -23.95 -14.24 50.92
N TYR C 211 -24.43 -15.47 50.82
CA TYR C 211 -24.94 -16.07 52.04
C TYR C 211 -23.82 -16.36 53.06
N LEU C 212 -22.65 -16.81 52.63
CA LEU C 212 -21.67 -17.11 53.66
C LEU C 212 -21.17 -15.83 54.31
N ALA C 213 -21.01 -14.77 53.51
CA ALA C 213 -20.52 -13.45 53.97
C ALA C 213 -21.44 -12.89 55.05
N GLY C 214 -22.72 -13.08 54.84
CA GLY C 214 -23.68 -12.53 55.77
C GLY C 214 -23.69 -13.27 57.09
N GLN C 215 -23.00 -14.39 57.13
CA GLN C 215 -23.01 -15.09 58.39
C GLN C 215 -22.03 -14.42 59.35
N TYR C 216 -21.19 -13.48 58.91
CA TYR C 216 -20.31 -12.90 59.93
C TYR C 216 -20.08 -11.42 59.63
N LEU C 217 -20.40 -10.95 58.44
CA LEU C 217 -20.20 -9.56 58.16
C LEU C 217 -21.51 -8.84 58.38
N LYS C 218 -21.45 -7.61 58.85
CA LYS C 218 -22.69 -6.89 59.07
C LYS C 218 -23.34 -6.40 57.79
N THR C 219 -24.67 -6.48 57.82
CA THR C 219 -25.52 -6.07 56.70
C THR C 219 -26.68 -5.19 57.19
N ASP C 220 -27.12 -4.30 56.31
CA ASP C 220 -28.25 -3.41 56.57
C ASP C 220 -29.50 -4.24 56.86
N ASP C 221 -30.10 -3.91 57.98
CA ASP C 221 -31.29 -4.61 58.46
C ASP C 221 -32.44 -4.48 57.47
N LYS C 222 -32.35 -3.43 56.66
CA LYS C 222 -33.33 -3.11 55.62
C LYS C 222 -32.94 -3.62 54.25
N SER C 223 -31.87 -3.07 53.68
CA SER C 223 -31.46 -3.45 52.34
C SER C 223 -30.86 -4.84 52.34
N GLY C 224 -30.42 -5.31 53.50
CA GLY C 224 -29.82 -6.65 53.52
C GLY C 224 -28.38 -6.60 52.95
N LYS C 225 -27.97 -5.41 52.50
CA LYS C 225 -26.64 -5.19 51.96
C LYS C 225 -25.57 -5.29 53.04
N ILE C 226 -24.40 -5.78 52.68
CA ILE C 226 -23.37 -5.89 53.69
C ILE C 226 -22.87 -4.49 53.99
N VAL C 227 -22.82 -4.12 55.26
CA VAL C 227 -22.29 -2.79 55.50
C VAL C 227 -21.10 -2.81 56.46
N ASP C 228 -20.57 -3.99 56.75
CA ASP C 228 -19.40 -4.10 57.63
C ASP C 228 -18.17 -3.34 57.11
N PRO C 229 -17.60 -2.46 57.92
CA PRO C 229 -16.45 -1.72 57.37
C PRO C 229 -15.24 -2.65 57.27
N ARG C 230 -15.34 -3.91 57.71
CA ARG C 230 -14.17 -4.75 57.56
C ARG C 230 -14.07 -5.19 56.10
N LEU C 231 -15.10 -4.92 55.30
CA LEU C 231 -15.09 -5.29 53.88
C LEU C 231 -14.85 -4.03 53.07
N GLN C 232 -13.83 -3.97 52.23
CA GLN C 232 -13.65 -2.72 51.48
C GLN C 232 -13.50 -3.01 50.02
N LEU C 233 -14.46 -2.57 49.23
CA LEU C 233 -14.45 -2.76 47.77
C LEU C 233 -13.60 -1.76 47.01
N ASN C 234 -13.39 -2.01 45.73
CA ASN C 234 -12.57 -1.12 44.93
C ASN C 234 -11.21 -0.91 45.53
N LYS C 235 -10.68 -1.90 46.23
CA LYS C 235 -9.33 -1.75 46.78
C LYS C 235 -8.36 -2.68 46.01
N VAL C 236 -7.61 -2.18 45.05
CA VAL C 236 -6.72 -3.04 44.28
C VAL C 236 -5.36 -3.14 44.95
N VAL C 237 -5.06 -4.30 45.55
CA VAL C 237 -3.79 -4.49 46.21
C VAL C 237 -2.67 -4.48 45.18
N ARG C 238 -1.66 -3.64 45.28
CA ARG C 238 -0.58 -3.67 44.29
C ARG C 238 0.79 -4.03 44.90
N GLU C 239 0.87 -3.98 46.23
CA GLU C 239 2.15 -4.31 46.86
C GLU C 239 1.94 -4.91 48.23
N ILE C 240 2.76 -5.92 48.52
CA ILE C 240 2.63 -6.57 49.84
C ILE C 240 4.06 -6.63 50.37
N LYS C 241 4.35 -5.91 51.46
CA LYS C 241 5.69 -5.91 52.08
C LYS C 241 5.59 -6.79 53.30
N TYR C 242 6.60 -7.62 53.59
CA TYR C 242 6.43 -8.49 54.76
C TYR C 242 7.77 -8.65 55.48
N SER C 243 7.74 -8.90 56.79
CA SER C 243 9.01 -9.05 57.47
C SER C 243 8.69 -10.14 58.46
N PRO C 244 9.66 -10.49 59.30
CA PRO C 244 9.36 -11.56 60.26
C PRO C 244 8.30 -11.13 61.26
N GLY C 245 8.04 -9.84 61.34
CA GLY C 245 7.07 -9.47 62.34
C GLY C 245 5.69 -9.02 61.90
N GLY C 246 5.46 -8.83 60.61
CA GLY C 246 4.10 -8.41 60.26
C GLY C 246 4.13 -8.05 58.77
N VAL C 247 3.05 -7.41 58.31
CA VAL C 247 3.02 -7.02 56.88
C VAL C 247 2.38 -5.66 56.69
N THR C 248 2.61 -5.10 55.51
CA THR C 248 2.04 -3.83 55.08
C THR C 248 1.54 -4.07 53.67
N VAL C 249 0.32 -3.60 53.40
CA VAL C 249 -0.33 -3.77 52.09
C VAL C 249 -0.77 -2.40 51.54
N LYS C 250 -0.37 -2.16 50.31
CA LYS C 250 -0.66 -0.92 49.60
C LYS C 250 -1.59 -1.12 48.40
N THR C 251 -2.59 -0.25 48.28
CA THR C 251 -3.57 -0.38 47.20
C THR C 251 -3.39 0.68 46.18
N GLU C 252 -3.92 0.42 45.02
CA GLU C 252 -3.73 1.35 43.93
C GLU C 252 -4.27 2.75 44.23
N ASP C 253 -5.28 2.90 45.09
CA ASP C 253 -5.79 4.23 45.38
C ASP C 253 -4.94 4.94 46.40
N ASN C 254 -3.75 4.40 46.63
CA ASN C 254 -2.81 4.95 47.58
C ASN C 254 -3.08 4.67 49.03
N SER C 255 -4.05 3.86 49.39
CA SER C 255 -4.13 3.62 50.83
C SER C 255 -3.00 2.66 51.25
N VAL C 256 -2.68 2.59 52.55
CA VAL C 256 -1.63 1.68 53.04
C VAL C 256 -2.19 1.07 54.28
N TYR C 257 -2.05 -0.24 54.44
CA TYR C 257 -2.63 -0.89 55.63
C TYR C 257 -1.55 -1.73 56.28
N SER C 258 -1.67 -1.97 57.58
CA SER C 258 -0.66 -2.73 58.31
C SER C 258 -1.35 -3.88 58.99
N ALA C 259 -0.69 -5.04 59.12
CA ALA C 259 -1.33 -6.16 59.83
C ALA C 259 -0.28 -7.13 60.31
N ASP C 260 -0.74 -8.15 61.03
CA ASP C 260 0.16 -9.25 61.46
C ASP C 260 0.37 -10.34 60.39
N TYR C 261 -0.65 -10.56 59.55
CA TYR C 261 -0.63 -11.59 58.51
C TYR C 261 -1.43 -11.20 57.30
N VAL C 262 -1.16 -11.79 56.15
CA VAL C 262 -1.99 -11.44 54.97
C VAL C 262 -2.37 -12.76 54.33
N MET C 263 -3.61 -12.89 53.84
CA MET C 263 -4.04 -14.17 53.24
C MET C 263 -4.37 -13.77 51.82
N VAL C 264 -3.65 -14.32 50.85
CA VAL C 264 -3.86 -13.92 49.44
C VAL C 264 -4.76 -14.90 48.69
N SER C 265 -5.94 -14.43 48.29
CA SER C 265 -6.87 -15.30 47.61
C SER C 265 -7.00 -15.03 46.11
N ALA C 266 -6.23 -14.07 45.61
CA ALA C 266 -6.31 -13.77 44.18
C ALA C 266 -5.93 -15.03 43.37
N SER C 267 -6.39 -15.13 42.12
CA SER C 267 -6.15 -16.30 41.27
C SER C 267 -4.70 -16.56 40.92
N LEU C 268 -4.47 -17.81 40.54
CA LEU C 268 -3.14 -18.24 40.10
C LEU C 268 -2.76 -17.32 38.95
N GLY C 269 -3.73 -17.04 38.08
CA GLY C 269 -3.38 -16.16 36.92
C GLY C 269 -2.92 -14.81 37.43
N VAL C 270 -3.59 -14.31 38.48
CA VAL C 270 -3.17 -12.99 39.01
C VAL C 270 -1.73 -13.15 39.59
N LEU C 271 -1.51 -14.23 40.34
CA LEU C 271 -0.15 -14.37 40.87
C LEU C 271 0.87 -14.52 39.72
N GLN C 272 0.51 -15.13 38.58
CA GLN C 272 1.53 -15.25 37.52
C GLN C 272 1.72 -13.91 36.81
N SER C 273 0.81 -12.98 37.01
CA SER C 273 0.95 -11.70 36.30
C SER C 273 1.79 -10.75 37.19
N ASP C 274 2.10 -9.57 36.72
CA ASP C 274 2.90 -8.85 37.76
C ASP C 274 2.10 -7.92 38.66
N LEU C 275 0.80 -8.14 38.73
CA LEU C 275 -0.03 -7.20 39.46
C LEU C 275 0.38 -6.84 40.86
N ILE C 276 0.60 -7.85 41.70
CA ILE C 276 0.98 -7.62 43.09
C ILE C 276 2.48 -7.74 43.23
N GLN C 277 3.16 -6.69 43.67
CA GLN C 277 4.61 -6.82 43.87
C GLN C 277 4.87 -7.26 45.32
N PHE C 278 5.67 -8.30 45.48
CA PHE C 278 5.95 -8.82 46.82
C PHE C 278 7.28 -8.24 47.22
N LYS C 279 7.43 -7.75 48.46
CA LYS C 279 8.74 -7.19 48.82
C LYS C 279 9.06 -7.68 50.23
N PRO C 280 10.10 -8.50 50.38
CA PRO C 280 10.99 -8.90 49.29
C PRO C 280 10.33 -9.83 48.30
N LYS C 281 10.99 -10.05 47.16
CA LYS C 281 10.39 -10.96 46.19
C LYS C 281 10.17 -12.33 46.78
N LEU C 282 9.16 -13.05 46.29
CA LEU C 282 8.94 -14.39 46.82
C LEU C 282 10.15 -15.26 46.47
N PRO C 283 10.38 -16.30 47.28
CA PRO C 283 11.52 -17.18 47.07
C PRO C 283 11.40 -17.96 45.78
N THR C 284 12.56 -18.29 45.24
CA THR C 284 12.55 -19.04 44.01
C THR C 284 11.69 -20.30 44.00
N TRP C 285 11.76 -21.04 45.09
CA TRP C 285 10.94 -22.24 45.10
C TRP C 285 9.47 -21.90 44.89
N LYS C 286 9.03 -20.79 45.46
CA LYS C 286 7.64 -20.40 45.36
C LYS C 286 7.35 -19.90 43.96
N VAL C 287 8.24 -19.07 43.45
CA VAL C 287 8.03 -18.53 42.11
C VAL C 287 7.96 -19.67 41.09
N ARG C 288 8.81 -20.66 41.27
CA ARG C 288 8.71 -21.71 40.28
C ARG C 288 7.44 -22.51 40.32
N ALA C 289 6.94 -22.70 41.53
CA ALA C 289 5.71 -23.49 41.65
C ALA C 289 4.61 -22.69 41.04
N ILE C 290 4.65 -21.38 41.23
CA ILE C 290 3.57 -20.59 40.65
C ILE C 290 3.59 -20.69 39.12
N TYR C 291 4.77 -20.56 38.50
CA TYR C 291 4.77 -20.58 37.04
C TYR C 291 4.59 -21.93 36.36
N GLN C 292 4.90 -22.99 37.08
CA GLN C 292 4.70 -24.33 36.50
C GLN C 292 3.26 -24.78 36.42
N PHE C 293 2.41 -24.33 37.36
CA PHE C 293 1.00 -24.78 37.27
C PHE C 293 0.25 -23.99 36.18
N ASP C 294 -0.88 -24.51 35.68
CA ASP C 294 -1.55 -23.79 34.59
C ASP C 294 -2.79 -23.03 35.00
N MET C 295 -3.03 -21.81 34.49
CA MET C 295 -4.28 -21.06 34.77
C MET C 295 -5.02 -21.17 33.43
N ALA C 296 -6.09 -21.93 33.35
CA ALA C 296 -6.77 -22.06 32.04
C ALA C 296 -7.84 -20.98 31.82
N VAL C 297 -8.42 -21.00 30.62
CA VAL C 297 -9.46 -20.03 30.33
C VAL C 297 -10.60 -20.76 29.61
N TYR C 298 -11.82 -20.50 30.01
CA TYR C 298 -13.03 -21.16 29.48
C TYR C 298 -14.02 -20.03 29.25
N THR C 299 -14.38 -19.82 27.99
CA THR C 299 -15.19 -18.65 27.61
C THR C 299 -16.57 -19.05 27.17
N LYS C 300 -17.57 -18.54 27.89
CA LYS C 300 -18.99 -18.83 27.69
C LYS C 300 -19.60 -17.75 26.80
N ILE C 301 -19.63 -18.01 25.50
CA ILE C 301 -20.18 -17.00 24.59
C ILE C 301 -21.70 -17.16 24.44
N PHE C 302 -22.45 -16.24 25.02
CA PHE C 302 -23.91 -16.28 24.91
C PHE C 302 -24.39 -15.50 23.68
N LEU C 303 -25.45 -16.02 23.04
CA LEU C 303 -26.01 -15.40 21.84
C LEU C 303 -27.54 -15.33 21.97
N LYS C 304 -28.09 -14.19 21.54
CA LYS C 304 -29.54 -13.96 21.58
C LYS C 304 -30.03 -13.87 20.13
N PHE C 305 -31.12 -14.59 19.81
CA PHE C 305 -31.67 -14.56 18.44
C PHE C 305 -33.15 -14.14 18.47
N PRO C 306 -33.63 -13.60 17.36
CA PRO C 306 -35.04 -13.18 17.24
C PRO C 306 -36.04 -14.32 17.09
N ARG C 307 -35.60 -15.53 16.79
CA ARG C 307 -36.53 -16.65 16.71
C ARG C 307 -35.61 -17.88 16.80
N LYS C 308 -36.13 -19.03 17.21
CA LYS C 308 -35.33 -20.24 17.42
C LYS C 308 -35.16 -20.94 16.10
N PHE C 309 -34.05 -21.65 15.89
CA PHE C 309 -33.93 -22.38 14.63
C PHE C 309 -33.30 -23.74 14.91
N TRP C 310 -33.05 -24.10 16.17
CA TRP C 310 -32.43 -25.37 16.50
C TRP C 310 -33.48 -26.24 17.12
N PRO C 311 -33.20 -27.52 17.27
CA PRO C 311 -34.16 -28.44 17.81
C PRO C 311 -34.30 -28.30 19.30
N GLU C 312 -35.49 -28.59 19.81
CA GLU C 312 -35.77 -28.59 21.24
C GLU C 312 -36.36 -29.96 21.51
N GLY C 313 -36.24 -30.48 22.71
CA GLY C 313 -36.80 -31.81 22.88
C GLY C 313 -35.91 -32.69 23.75
N LYS C 314 -36.30 -33.95 23.97
CA LYS C 314 -35.54 -34.86 24.82
C LYS C 314 -34.15 -35.02 24.26
N GLY C 315 -33.18 -34.85 25.15
CA GLY C 315 -31.83 -34.98 24.70
C GLY C 315 -31.30 -33.81 23.88
N ARG C 316 -32.13 -32.79 23.59
CA ARG C 316 -31.60 -31.69 22.78
C ARG C 316 -30.73 -30.63 23.48
N GLU C 317 -30.62 -30.66 24.81
CA GLU C 317 -29.88 -29.61 25.53
C GLU C 317 -28.46 -29.33 25.11
N PHE C 318 -27.68 -30.40 24.95
CA PHE C 318 -26.29 -30.21 24.56
C PHE C 318 -26.08 -30.74 23.15
N PHE C 319 -25.29 -30.07 22.34
CA PHE C 319 -25.02 -30.61 21.01
C PHE C 319 -23.61 -30.23 20.66
N LEU C 320 -22.99 -30.97 19.74
CA LEU C 320 -21.60 -30.68 19.37
C LEU C 320 -21.48 -30.39 17.89
N TYR C 321 -20.39 -29.69 17.52
CA TYR C 321 -20.14 -29.34 16.13
C TYR C 321 -18.80 -29.91 15.81
N ALA C 322 -18.83 -30.90 14.94
CA ALA C 322 -17.61 -31.59 14.59
C ALA C 322 -16.78 -30.87 13.52
N SER C 323 -16.12 -29.79 13.91
CA SER C 323 -15.32 -29.05 12.93
C SER C 323 -14.08 -29.83 12.58
N SER C 324 -13.52 -29.59 11.40
CA SER C 324 -12.27 -30.29 11.09
C SER C 324 -11.14 -29.56 11.87
N ARG C 325 -11.43 -28.37 12.39
CA ARG C 325 -10.50 -27.55 13.21
C ARG C 325 -10.82 -27.84 14.67
N ARG C 326 -9.94 -28.57 15.32
CA ARG C 326 -10.21 -28.97 16.71
C ARG C 326 -10.57 -27.82 17.62
N GLY C 327 -11.65 -27.93 18.35
CA GLY C 327 -11.99 -26.91 19.33
C GLY C 327 -12.67 -25.68 18.79
N TYR C 328 -12.99 -25.73 17.50
CA TYR C 328 -13.62 -24.54 16.93
C TYR C 328 -15.11 -24.53 17.17
N TYR C 329 -15.60 -23.61 18.01
CA TYR C 329 -17.04 -23.48 18.32
C TYR C 329 -17.72 -24.83 18.42
N GLY C 330 -17.15 -25.73 19.23
CA GLY C 330 -17.61 -27.10 19.31
C GLY C 330 -18.66 -27.61 20.29
N VAL C 331 -18.81 -26.96 21.44
CA VAL C 331 -19.77 -27.47 22.41
C VAL C 331 -20.82 -26.43 22.62
N TRP C 332 -22.05 -26.84 22.32
CA TRP C 332 -23.20 -25.94 22.41
C TRP C 332 -24.21 -26.37 23.43
N GLN C 333 -24.95 -25.40 23.96
CA GLN C 333 -26.01 -25.66 24.94
C GLN C 333 -27.22 -24.76 24.61
N GLU C 334 -28.44 -25.34 24.62
CA GLU C 334 -29.65 -24.56 24.33
C GLU C 334 -30.48 -24.63 25.61
N PHE C 335 -31.13 -23.52 25.94
CA PHE C 335 -31.86 -23.36 27.20
C PHE C 335 -33.37 -23.50 27.29
N GLU C 336 -33.92 -24.43 26.54
CA GLU C 336 -35.39 -24.60 26.61
C GLU C 336 -35.87 -24.80 28.06
N LYS C 337 -35.13 -25.58 28.86
CA LYS C 337 -35.54 -25.79 30.24
C LYS C 337 -35.20 -24.59 31.14
N GLN C 338 -33.98 -24.08 31.06
CA GLN C 338 -33.59 -22.97 31.94
C GLN C 338 -34.22 -21.63 31.69
N TYR C 339 -34.26 -21.21 30.44
CA TYR C 339 -34.76 -19.86 30.18
C TYR C 339 -35.69 -20.00 28.97
N PRO C 340 -36.82 -20.66 29.21
CA PRO C 340 -37.77 -21.04 28.17
C PRO C 340 -38.14 -20.04 27.13
N ASP C 341 -38.34 -18.79 27.49
CA ASP C 341 -38.67 -18.08 26.26
C ASP C 341 -37.62 -17.20 25.61
N ALA C 342 -36.39 -17.40 26.07
CA ALA C 342 -35.30 -16.55 25.64
C ALA C 342 -34.68 -16.64 24.26
N ASN C 343 -34.66 -17.82 23.67
CA ASN C 343 -34.00 -17.84 22.34
C ASN C 343 -32.49 -17.55 22.44
N VAL C 344 -31.89 -18.10 23.48
CA VAL C 344 -30.45 -17.86 23.66
C VAL C 344 -29.71 -19.18 23.45
N LEU C 345 -28.50 -19.11 22.91
CA LEU C 345 -27.70 -20.34 22.81
C LEU C 345 -26.39 -20.00 23.52
N LEU C 346 -25.67 -21.04 23.94
CA LEU C 346 -24.39 -20.80 24.59
C LEU C 346 -23.34 -21.69 23.90
N VAL C 347 -22.23 -21.12 23.37
CA VAL C 347 -21.19 -21.95 22.78
C VAL C 347 -19.98 -21.72 23.64
N THR C 348 -19.26 -22.78 23.99
CA THR C 348 -18.11 -22.65 24.86
C THR C 348 -16.80 -22.91 24.14
N VAL C 349 -15.82 -22.02 24.36
CA VAL C 349 -14.51 -22.23 23.78
C VAL C 349 -13.48 -22.15 24.93
N THR C 350 -12.25 -22.57 24.68
CA THR C 350 -11.25 -22.50 25.74
C THR C 350 -9.84 -22.24 25.14
N ASP C 351 -8.86 -22.16 26.04
CA ASP C 351 -7.46 -22.17 25.61
C ASP C 351 -7.08 -21.28 24.45
N GLU C 352 -6.46 -21.82 23.39
CA GLU C 352 -6.03 -20.95 22.24
C GLU C 352 -7.14 -20.12 21.64
N GLU C 353 -8.26 -20.78 21.48
CA GLU C 353 -9.42 -20.07 20.92
C GLU C 353 -9.91 -18.95 21.84
N SER C 354 -9.96 -19.21 23.13
CA SER C 354 -10.40 -18.15 24.04
C SER C 354 -9.41 -16.98 23.92
N ARG C 355 -8.10 -17.24 23.91
CA ARG C 355 -7.22 -16.07 23.87
C ARG C 355 -7.36 -15.31 22.57
N ARG C 356 -7.60 -16.06 21.51
CA ARG C 356 -7.77 -15.35 20.22
C ARG C 356 -9.06 -14.52 20.22
N ILE C 357 -10.11 -15.17 20.67
CA ILE C 357 -11.40 -14.48 20.63
C ILE C 357 -11.47 -13.25 21.56
N GLU C 358 -10.87 -13.33 22.74
CA GLU C 358 -10.92 -12.18 23.64
C GLU C 358 -10.25 -11.00 22.97
N GLN C 359 -9.31 -11.27 22.08
CA GLN C 359 -8.56 -10.22 21.41
C GLN C 359 -9.23 -9.67 20.17
N GLN C 360 -10.43 -10.10 19.81
CA GLN C 360 -11.03 -9.49 18.62
C GLN C 360 -12.38 -8.94 19.02
N SER C 361 -13.03 -8.17 18.15
CA SER C 361 -14.31 -7.59 18.57
C SER C 361 -15.44 -8.59 18.63
N ASP C 362 -16.47 -8.21 19.39
CA ASP C 362 -17.62 -9.07 19.54
C ASP C 362 -18.28 -9.27 18.18
N GLU C 363 -18.21 -8.23 17.35
CA GLU C 363 -18.84 -8.36 16.04
C GLU C 363 -18.14 -9.39 15.19
N GLN C 364 -16.82 -9.41 15.27
CA GLN C 364 -16.11 -10.38 14.43
C GLN C 364 -16.41 -11.77 14.95
N THR C 365 -16.46 -11.85 16.27
CA THR C 365 -16.75 -13.17 16.79
C THR C 365 -18.16 -13.58 16.36
N LYS C 366 -19.12 -12.67 16.46
CA LYS C 366 -20.49 -13.04 16.08
C LYS C 366 -20.52 -13.47 14.60
N ALA C 367 -19.73 -12.80 13.76
CA ALA C 367 -19.75 -13.21 12.36
C ALA C 367 -19.19 -14.61 12.14
N GLU C 368 -18.16 -14.96 12.91
CA GLU C 368 -17.62 -16.32 12.76
C GLU C 368 -18.66 -17.34 13.21
N ILE C 369 -19.33 -17.00 14.30
CA ILE C 369 -20.28 -17.96 14.85
C ILE C 369 -21.44 -18.11 13.85
N MET C 370 -21.90 -17.03 13.20
CA MET C 370 -23.02 -17.18 12.25
C MET C 370 -22.59 -18.07 11.10
N GLN C 371 -21.32 -18.02 10.68
CA GLN C 371 -20.94 -18.92 9.57
C GLN C 371 -21.06 -20.36 10.04
N VAL C 372 -20.65 -20.59 11.28
CA VAL C 372 -20.77 -21.97 11.81
C VAL C 372 -22.24 -22.45 11.94
N LEU C 373 -23.10 -21.61 12.51
CA LEU C 373 -24.50 -22.06 12.67
C LEU C 373 -25.16 -22.25 11.31
N ARG C 374 -24.84 -21.41 10.33
CA ARG C 374 -25.43 -21.62 8.98
C ARG C 374 -25.00 -22.93 8.32
N LYS C 375 -23.79 -23.39 8.63
CA LYS C 375 -23.27 -24.68 8.17
C LYS C 375 -23.91 -25.80 8.95
N MET C 376 -24.19 -25.62 10.23
CA MET C 376 -24.76 -26.69 11.03
C MET C 376 -26.21 -26.95 10.70
N PHE C 377 -26.93 -25.89 10.33
CA PHE C 377 -28.38 -26.01 10.07
C PHE C 377 -28.65 -25.53 8.65
N PRO C 378 -28.17 -26.30 7.70
CA PRO C 378 -28.32 -25.85 6.31
C PRO C 378 -29.78 -25.83 5.88
N GLY C 379 -30.64 -26.60 6.52
CA GLY C 379 -32.04 -26.51 6.07
C GLY C 379 -32.84 -25.38 6.71
N LYS C 380 -32.23 -24.54 7.54
CA LYS C 380 -33.01 -23.49 8.19
C LYS C 380 -32.55 -22.14 7.69
N ASP C 381 -33.39 -21.14 7.84
CA ASP C 381 -33.05 -19.78 7.46
C ASP C 381 -32.54 -19.26 8.79
N VAL C 382 -31.25 -19.23 9.00
CA VAL C 382 -30.74 -18.84 10.30
C VAL C 382 -30.64 -17.36 10.47
N PRO C 383 -31.27 -16.82 11.50
CA PRO C 383 -31.21 -15.35 11.65
C PRO C 383 -29.94 -14.90 12.33
N ASP C 384 -29.53 -13.68 12.02
CA ASP C 384 -28.33 -13.17 12.70
C ASP C 384 -28.60 -12.99 14.19
N ALA C 385 -27.64 -13.27 15.05
CA ALA C 385 -27.90 -13.06 16.48
C ALA C 385 -28.05 -11.56 16.72
N THR C 386 -28.99 -11.16 17.57
CA THR C 386 -29.09 -9.73 17.76
C THR C 386 -28.25 -9.29 18.95
N ASP C 387 -27.67 -10.21 19.68
CA ASP C 387 -26.84 -9.74 20.79
C ASP C 387 -25.88 -10.89 21.06
N ILE C 388 -24.71 -10.57 21.62
CA ILE C 388 -23.75 -11.61 21.97
C ILE C 388 -22.97 -11.17 23.19
N LEU C 389 -22.52 -12.09 24.02
CA LEU C 389 -21.80 -11.66 25.22
C LEU C 389 -20.55 -12.52 25.25
N VAL C 390 -19.38 -11.87 25.17
CA VAL C 390 -18.13 -12.61 25.18
C VAL C 390 -17.43 -12.31 26.49
N PRO C 391 -17.39 -13.15 27.51
CA PRO C 391 -16.68 -12.80 28.77
C PRO C 391 -15.15 -12.73 28.52
N ARG C 392 -14.43 -11.76 29.08
CA ARG C 392 -13.00 -11.66 28.85
C ARG C 392 -12.20 -11.84 30.11
N TRP C 393 -12.36 -13.01 30.69
CA TRP C 393 -11.67 -13.35 31.93
C TRP C 393 -10.15 -13.33 31.82
N TRP C 394 -9.61 -13.78 30.70
CA TRP C 394 -8.13 -13.78 30.62
C TRP C 394 -7.58 -12.39 30.52
N SER C 395 -8.34 -11.57 29.83
CA SER C 395 -7.88 -10.20 29.67
C SER C 395 -8.12 -9.41 30.94
N ASP C 396 -9.02 -9.84 31.82
CA ASP C 396 -9.27 -9.04 33.01
C ASP C 396 -8.10 -9.17 34.03
N ARG C 397 -7.45 -8.07 34.35
CA ARG C 397 -6.27 -8.11 35.24
C ARG C 397 -6.55 -8.67 36.61
N PHE C 398 -7.82 -8.72 36.99
CA PHE C 398 -8.12 -9.27 38.34
C PHE C 398 -8.39 -10.78 38.36
N TYR C 399 -8.26 -11.42 37.19
CA TYR C 399 -8.51 -12.86 37.09
C TYR C 399 -7.44 -13.59 36.25
N LYS C 400 -7.17 -13.02 35.09
CA LYS C 400 -6.19 -13.55 34.17
C LYS C 400 -6.46 -15.04 33.79
N GLY C 401 -7.72 -15.44 33.63
CA GLY C 401 -8.02 -16.86 33.32
C GLY C 401 -9.31 -17.21 34.07
N THR C 402 -9.78 -18.46 34.01
CA THR C 402 -11.01 -18.84 34.71
C THR C 402 -10.79 -19.89 35.78
N PHE C 403 -9.83 -20.80 35.61
CA PHE C 403 -9.57 -21.78 36.69
C PHE C 403 -8.28 -22.54 36.42
N SER C 404 -7.60 -23.03 37.46
CA SER C 404 -6.33 -23.70 37.23
C SER C 404 -6.54 -25.09 36.59
N ASN C 405 -5.48 -25.63 35.98
CA ASN C 405 -5.53 -27.01 35.45
C ASN C 405 -4.14 -27.60 35.78
N TRP C 406 -4.10 -28.89 36.10
CA TRP C 406 -2.88 -29.57 36.50
C TRP C 406 -2.16 -30.17 35.29
N PRO C 407 -1.01 -29.58 34.96
CA PRO C 407 -0.25 -30.06 33.82
C PRO C 407 0.74 -31.19 34.07
N VAL C 408 1.04 -31.94 33.02
CA VAL C 408 2.00 -33.02 33.20
C VAL C 408 3.32 -32.35 33.53
N GLY C 409 4.06 -32.90 34.47
CA GLY C 409 5.32 -32.25 34.80
C GLY C 409 5.20 -31.81 36.26
N VAL C 410 4.01 -31.51 36.74
CA VAL C 410 3.97 -31.08 38.12
C VAL C 410 3.56 -32.23 39.01
N ASN C 411 4.29 -32.50 40.10
CA ASN C 411 3.86 -33.57 41.03
C ASN C 411 3.18 -33.03 42.29
N ARG C 412 2.76 -33.90 43.22
CA ARG C 412 2.07 -33.30 44.37
C ARG C 412 2.86 -32.38 45.25
N TYR C 413 4.13 -32.74 45.33
CA TYR C 413 5.01 -31.97 46.19
C TYR C 413 4.99 -30.56 45.63
N GLU C 414 5.18 -30.49 44.33
CA GLU C 414 5.23 -29.15 43.81
C GLU C 414 3.91 -28.41 43.87
N TYR C 415 2.83 -29.16 43.72
CA TYR C 415 1.56 -28.47 43.78
C TYR C 415 1.42 -27.97 45.20
N ASP C 416 1.88 -28.77 46.14
CA ASP C 416 1.70 -28.30 47.50
C ASP C 416 2.50 -27.03 47.79
N GLN C 417 3.57 -26.85 47.03
CA GLN C 417 4.35 -25.64 47.18
C GLN C 417 3.56 -24.42 46.78
N LEU C 418 2.45 -24.60 46.05
CA LEU C 418 1.64 -23.46 45.71
C LEU C 418 0.82 -23.09 46.91
N ARG C 419 0.46 -24.08 47.71
CA ARG C 419 -0.40 -23.76 48.83
C ARG C 419 0.51 -23.19 49.92
N ALA C 420 1.76 -23.56 49.96
CA ALA C 420 2.59 -23.13 51.08
C ALA C 420 2.84 -21.65 51.42
N PRO C 421 2.78 -21.28 52.70
CA PRO C 421 2.96 -19.88 53.06
C PRO C 421 4.40 -19.49 52.91
N VAL C 422 4.62 -18.17 52.84
CA VAL C 422 5.99 -17.68 52.77
C VAL C 422 6.05 -16.74 53.98
N GLY C 423 6.70 -17.13 55.07
CA GLY C 423 6.75 -16.20 56.22
C GLY C 423 5.34 -15.96 56.76
N ARG C 424 4.95 -14.70 56.80
CA ARG C 424 3.58 -14.31 57.28
C ARG C 424 2.58 -14.10 56.09
N VAL C 425 3.01 -14.46 54.90
CA VAL C 425 2.16 -14.37 53.70
C VAL C 425 1.57 -15.78 53.42
N TYR C 426 0.26 -15.90 53.57
CA TYR C 426 -0.53 -17.12 53.34
C TYR C 426 -1.28 -17.00 52.00
N PHE C 427 -1.59 -18.17 51.45
CA PHE C 427 -2.31 -18.20 50.17
C PHE C 427 -3.56 -19.05 50.25
N THR C 428 -4.58 -18.70 49.50
CA THR C 428 -5.76 -19.56 49.53
C THR C 428 -6.36 -19.42 48.11
N GLY C 429 -7.42 -20.17 47.80
CA GLY C 429 -7.99 -20.09 46.46
C GLY C 429 -8.07 -21.50 45.86
N GLU C 430 -8.83 -21.62 44.77
CA GLU C 430 -9.07 -22.93 44.16
C GLU C 430 -7.78 -23.60 43.79
N HIS C 431 -6.78 -22.81 43.41
CA HIS C 431 -5.50 -23.44 43.04
C HIS C 431 -4.72 -23.89 44.27
N THR C 432 -5.29 -23.76 45.46
CA THR C 432 -4.60 -24.24 46.67
C THR C 432 -5.47 -25.37 47.21
N SER C 433 -6.53 -25.78 46.51
CA SER C 433 -7.36 -26.90 47.03
C SER C 433 -6.63 -28.24 46.91
N GLU C 434 -6.51 -28.95 48.03
CA GLU C 434 -5.75 -30.17 47.97
C GLU C 434 -6.21 -31.12 46.93
N HIS C 435 -7.53 -31.35 46.85
CA HIS C 435 -8.05 -32.27 45.85
C HIS C 435 -9.10 -31.79 44.89
N TYR C 436 -9.42 -30.52 44.99
CA TYR C 436 -10.49 -30.05 44.12
C TYR C 436 -10.10 -28.78 43.37
N ASN C 437 -8.86 -28.68 42.89
CA ASN C 437 -8.56 -27.44 42.21
C ASN C 437 -9.50 -27.29 41.03
N GLY C 438 -9.81 -26.04 40.71
CA GLY C 438 -10.70 -25.73 39.59
C GLY C 438 -12.18 -25.54 39.92
N TYR C 439 -12.63 -25.89 41.12
CA TYR C 439 -14.07 -25.81 41.41
C TYR C 439 -14.53 -24.82 42.47
N VAL C 440 -15.83 -24.58 42.50
CA VAL C 440 -16.36 -23.69 43.53
C VAL C 440 -16.15 -24.36 44.89
N HIS C 441 -16.35 -25.67 44.95
CA HIS C 441 -16.22 -26.32 46.24
C HIS C 441 -14.77 -26.34 46.67
N GLY C 442 -13.90 -26.36 45.68
CA GLY C 442 -12.46 -26.37 45.95
C GLY C 442 -12.14 -25.01 46.59
N ALA C 443 -12.67 -23.93 46.03
CA ALA C 443 -12.39 -22.59 46.59
C ALA C 443 -12.92 -22.51 48.00
N TYR C 444 -14.13 -22.97 48.19
CA TYR C 444 -14.75 -22.89 49.51
C TYR C 444 -13.91 -23.65 50.54
N LEU C 445 -13.55 -24.90 50.24
CA LEU C 445 -12.76 -25.68 51.19
C LEU C 445 -11.32 -25.15 51.34
N SER C 446 -10.76 -24.52 50.31
CA SER C 446 -9.39 -24.06 50.47
C SER C 446 -9.34 -22.87 51.44
N GLY C 447 -10.45 -22.13 51.50
CA GLY C 447 -10.51 -20.96 52.40
C GLY C 447 -10.46 -21.47 53.83
N ILE C 448 -11.26 -22.49 54.11
CA ILE C 448 -11.24 -23.04 55.46
C ILE C 448 -9.89 -23.67 55.76
N ASP C 449 -9.33 -24.40 54.82
CA ASP C 449 -8.06 -25.04 55.12
C ASP C 449 -6.99 -24.02 55.35
N SER C 450 -6.91 -23.03 54.46
CA SER C 450 -5.91 -22.01 54.64
C SER C 450 -6.07 -21.29 55.98
N ALA C 451 -7.30 -20.95 56.31
CA ALA C 451 -7.49 -20.20 57.52
C ALA C 451 -6.97 -21.02 58.71
N GLU C 452 -7.28 -22.31 58.69
CA GLU C 452 -6.90 -23.18 59.79
C GLU C 452 -5.42 -23.27 59.98
N ILE C 453 -4.69 -23.23 58.88
CA ILE C 453 -3.24 -23.28 59.01
C ILE C 453 -2.79 -21.96 59.65
N LEU C 454 -3.39 -20.85 59.24
CA LEU C 454 -2.99 -19.58 59.82
C LEU C 454 -3.39 -19.57 61.31
N ILE C 455 -4.57 -20.06 61.61
CA ILE C 455 -5.01 -20.07 62.99
C ILE C 455 -4.04 -20.86 63.86
N ASN C 456 -3.61 -22.03 63.44
CA ASN C 456 -2.67 -22.80 64.25
C ASN C 456 -1.35 -22.10 64.49
N CYS C 457 -0.86 -21.45 63.44
CA CYS C 457 0.39 -20.72 63.55
C CYS C 457 0.23 -19.51 64.47
N ALA C 458 -0.74 -18.65 64.17
CA ALA C 458 -0.92 -17.46 64.98
C ALA C 458 -1.44 -17.64 66.41
N GLN C 459 -2.43 -18.50 66.57
CA GLN C 459 -3.01 -18.68 67.91
C GLN C 459 -2.34 -19.73 68.77
N LYS C 460 -1.97 -20.85 68.19
CA LYS C 460 -1.35 -21.92 68.94
C LYS C 460 0.14 -21.92 68.84
N LYS C 461 0.70 -21.03 68.01
CA LYS C 461 2.15 -20.94 67.81
C LYS C 461 2.71 -22.23 67.30
N MET C 462 1.85 -22.99 66.63
CA MET C 462 2.28 -24.23 66.02
C MET C 462 2.18 -24.07 64.51
N CYS C 463 3.27 -23.62 63.85
CA CYS C 463 3.30 -23.37 62.39
C CYS C 463 3.68 -24.64 61.64
N LYS C 464 2.70 -25.38 61.12
CA LYS C 464 3.00 -26.62 60.41
C LYS C 464 4.06 -26.46 59.34
N TYR C 465 5.08 -27.30 59.45
CA TYR C 465 6.19 -27.22 58.50
C TYR C 465 5.83 -27.80 57.15
N HIS C 466 5.39 -29.04 57.04
CA HIS C 466 4.91 -29.52 55.74
C HIS C 466 3.40 -29.26 55.56
C1 NAG D . -11.55 32.97 9.05
C2 NAG D . -10.70 32.51 10.21
C3 NAG D . -11.49 32.13 11.47
C4 NAG D . -12.44 33.26 11.84
C5 NAG D . -13.36 33.59 10.62
C6 NAG D . -14.20 34.89 10.43
C7 NAG D . -8.59 31.68 9.39
C8 NAG D . -7.89 30.41 8.92
N2 NAG D . -9.83 31.46 9.72
O3 NAG D . -10.59 31.76 12.54
O4 NAG D . -13.43 32.91 12.83
O5 NAG D . -12.51 33.87 9.47
O6 NAG D . -13.74 36.04 11.26
O7 NAG D . -8.06 32.78 9.46
C1 NAG D . -13.44 34.14 13.85
C2 NAG D . -14.50 33.83 14.89
C3 NAG D . -14.56 34.80 16.04
C4 NAG D . -13.20 34.98 16.68
C5 NAG D . -12.12 35.28 15.60
C6 NAG D . -10.68 35.62 15.99
C7 NAG D . -16.16 32.38 14.23
C8 NAG D . -17.46 32.16 13.51
N2 NAG D . -15.77 33.64 14.22
O3 NAG D . -15.53 34.28 16.97
O4 NAG D . -13.18 35.90 17.80
O5 NAG D . -12.20 34.51 14.38
O6 NAG D . -10.48 35.88 17.38
O7 NAG D . -15.52 31.50 14.81
C1 NAG E . 24.17 -10.48 -46.05
C2 NAG E . 24.36 -9.45 -47.07
C3 NAG E . 24.14 -9.91 -48.50
C4 NAG E . 24.92 -11.15 -48.79
C5 NAG E . 24.56 -12.25 -47.73
C6 NAG E . 25.46 -13.48 -47.62
C7 NAG E . 24.13 -7.26 -46.13
C8 NAG E . 23.15 -6.16 -45.86
N2 NAG E . 23.56 -8.32 -46.69
O3 NAG E . 24.45 -8.86 -49.46
O4 NAG E . 24.58 -11.63 -50.10
O5 NAG E . 24.81 -11.66 -46.45
O6 NAG E . 26.77 -13.45 -48.21
O7 NAG E . 25.33 -7.17 -45.84
C1 NAG E . 25.97 -11.99 -50.84
C2 NAG E . 25.49 -12.71 -52.07
C3 NAG E . 26.62 -12.90 -53.08
C4 NAG E . 27.27 -11.55 -53.43
C5 NAG E . 27.76 -10.79 -52.15
C6 NAG E . 28.13 -9.39 -52.26
C7 NAG E . 23.41 -13.93 -51.97
C8 NAG E . 22.65 -15.17 -51.49
N2 NAG E . 24.73 -13.90 -51.68
O3 NAG E . 26.08 -13.50 -54.27
O4 NAG E . 28.28 -11.67 -54.49
O5 NAG E . 26.65 -10.86 -51.23
O6 NAG E . 27.84 -8.72 -53.45
O7 NAG E . 22.83 -13.04 -52.63
C1 NAG F . -32.95 -31.08 46.08
C2 NAG F . -32.88 -32.54 46.26
C3 NAG F . -34.23 -33.13 45.92
C4 NAG F . -35.42 -32.51 46.66
C5 NAG F . -35.39 -31.02 46.32
C6 NAG F . -36.04 -30.05 47.33
C7 NAG F . -30.66 -33.42 45.94
C8 NAG F . -29.97 -33.84 44.67
N2 NAG F . -31.82 -33.03 45.43
O3 NAG F . -34.17 -34.50 46.27
O4 NAG F . -36.67 -33.07 46.16
O5 NAG F . -34.06 -30.62 46.72
O6 NAG F . -36.45 -30.49 48.59
O7 NAG F . -30.29 -33.38 47.11
C1 NAG F . -37.58 -33.41 47.56
C2 NAG F . -38.92 -33.92 47.08
C3 NAG F . -39.70 -34.63 48.20
C4 NAG F . -38.83 -35.65 48.94
C5 NAG F . -37.50 -35.00 49.33
C6 NAG F . -36.45 -35.97 49.74
C7 NAG F . -39.55 -32.47 45.22
C8 NAG F . -40.33 -31.27 44.75
N2 NAG F . -39.64 -32.78 46.53
O3 NAG F . -40.93 -35.15 47.67
O4 NAG F . -39.38 -36.03 50.21
O5 NAG F . -36.92 -34.46 48.17
O6 NAG F . -36.89 -37.27 49.42
O7 NAG F . -38.90 -33.10 44.44
C1 MAN F . -40.05 -36.56 50.93
C2 MAN F . -40.40 -36.85 52.37
C3 MAN F . -40.31 -38.38 52.61
C4 MAN F . -41.19 -39.12 51.61
C5 MAN F . -40.70 -38.78 50.21
C6 MAN F . -41.53 -39.53 49.18
O2 MAN F . -41.46 -35.88 52.57
O3 MAN F . -40.60 -38.67 53.98
O4 MAN F . -41.14 -40.54 51.76
O5 MAN F . -40.78 -37.37 49.97
O6 MAN F . -42.99 -39.31 49.35
C1 MAN F . -44.30 -39.79 48.76
C2 MAN F . -45.62 -39.25 49.24
C3 MAN F . -45.82 -39.78 50.65
C4 MAN F . -45.84 -41.31 50.63
C5 MAN F . -44.45 -41.71 50.17
C6 MAN F . -44.31 -43.24 50.18
O2 MAN F . -46.75 -39.62 48.37
O3 MAN F . -47.06 -39.27 51.13
O4 MAN F . -46.01 -41.76 51.95
O5 MAN F . -44.29 -41.23 48.81
O6 MAN F . -44.71 -43.96 48.98
C1 FCA F . -33.77 -35.49 45.50
C2 FCA F . -34.88 -35.83 44.52
C3 FCA F . -36.10 -36.38 45.16
C4 FCA F . -35.72 -37.75 45.78
C5 FCA F . -34.65 -37.41 46.82
C6 FCA F . -33.90 -38.64 47.32
O2 FCA F . -35.30 -34.60 43.88
O3 FCA F . -37.10 -36.67 44.18
O4 FCA F . -35.18 -38.63 44.77
O5 FCA F . -33.54 -36.73 46.22
PA FAD G . -5.80 33.83 -16.57
O1A FAD G . -5.75 32.86 -17.70
O2A FAD G . -6.69 33.64 -15.38
O5B FAD G . -6.00 35.28 -17.20
C5B FAD G . -5.61 35.55 -18.53
C4B FAD G . -6.74 36.29 -19.21
O4B FAD G . -6.36 36.61 -20.59
C3B FAD G . -8.03 35.45 -19.31
O3B FAD G . -9.19 36.20 -18.85
C2B FAD G . -8.17 35.15 -20.81
O2B FAD G . -9.51 35.09 -21.27
C1B FAD G . -7.45 36.33 -21.47
N9A FAD G . -6.92 36.12 -22.82
C8A FAD G . -6.30 35.00 -23.33
N7A FAD G . -5.93 35.13 -24.61
C5A FAD G . -6.29 36.44 -24.93
C6A FAD G . -6.17 37.19 -26.10
N6A FAD G . -5.62 36.76 -27.25
N1A FAD G . -6.67 38.46 -26.08
C2A FAD G . -7.22 38.92 -24.96
N3A FAD G . -7.38 38.33 -23.78
C4A FAD G . -6.92 37.05 -23.85
N1 FAD G . -4.96 28.06 -8.16
C2 FAD G . -5.17 28.10 -6.82
O2 FAD G . -4.56 28.89 -6.07
N3 FAD G . -6.11 27.23 -6.24
C4 FAD G . -6.87 26.29 -6.97
O4 FAD G . -7.74 25.56 -6.47
C4X FAD G . -6.58 26.26 -8.38
N5 FAD G . -6.98 25.22 -9.13
C5X FAD G . -7.04 25.33 -10.48
C6 FAD G . -7.89 24.49 -11.19
C7 FAD G . -8.18 24.77 -12.53
C7M FAD G . -9.11 23.88 -13.35
C8 FAD G . -7.64 25.97 -13.08
C8M FAD G . -7.91 26.39 -14.50
C9 FAD G . -6.76 26.78 -12.36
C9A FAD G . -6.48 26.52 -11.03
N10 FAD G . -5.61 27.26 -10.27
C10 FAD G . -5.63 27.17 -8.93
C1' FAD G . -4.61 28.21 -10.84
C2' FAD G . -5.14 29.67 -10.84
O2' FAD G . -6.54 29.70 -11.25
C3' FAD G . -4.35 30.48 -11.91
O3' FAD G . -2.96 30.40 -11.56
C4' FAD G . -4.72 31.97 -12.04
O4' FAD G . -6.14 32.26 -11.99
C5' FAD G . -4.20 32.46 -13.42
O5' FAD G . -4.46 33.86 -13.55
P FAD G . -3.65 34.63 -14.70
O1P FAD G . -4.10 36.05 -14.71
O2P FAD G . -2.18 34.29 -14.65
O3P FAD G . -4.29 33.91 -16.01
PA FAD H . 22.94 -8.53 -20.15
O1A FAD H . 21.82 -8.22 -19.19
O2A FAD H . 22.54 -9.25 -21.42
O5B FAD H . 24.08 -9.43 -19.44
C5B FAD H . 24.29 -9.44 -18.01
C4B FAD H . 24.41 -10.85 -17.49
O4B FAD H . 24.60 -10.80 -16.05
C3B FAD H . 23.13 -11.60 -17.71
O3B FAD H . 23.44 -12.88 -18.33
C2B FAD H . 22.52 -11.72 -16.31
O2B FAD H . 21.96 -13.03 -16.26
C1B FAD H . 23.79 -11.81 -15.46
N9A FAD H . 23.68 -11.43 -14.07
C8A FAD H . 22.85 -10.47 -13.57
N7A FAD H . 23.00 -10.31 -12.25
C5A FAD H . 24.03 -11.19 -11.91
C6A FAD H . 24.61 -11.48 -10.66
N6A FAD H . 24.30 -10.87 -9.50
N1A FAD H . 25.59 -12.40 -10.68
C2A FAD H . 25.89 -13.04 -11.84
N3A FAD H . 25.40 -12.87 -13.07
C4A FAD H . 24.46 -11.90 -13.02
N1 FAD H . 19.27 -4.40 -28.74
C2 FAD H . 19.50 -4.44 -30.05
O2 FAD H . 20.62 -4.11 -30.52
N3 FAD H . 18.47 -4.85 -30.91
C4 FAD H . 17.19 -5.16 -30.44
O4 FAD H . 16.34 -5.62 -31.20
C4X FAD H . 16.96 -5.02 -29.03
N5 FAD H . 15.71 -5.10 -28.47
C5X FAD H . 15.68 -5.48 -27.15
C6 FAD H . 14.47 -6.01 -26.63
C7 FAD H . 14.38 -6.59 -25.36
C7M FAD H . 13.02 -7.13 -24.92
C8 FAD H . 15.60 -6.64 -24.59
C8M FAD H . 15.63 -7.36 -23.25
C9 FAD H . 16.82 -6.14 -25.07
C9A FAD H . 16.85 -5.52 -26.33
N10 FAD H . 17.99 -4.96 -26.85
C10 FAD H . 18.06 -4.66 -28.19
C1' FAD H . 19.11 -4.54 -25.98
C2' FAD H . 20.19 -5.62 -25.92
O2' FAD H . 19.65 -6.94 -25.78
C3' FAD H . 21.04 -5.34 -24.69
O3' FAD H . 21.62 -4.06 -24.85
C4' FAD H . 22.29 -6.24 -24.50
O4' FAD H . 22.00 -7.59 -24.87
C5' FAD H . 22.78 -6.13 -23.06
O5' FAD H . 23.92 -6.95 -22.87
P FAD H . 24.75 -6.64 -21.51
O1P FAD H . 25.89 -7.59 -21.42
O2P FAD H . 24.97 -5.18 -21.29
O3P FAD H . 23.64 -7.09 -20.42
PA FAD I . -11.85 -15.65 42.79
O1A FAD I . -11.04 -15.20 41.60
O2A FAD I . -13.30 -15.96 42.70
O5B FAD I . -11.64 -14.57 43.95
C5B FAD I . -10.49 -13.76 44.08
C4B FAD I . -10.94 -12.33 44.38
O4B FAD I . -9.74 -11.50 44.40
C3B FAD I . -11.70 -11.78 43.18
O3B FAD I . -12.91 -11.19 43.65
C2B FAD I . -10.75 -10.77 42.54
O2B FAD I . -11.53 -9.69 42.16
C1B FAD I . -10.00 -10.28 43.77
N9A FAD I . -8.70 -9.71 43.46
C8A FAD I . -7.85 -10.02 42.41
N7A FAD I . -6.72 -9.34 42.38
C5A FAD I . -6.86 -8.48 43.45
C6A FAD I . -6.02 -7.47 43.92
N6A FAD I . -4.83 -7.18 43.36
N1A FAD I . -6.39 -6.80 45.01
C2A FAD I . -7.56 -7.14 45.55
N3A FAD I . -8.47 -8.04 45.20
C4A FAD I . -8.05 -8.68 44.12
N1 FAD I . -16.41 -24.22 39.24
C2 FAD I . -17.48 -24.94 39.57
O2 FAD I . -17.52 -25.62 40.62
N3 FAD I . -18.54 -25.01 38.66
C4 FAD I . -18.56 -24.38 37.42
O4 FAD I . -19.54 -24.47 36.67
C4X FAD I . -17.39 -23.62 37.07
N5 FAD I . -17.23 -23.09 35.80
C5X FAD I . -16.40 -22.00 35.71
C6 FAD I . -16.48 -21.19 34.57
C7 FAD I . -15.83 -19.94 34.51
C7M FAD I . -15.94 -19.06 33.24
C8 FAD I . -15.10 -19.51 35.68
C8M FAD I . -14.38 -18.18 35.64
C9 FAD I . -14.97 -20.31 36.84
C9A FAD I . -15.61 -21.56 36.84
N10 FAD I . -15.49 -22.43 37.91
C10 FAD I . -16.35 -23.51 38.07
C1' FAD I . -14.40 -22.18 38.88
C2' FAD I . -14.91 -21.49 40.17
O2' FAD I . -15.72 -20.38 39.78
C3' FAD I . -13.68 -20.94 40.89
O3' FAD I . -12.88 -22.08 41.23
C4' FAD I . -13.95 -20.16 42.19
O4' FAD I . -15.10 -19.31 42.09
C5' FAD I . -12.65 -19.40 42.54
O5' FAD I . -12.82 -18.71 43.78
P FAD I . -11.55 -18.02 44.46
O1P FAD I . -11.92 -17.34 45.72
O2P FAD I . -10.46 -19.06 44.40
O3P FAD I . -11.04 -16.96 43.34
#